data_6E8W
#
_entry.id   6E8W
#
_entity_poly.entity_id   1
_entity_poly.type   'polypeptide(L)'
_entity_poly.pdbx_seq_one_letter_code
;LLELDKWASLWNWFDITNWLWYIRIFIIIVGSLIGLRIVFAVLSLVNRVRQ
;
_entity_poly.pdbx_strand_id   A,B,C
#
# COMPACT_ATOMS: atom_id res chain seq x y z
N LEU A 1 16.75 19.58 14.27
CA LEU A 1 16.12 18.28 13.93
C LEU A 1 16.62 17.91 12.49
N LEU A 2 15.72 17.99 11.47
CA LEU A 2 16.02 17.66 10.02
C LEU A 2 16.77 18.86 9.35
N GLU A 3 18.04 18.62 8.94
CA GLU A 3 18.96 19.63 8.26
C GLU A 3 19.84 18.88 7.23
N LEU A 4 20.54 19.65 6.36
CA LEU A 4 21.47 19.09 5.27
C LEU A 4 22.49 18.11 5.90
N ASP A 5 22.98 18.52 7.08
CA ASP A 5 23.99 17.75 7.90
C ASP A 5 23.38 16.47 8.51
N LYS A 6 22.08 16.55 8.90
CA LYS A 6 21.33 15.39 9.55
C LYS A 6 21.08 14.27 8.52
N TRP A 7 20.60 14.65 7.32
CA TRP A 7 20.28 13.68 6.19
C TRP A 7 21.57 13.02 5.66
N ALA A 8 22.60 13.85 5.37
CA ALA A 8 23.94 13.36 4.81
C ALA A 8 24.63 12.30 5.70
N SER A 9 24.28 12.27 7.01
CA SER A 9 24.88 11.29 8.00
C SER A 9 24.45 9.82 7.72
N LEU A 10 23.21 9.62 7.17
CA LEU A 10 22.66 8.23 6.87
C LEU A 10 23.36 7.61 5.62
N TRP A 11 24.04 8.44 4.77
CA TRP A 11 24.74 7.93 3.51
C TRP A 11 25.96 7.04 3.89
N ASN A 12 26.51 7.28 5.11
CA ASN A 12 27.69 6.48 5.66
C ASN A 12 27.18 5.10 6.16
N TRP A 13 25.87 5.02 6.56
CA TRP A 13 25.23 3.73 7.09
C TRP A 13 24.84 2.85 5.85
N PHE A 14 24.66 3.52 4.70
CA PHE A 14 24.31 2.89 3.36
C PHE A 14 23.02 1.99 3.34
N ASP A 15 23.08 0.85 4.06
CA ASP A 15 21.99 -0.21 4.09
C ASP A 15 20.55 0.33 4.40
N ILE A 16 20.41 1.10 5.49
CA ILE A 16 19.05 1.68 5.93
C ILE A 16 18.55 2.74 4.91
N THR A 17 19.47 3.58 4.39
CA THR A 17 19.12 4.69 3.41
C THR A 17 18.44 4.13 2.14
N ASN A 18 18.95 2.95 1.67
CA ASN A 18 18.40 2.23 0.46
C ASN A 18 16.91 1.82 0.70
N TRP A 19 16.68 1.23 1.90
CA TRP A 19 15.30 0.76 2.35
C TRP A 19 14.31 1.99 2.50
N LEU A 20 14.77 3.10 3.16
CA LEU A 20 13.89 4.36 3.35
C LEU A 20 13.77 5.16 2.03
N TRP A 21 14.49 4.75 0.93
CA TRP A 21 14.49 5.50 -0.42
C TRP A 21 13.85 4.67 -1.56
N TYR A 22 13.35 3.43 -1.27
CA TYR A 22 12.68 2.53 -2.32
C TYR A 22 11.31 2.01 -1.83
N ILE A 23 10.87 2.39 -0.59
CA ILE A 23 9.50 1.95 -0.04
C ILE A 23 8.36 2.49 -0.97
N ARG A 24 8.52 3.72 -1.51
CA ARG A 24 7.50 4.41 -2.39
C ARG A 24 7.17 3.56 -3.66
N ILE A 25 8.25 3.09 -4.33
CA ILE A 25 8.16 2.21 -5.57
C ILE A 25 7.49 0.88 -5.19
N PHE A 26 7.88 0.38 -3.99
CA PHE A 26 7.40 -0.93 -3.44
C PHE A 26 5.86 -1.02 -3.29
N ILE A 27 5.20 0.08 -2.78
CA ILE A 27 3.68 0.09 -2.57
C ILE A 27 2.91 -0.15 -3.91
N ILE A 28 3.44 0.44 -5.02
CA ILE A 28 2.82 0.31 -6.41
C ILE A 28 2.80 -1.21 -6.82
N ILE A 29 3.90 -1.94 -6.53
CA ILE A 29 4.03 -3.44 -6.83
C ILE A 29 2.96 -4.24 -5.99
N VAL A 30 2.78 -3.84 -4.70
CA VAL A 30 1.79 -4.53 -3.76
C VAL A 30 0.34 -4.25 -4.25
N GLY A 31 0.17 -3.27 -5.16
CA GLY A 31 -1.16 -2.89 -5.78
C GLY A 31 -1.58 -3.95 -6.83
N SER A 32 -0.61 -4.32 -7.71
CA SER A 32 -0.83 -5.34 -8.82
C SER A 32 -1.11 -6.75 -8.25
N LEU A 33 -0.65 -6.97 -7.01
CA LEU A 33 -0.78 -8.31 -6.28
C LEU A 33 -2.27 -8.78 -6.20
N ILE A 34 -3.18 -7.88 -5.69
CA ILE A 34 -4.66 -8.21 -5.52
C ILE A 34 -5.29 -8.62 -6.89
N GLY A 35 -4.93 -7.84 -7.94
CA GLY A 35 -5.43 -8.03 -9.36
C GLY A 35 -5.05 -9.43 -9.89
N LEU A 36 -3.86 -9.91 -9.48
CA LEU A 36 -3.29 -11.27 -9.88
C LEU A 36 -4.19 -12.42 -9.31
N ARG A 37 -4.56 -12.30 -8.01
CA ARG A 37 -5.46 -13.29 -7.26
C ARG A 37 -6.79 -13.66 -7.99
N ILE A 38 -7.39 -12.71 -8.76
CA ILE A 38 -8.77 -12.92 -9.42
C ILE A 38 -8.82 -14.21 -10.31
N VAL A 39 -7.72 -14.50 -11.07
CA VAL A 39 -7.67 -15.71 -12.04
C VAL A 39 -8.00 -17.05 -11.31
N PHE A 40 -7.72 -17.12 -9.98
CA PHE A 40 -8.02 -18.37 -9.13
C PHE A 40 -9.52 -18.74 -9.26
N ALA A 41 -10.38 -17.71 -9.44
CA ALA A 41 -11.87 -17.92 -9.60
C ALA A 41 -12.14 -18.91 -10.80
N VAL A 42 -11.36 -18.79 -11.91
CA VAL A 42 -11.50 -19.76 -13.11
C VAL A 42 -10.98 -21.18 -12.69
N LEU A 43 -9.87 -21.19 -11.87
CA LEU A 43 -9.22 -22.48 -11.37
C LEU A 43 -10.24 -23.33 -10.55
N SER A 44 -11.24 -22.65 -9.92
CA SER A 44 -12.33 -23.35 -9.09
C SER A 44 -13.19 -24.27 -10.01
N LEU A 45 -13.34 -23.84 -11.29
CA LEU A 45 -14.14 -24.60 -12.34
C LEU A 45 -13.30 -25.83 -12.79
N VAL A 46 -11.95 -25.63 -12.84
CA VAL A 46 -10.95 -26.72 -13.21
C VAL A 46 -10.86 -27.72 -12.03
N ASN A 47 -11.06 -27.20 -10.77
CA ASN A 47 -10.98 -28.02 -9.51
C ASN A 47 -12.13 -29.07 -9.46
N ARG A 48 -13.26 -28.80 -10.17
CA ARG A 48 -14.44 -29.74 -10.21
C ARG A 48 -14.13 -31.00 -11.07
N VAL A 49 -13.17 -30.84 -12.03
CA VAL A 49 -12.72 -31.96 -12.97
C VAL A 49 -11.67 -32.86 -12.26
N ARG A 50 -11.00 -32.30 -11.23
CA ARG A 50 -9.92 -33.03 -10.43
C ARG A 50 -10.44 -34.40 -9.88
N GLN A 51 -9.79 -35.52 -10.29
CA GLN A 51 -10.19 -36.94 -9.86
C GLN A 51 -10.00 -37.12 -8.33
N LEU B 1 21.36 18.35 -1.87
CA LEU B 1 20.55 17.54 -0.90
C LEU B 1 19.33 18.39 -0.44
N LEU B 2 18.46 17.78 0.39
CA LEU B 2 17.18 18.42 0.91
C LEU B 2 17.46 19.72 1.75
N GLU B 3 16.96 20.86 1.23
CA GLU B 3 17.09 22.25 1.86
C GLU B 3 15.88 23.10 1.40
N LEU B 4 15.67 24.22 2.11
CA LEU B 4 14.55 25.22 1.86
C LEU B 4 14.53 25.65 0.36
N ASP B 5 15.75 25.86 -0.14
CA ASP B 5 16.01 26.28 -1.59
C ASP B 5 15.79 25.10 -2.56
N LYS B 6 16.09 23.87 -2.09
CA LYS B 6 15.96 22.60 -2.94
C LYS B 6 14.47 22.28 -3.17
N TRP B 7 13.65 22.40 -2.08
CA TRP B 7 12.15 22.10 -2.13
C TRP B 7 11.43 23.14 -3.03
N ALA B 8 11.65 24.44 -2.73
CA ALA B 8 10.98 25.59 -3.47
C ALA B 8 11.27 25.58 -5.00
N SER B 9 12.29 24.81 -5.42
CA SER B 9 12.70 24.73 -6.88
C SER B 9 11.69 23.86 -7.70
N LEU B 10 11.07 22.82 -7.05
CA LEU B 10 10.08 21.89 -7.76
C LEU B 10 8.74 22.63 -8.07
N TRP B 11 8.48 23.79 -7.40
CA TRP B 11 7.19 24.59 -7.61
C TRP B 11 7.19 25.21 -9.04
N ASN B 12 8.40 25.37 -9.63
CA ASN B 12 8.57 25.93 -11.04
C ASN B 12 8.27 24.79 -12.07
N TRP B 13 8.53 23.51 -11.66
CA TRP B 13 8.28 22.29 -12.53
C TRP B 13 6.74 21.93 -12.46
N PHE B 14 6.11 22.37 -11.35
CA PHE B 14 4.63 22.22 -11.06
C PHE B 14 4.09 20.73 -11.09
N ASP B 15 4.10 20.12 -12.29
CA ASP B 15 3.52 18.72 -12.56
C ASP B 15 4.04 17.62 -11.60
N ILE B 16 5.39 17.50 -11.46
CA ILE B 16 6.05 16.43 -10.57
C ILE B 16 5.70 16.68 -9.08
N THR B 17 5.61 17.97 -8.67
CA THR B 17 5.30 18.36 -7.22
C THR B 17 3.95 17.76 -6.78
N ASN B 18 2.95 17.84 -7.70
CA ASN B 18 1.55 17.30 -7.46
C ASN B 18 1.62 15.75 -7.26
N TRP B 19 2.34 15.07 -8.17
CA TRP B 19 2.54 13.56 -8.13
C TRP B 19 3.22 13.13 -6.77
N LEU B 20 4.28 13.85 -6.34
CA LEU B 20 5.00 13.56 -5.01
C LEU B 20 4.22 14.10 -3.78
N TRP B 21 3.04 14.79 -3.98
CA TRP B 21 2.22 15.38 -2.81
C TRP B 21 0.68 15.17 -3.02
N TYR B 22 0.30 13.90 -3.28
CA TYR B 22 -1.16 13.46 -3.40
C TYR B 22 -1.23 11.90 -3.32
N ILE B 23 -0.16 11.15 -3.75
CA ILE B 23 -0.15 9.63 -3.69
C ILE B 23 -0.42 9.10 -2.24
N ARG B 24 0.07 9.84 -1.21
CA ARG B 24 -0.05 9.44 0.26
C ARG B 24 -1.55 9.18 0.62
N ILE B 25 -2.43 10.07 0.12
CA ILE B 25 -3.95 9.95 0.30
C ILE B 25 -4.44 8.73 -0.52
N PHE B 26 -3.85 8.56 -1.73
CA PHE B 26 -4.26 7.49 -2.73
C PHE B 26 -4.07 6.05 -2.17
N ILE B 27 -3.05 5.82 -1.29
CA ILE B 27 -2.78 4.43 -0.70
C ILE B 27 -4.04 3.91 0.06
N ILE B 28 -4.75 4.83 0.75
CA ILE B 28 -6.02 4.51 1.52
C ILE B 28 -7.11 4.04 0.49
N ILE B 29 -7.18 4.75 -0.66
CA ILE B 29 -8.17 4.45 -1.78
C ILE B 29 -7.78 3.08 -2.43
N VAL B 30 -6.46 2.82 -2.65
CA VAL B 30 -5.96 1.47 -3.21
C VAL B 30 -6.18 0.37 -2.13
N GLY B 31 -6.63 0.78 -0.91
CA GLY B 31 -6.96 -0.15 0.24
C GLY B 31 -8.46 -0.47 0.26
N SER B 32 -9.26 0.13 -0.68
CA SER B 32 -10.77 -0.09 -0.77
C SER B 32 -11.16 -1.30 -1.67
N LEU B 33 -10.39 -1.55 -2.78
CA LEU B 33 -10.74 -2.67 -3.76
C LEU B 33 -10.55 -4.07 -3.10
N ILE B 34 -9.56 -4.22 -2.20
CA ILE B 34 -9.25 -5.56 -1.49
C ILE B 34 -10.52 -6.13 -0.81
N GLY B 35 -11.26 -5.27 -0.07
CA GLY B 35 -12.54 -5.69 0.61
C GLY B 35 -13.60 -6.08 -0.45
N LEU B 36 -13.59 -5.35 -1.59
CA LEU B 36 -14.54 -5.54 -2.77
C LEU B 36 -14.31 -6.94 -3.46
N ARG B 37 -13.02 -7.35 -3.65
CA ARG B 37 -12.62 -8.68 -4.31
C ARG B 37 -13.36 -9.93 -3.73
N ILE B 38 -13.71 -9.94 -2.43
CA ILE B 38 -14.33 -11.16 -1.74
C ILE B 38 -15.63 -11.68 -2.47
N VAL B 39 -16.49 -10.75 -2.99
CA VAL B 39 -17.81 -11.13 -3.68
C VAL B 39 -17.56 -12.15 -4.85
N PHE B 40 -16.34 -12.11 -5.46
CA PHE B 40 -15.96 -13.09 -6.59
C PHE B 40 -16.05 -14.55 -6.06
N ALA B 41 -15.70 -14.76 -4.77
CA ALA B 41 -15.80 -16.12 -4.09
C ALA B 41 -17.31 -16.53 -4.02
N VAL B 42 -18.16 -15.52 -3.71
CA VAL B 42 -19.68 -15.68 -3.63
C VAL B 42 -20.25 -15.92 -5.06
N LEU B 43 -19.62 -15.26 -6.09
CA LEU B 43 -20.05 -15.40 -7.56
C LEU B 43 -19.84 -16.87 -8.03
N SER B 44 -18.90 -17.61 -7.37
CA SER B 44 -18.59 -19.06 -7.74
C SER B 44 -19.83 -19.95 -7.52
N LEU B 45 -20.66 -19.59 -6.51
CA LEU B 45 -21.95 -20.35 -6.18
C LEU B 45 -23.02 -20.01 -7.26
N VAL B 46 -22.97 -18.74 -7.74
CA VAL B 46 -23.91 -18.20 -8.81
C VAL B 46 -23.52 -18.84 -10.18
N ASN B 47 -22.20 -19.16 -10.33
CA ASN B 47 -21.62 -19.77 -11.60
C ASN B 47 -22.13 -21.23 -11.78
N ARG B 48 -22.46 -21.92 -10.64
CA ARG B 48 -22.98 -23.36 -10.66
C ARG B 48 -24.46 -23.36 -11.18
N VAL B 49 -25.19 -22.27 -10.90
CA VAL B 49 -26.65 -22.09 -11.31
C VAL B 49 -26.72 -21.60 -12.79
N ARG B 50 -25.63 -20.90 -13.24
CA ARG B 50 -25.54 -20.33 -14.65
C ARG B 50 -25.49 -21.50 -15.70
N GLN B 51 -26.65 -21.78 -16.37
CA GLN B 51 -26.77 -22.88 -17.41
C GLN B 51 -25.91 -22.53 -18.66
N LEU C 1 7.71 25.89 4.08
CA LEU C 1 8.59 25.32 3.01
C LEU C 1 9.56 24.29 3.64
N LEU C 2 9.09 23.62 4.73
CA LEU C 2 9.86 22.55 5.49
C LEU C 2 11.22 23.11 6.02
N GLU C 3 11.21 23.53 7.33
CA GLU C 3 12.41 24.12 8.07
C GLU C 3 12.42 23.49 9.49
N LEU C 4 13.61 23.50 10.16
CA LEU C 4 13.79 22.91 11.56
C LEU C 4 12.74 23.49 12.52
N ASP C 5 12.49 24.79 12.35
CA ASP C 5 11.49 25.57 13.19
C ASP C 5 10.04 25.17 12.83
N LYS C 6 9.79 24.89 11.52
CA LYS C 6 8.39 24.51 11.02
C LYS C 6 8.02 23.08 11.51
N TRP C 7 9.00 22.15 11.47
CA TRP C 7 8.79 20.70 11.93
C TRP C 7 8.51 20.67 13.45
N ALA C 8 9.42 21.32 14.22
CA ALA C 8 9.33 21.37 15.75
C ALA C 8 8.00 21.99 16.27
N SER C 9 7.29 22.73 15.38
CA SER C 9 5.97 23.41 15.75
C SER C 9 4.83 22.39 15.92
N LEU C 10 4.86 21.26 15.15
CA LEU C 10 3.76 20.19 15.21
C LEU C 10 3.83 19.40 16.56
N TRP C 11 5.00 19.45 17.27
CA TRP C 11 5.18 18.69 18.59
C TRP C 11 4.27 19.31 19.69
N ASN C 12 3.80 20.55 19.47
CA ASN C 12 2.87 21.28 20.43
C ASN C 12 1.41 20.80 20.18
N TRP C 13 1.14 20.22 18.96
CA TRP C 13 -0.24 19.70 18.57
C TRP C 13 -0.37 18.21 19.06
N PHE C 14 0.80 17.57 19.25
CA PHE C 14 0.96 16.14 19.76
C PHE C 14 0.20 15.03 18.93
N ASP C 15 -1.14 15.09 18.97
CA ASP C 15 -2.06 14.04 18.36
C ASP C 15 -1.88 13.84 16.82
N ILE C 16 -1.96 14.95 16.02
CA ILE C 16 -1.83 14.84 14.50
C ILE C 16 -0.38 14.46 14.08
N THR C 17 0.64 14.82 14.91
CA THR C 17 2.10 14.51 14.60
C THR C 17 2.29 12.99 14.42
N ASN C 18 1.49 12.21 15.19
CA ASN C 18 1.52 10.70 15.15
C ASN C 18 1.18 10.19 13.71
N TRP C 19 0.16 10.82 13.09
CA TRP C 19 -0.33 10.47 11.69
C TRP C 19 0.81 10.63 10.62
N LEU C 20 1.75 11.55 10.88
CA LEU C 20 2.92 11.88 9.94
C LEU C 20 4.15 10.97 10.23
N TRP C 21 4.08 10.06 11.25
CA TRP C 21 5.27 9.15 11.60
C TRP C 21 4.83 7.80 12.25
N TYR C 22 3.90 7.08 11.58
CA TYR C 22 3.42 5.69 12.00
C TYR C 22 2.66 5.03 10.81
N ILE C 23 2.00 5.82 9.91
CA ILE C 23 1.24 5.23 8.73
C ILE C 23 2.16 4.32 7.85
N ARG C 24 3.46 4.68 7.71
CA ARG C 24 4.46 3.92 6.83
C ARG C 24 4.47 2.42 7.22
N ILE C 25 4.45 2.17 8.55
CA ILE C 25 4.42 0.76 9.13
C ILE C 25 3.05 0.14 8.78
N PHE C 26 1.99 0.95 8.95
CA PHE C 26 0.54 0.51 8.72
C PHE C 26 0.28 -0.06 7.29
N ILE C 27 1.04 0.41 6.26
CA ILE C 27 0.88 -0.09 4.83
C ILE C 27 1.27 -1.60 4.74
N ILE C 28 2.33 -1.99 5.50
CA ILE C 28 2.84 -3.43 5.55
C ILE C 28 1.70 -4.37 6.07
N ILE C 29 0.93 -3.90 7.12
CA ILE C 29 -0.25 -4.70 7.72
C ILE C 29 -1.31 -4.92 6.58
N VAL C 30 -1.56 -3.88 5.72
CA VAL C 30 -2.54 -3.99 4.53
C VAL C 30 -1.92 -4.97 3.49
N GLY C 31 -0.61 -5.30 3.70
CA GLY C 31 0.18 -6.28 2.86
C GLY C 31 -0.05 -7.73 3.35
N SER C 32 -0.51 -7.88 4.64
CA SER C 32 -0.81 -9.24 5.28
C SER C 32 -2.26 -9.67 4.91
N LEU C 33 -3.12 -8.64 4.68
CA LEU C 33 -4.59 -8.85 4.32
C LEU C 33 -4.70 -9.76 3.04
N ILE C 34 -4.06 -9.31 1.94
CA ILE C 34 -4.07 -10.06 0.60
C ILE C 34 -3.61 -11.53 0.76
N GLY C 35 -2.53 -11.77 1.56
CA GLY C 35 -1.98 -13.14 1.83
C GLY C 35 -3.03 -14.07 2.48
N LEU C 36 -3.85 -13.45 3.35
CA LEU C 36 -4.97 -14.14 4.16
C LEU C 36 -6.08 -14.70 3.20
N ARG C 37 -6.43 -13.92 2.17
CA ARG C 37 -7.51 -14.27 1.12
C ARG C 37 -7.39 -15.69 0.49
N ILE C 38 -6.17 -16.23 0.31
CA ILE C 38 -5.95 -17.56 -0.43
C ILE C 38 -6.77 -18.73 0.22
N VAL C 39 -6.86 -18.79 1.58
CA VAL C 39 -7.64 -19.91 2.32
C VAL C 39 -9.12 -19.96 1.82
N PHE C 40 -9.67 -18.81 1.35
CA PHE C 40 -11.09 -18.73 0.78
C PHE C 40 -11.25 -19.77 -0.37
N ALA C 41 -10.15 -19.99 -1.12
CA ALA C 41 -10.13 -20.97 -2.28
C ALA C 41 -10.56 -22.41 -1.80
N VAL C 42 -9.93 -22.91 -0.68
CA VAL C 42 -10.32 -24.28 -0.10
C VAL C 42 -11.75 -24.21 0.52
N LEU C 43 -12.15 -23.02 1.08
CA LEU C 43 -13.53 -22.80 1.73
C LEU C 43 -14.65 -23.03 0.66
N SER C 44 -14.34 -22.72 -0.63
CA SER C 44 -15.36 -22.87 -1.77
C SER C 44 -15.78 -24.35 -1.94
N LEU C 45 -14.83 -25.27 -1.67
CA LEU C 45 -15.04 -26.77 -1.78
C LEU C 45 -15.86 -27.28 -0.55
N VAL C 46 -15.80 -26.50 0.56
CA VAL C 46 -16.55 -26.79 1.84
C VAL C 46 -17.96 -26.14 1.74
N ASN C 47 -18.04 -25.04 0.93
CA ASN C 47 -19.32 -24.26 0.73
C ASN C 47 -20.38 -25.06 -0.10
N ARG C 48 -19.92 -25.90 -1.09
CA ARG C 48 -20.90 -26.70 -1.97
C ARG C 48 -21.51 -27.89 -1.17
N VAL C 49 -20.77 -28.34 -0.11
CA VAL C 49 -21.19 -29.49 0.79
C VAL C 49 -22.14 -28.97 1.92
N ARG C 50 -22.13 -27.63 2.16
CA ARG C 50 -22.98 -26.96 3.23
C ARG C 50 -24.48 -27.39 3.14
N GLN C 51 -24.89 -28.38 3.99
CA GLN C 51 -26.30 -28.94 4.03
C GLN C 51 -27.28 -27.84 4.57
N LEU A 1 16.68 18.87 13.42
CA LEU A 1 15.34 18.21 13.31
C LEU A 1 14.96 18.23 11.80
N LEU A 2 15.42 17.19 11.07
CA LEU A 2 15.17 16.98 9.59
C LEU A 2 15.72 18.17 8.72
N GLU A 3 16.89 17.96 8.09
CA GLU A 3 17.59 18.97 7.18
C GLU A 3 18.69 18.21 6.39
N LEU A 4 19.35 18.93 5.44
CA LEU A 4 20.43 18.32 4.53
C LEU A 4 21.54 17.59 5.33
N ASP A 5 21.85 18.17 6.50
CA ASP A 5 22.91 17.62 7.44
C ASP A 5 22.38 16.35 8.15
N LYS A 6 21.06 16.32 8.42
CA LYS A 6 20.38 15.14 9.14
C LYS A 6 20.33 13.90 8.20
N TRP A 7 19.91 14.13 6.93
CA TRP A 7 19.80 13.02 5.88
C TRP A 7 21.20 12.41 5.57
N ALA A 8 22.19 13.30 5.34
CA ALA A 8 23.61 12.87 4.98
C ALA A 8 24.31 12.15 6.17
N SER A 9 23.83 12.39 7.41
CA SER A 9 24.42 11.75 8.67
C SER A 9 24.08 10.24 8.73
N LEU A 10 22.90 9.85 8.17
CA LEU A 10 22.41 8.40 8.19
C LEU A 10 23.39 7.46 7.41
N TRP A 11 24.21 8.06 6.51
CA TRP A 11 25.23 7.28 5.66
C TRP A 11 26.38 6.73 6.55
N ASN A 12 26.37 7.02 7.89
CA ASN A 12 27.48 6.53 8.84
C ASN A 12 27.47 4.98 8.94
N TRP A 13 26.26 4.40 9.16
CA TRP A 13 26.05 2.88 9.26
C TRP A 13 25.41 2.36 7.93
N PHE A 14 24.74 3.28 7.20
CA PHE A 14 24.11 3.02 5.84
C PHE A 14 23.15 1.77 5.74
N ASP A 15 23.06 0.89 6.79
CA ASP A 15 22.20 -0.37 6.71
C ASP A 15 20.67 -0.10 6.55
N ILE A 16 20.07 0.71 7.47
CA ILE A 16 18.57 1.05 7.43
C ILE A 16 18.24 2.00 6.24
N THR A 17 19.18 2.93 5.95
CA THR A 17 19.01 3.97 4.84
C THR A 17 18.82 3.27 3.48
N ASN A 18 19.56 2.16 3.29
CA ASN A 18 19.52 1.32 2.03
C ASN A 18 18.08 0.74 1.84
N TRP A 19 17.54 0.17 2.95
CA TRP A 19 16.14 -0.45 2.99
C TRP A 19 15.04 0.61 2.65
N LEU A 20 15.10 1.82 3.28
CA LEU A 20 14.06 2.92 3.06
C LEU A 20 14.21 3.62 1.70
N TRP A 21 15.38 3.49 1.04
CA TRP A 21 15.63 4.15 -0.31
C TRP A 21 14.88 3.37 -1.44
N TYR A 22 14.04 2.34 -1.05
CA TYR A 22 13.26 1.48 -2.07
C TYR A 22 11.79 1.19 -1.62
N ILE A 23 11.38 1.39 -0.30
CA ILE A 23 9.94 1.10 0.14
C ILE A 23 8.91 1.90 -0.72
N ARG A 24 9.28 3.15 -1.12
CA ARG A 24 8.37 4.07 -1.95
C ARG A 24 7.90 3.36 -3.26
N ILE A 25 8.86 2.76 -3.97
CA ILE A 25 8.61 2.01 -5.27
C ILE A 25 7.80 0.73 -4.99
N PHE A 26 8.14 0.10 -3.85
CA PHE A 26 7.54 -1.21 -3.40
C PHE A 26 5.98 -1.15 -3.20
N ILE A 27 5.44 -0.04 -2.61
CA ILE A 27 3.93 0.08 -2.34
C ILE A 27 3.13 -0.04 -3.68
N ILE A 28 3.70 0.55 -4.76
CA ILE A 28 3.08 0.55 -6.16
C ILE A 28 3.01 -0.94 -6.67
N ILE A 29 4.10 -1.74 -6.43
CA ILE A 29 4.16 -3.22 -6.83
C ILE A 29 3.05 -3.99 -6.04
N VAL A 30 2.88 -3.65 -4.72
CA VAL A 30 1.79 -4.29 -3.84
C VAL A 30 0.40 -3.80 -4.38
N GLY A 31 0.43 -2.70 -5.19
CA GLY A 31 -0.79 -2.08 -5.85
C GLY A 31 -1.15 -2.80 -7.17
N SER A 32 -0.13 -3.46 -7.79
CA SER A 32 -0.30 -4.23 -9.10
C SER A 32 -0.76 -5.67 -8.77
N LEU A 33 -0.25 -6.15 -7.61
CA LEU A 33 -0.48 -7.55 -7.08
C LEU A 33 -2.01 -7.86 -6.91
N ILE A 34 -2.71 -6.98 -6.15
CA ILE A 34 -4.19 -7.13 -5.81
C ILE A 34 -5.09 -7.32 -7.09
N GLY A 35 -4.88 -6.49 -8.14
CA GLY A 35 -5.67 -6.57 -9.44
C GLY A 35 -5.53 -7.94 -10.14
N LEU A 36 -4.33 -8.51 -10.05
CA LEU A 36 -3.93 -9.86 -10.70
C LEU A 36 -4.79 -11.06 -10.12
N ARG A 37 -4.99 -11.07 -8.79
CA ARG A 37 -5.74 -12.14 -8.00
C ARG A 37 -7.15 -12.53 -8.56
N ILE A 38 -7.90 -11.58 -9.17
CA ILE A 38 -9.35 -11.83 -9.61
C ILE A 38 -9.49 -13.09 -10.56
N VAL A 39 -8.56 -13.32 -11.51
CA VAL A 39 -8.64 -14.52 -12.49
C VAL A 39 -8.74 -15.88 -11.72
N PHE A 40 -8.19 -15.94 -10.48
CA PHE A 40 -8.27 -17.19 -9.59
C PHE A 40 -9.76 -17.61 -9.41
N ALA A 41 -10.66 -16.59 -9.38
CA ALA A 41 -12.15 -16.82 -9.20
C ALA A 41 -12.70 -17.78 -10.31
N VAL A 42 -12.37 -17.51 -11.62
CA VAL A 42 -12.81 -18.43 -12.76
C VAL A 42 -12.04 -19.80 -12.67
N LEU A 43 -10.77 -19.77 -12.16
CA LEU A 43 -9.91 -21.03 -11.99
C LEU A 43 -10.58 -22.01 -10.97
N SER A 44 -11.39 -21.45 -10.02
CA SER A 44 -12.08 -22.28 -8.94
C SER A 44 -13.10 -23.27 -9.57
N LEU A 45 -13.72 -22.87 -10.70
CA LEU A 45 -14.72 -23.75 -11.46
C LEU A 45 -13.93 -24.87 -12.19
N VAL A 46 -12.74 -24.49 -12.73
CA VAL A 46 -11.81 -25.43 -13.46
C VAL A 46 -11.21 -26.47 -12.45
N ASN A 47 -11.07 -26.03 -11.17
CA ASN A 47 -10.51 -26.89 -10.05
C ASN A 47 -11.49 -28.04 -9.67
N ARG A 48 -12.80 -27.90 -10.08
CA ARG A 48 -13.89 -28.94 -9.76
C ARG A 48 -14.04 -29.97 -10.94
N VAL A 49 -13.39 -29.70 -12.11
CA VAL A 49 -13.47 -30.63 -13.33
C VAL A 49 -12.45 -31.80 -13.18
N ARG A 50 -11.26 -31.51 -12.58
CA ARG A 50 -10.15 -32.54 -12.36
C ARG A 50 -10.57 -33.54 -11.26
N GLN A 51 -9.95 -34.74 -11.26
CA GLN A 51 -10.23 -35.85 -10.26
C GLN A 51 -9.76 -35.46 -8.84
N LEU B 1 22.18 16.99 -0.73
CA LEU B 1 21.08 16.00 -0.77
C LEU B 1 19.75 16.82 -0.81
N LEU B 2 18.74 16.48 0.05
CA LEU B 2 17.39 17.21 0.11
C LEU B 2 17.65 18.65 0.67
N GLU B 3 16.95 19.70 0.11
CA GLU B 3 17.14 21.15 0.54
C GLU B 3 16.01 22.06 -0.03
N LEU B 4 15.99 23.30 0.48
CA LEU B 4 14.96 24.39 0.14
C LEU B 4 14.79 24.62 -1.36
N ASP B 5 15.93 24.64 -2.04
CA ASP B 5 16.01 24.89 -3.54
C ASP B 5 15.55 23.65 -4.33
N LYS B 6 15.68 22.43 -3.73
CA LYS B 6 15.25 21.14 -4.42
C LYS B 6 13.70 21.05 -4.52
N TRP B 7 13.01 21.35 -3.37
CA TRP B 7 11.48 21.26 -3.29
C TRP B 7 10.81 22.33 -4.19
N ALA B 8 11.32 23.57 -4.13
CA ALA B 8 10.76 24.76 -4.92
C ALA B 8 10.76 24.51 -6.46
N SER B 9 11.62 23.57 -6.92
CA SER B 9 11.76 23.22 -8.40
C SER B 9 10.51 22.48 -8.93
N LEU B 10 9.84 21.69 -8.05
CA LEU B 10 8.60 20.86 -8.41
C LEU B 10 7.41 21.78 -8.79
N TRP B 11 7.41 23.05 -8.33
CA TRP B 11 6.27 24.03 -8.61
C TRP B 11 6.24 24.39 -10.12
N ASN B 12 7.40 24.18 -10.81
CA ASN B 12 7.57 24.43 -12.31
C ASN B 12 7.19 23.16 -13.13
N TRP B 13 7.11 21.98 -12.45
CA TRP B 13 6.78 20.64 -13.14
C TRP B 13 5.24 20.50 -13.36
N PHE B 14 4.44 21.41 -12.73
CA PHE B 14 2.91 21.46 -12.86
C PHE B 14 2.18 20.38 -11.97
N ASP B 15 1.00 19.92 -12.45
CA ASP B 15 0.07 18.94 -11.77
C ASP B 15 0.72 17.63 -11.25
N ILE B 16 1.80 17.12 -11.92
CA ILE B 16 2.48 15.79 -11.48
C ILE B 16 2.93 15.93 -9.99
N THR B 17 3.21 17.20 -9.56
CA THR B 17 3.60 17.53 -8.13
C THR B 17 2.44 17.19 -7.16
N ASN B 18 1.17 17.35 -7.64
CA ASN B 18 -0.07 17.10 -6.77
C ASN B 18 -0.07 15.63 -6.25
N TRP B 19 0.45 14.70 -7.10
CA TRP B 19 0.55 13.22 -6.75
C TRP B 19 1.68 13.04 -5.66
N LEU B 20 2.86 13.65 -5.88
CA LEU B 20 4.07 13.59 -4.92
C LEU B 20 3.78 14.37 -3.59
N TRP B 21 2.81 15.32 -3.62
CA TRP B 21 2.46 16.18 -2.42
C TRP B 21 2.00 15.33 -1.19
N TYR B 22 1.07 14.39 -1.44
CA TYR B 22 0.43 13.53 -0.32
C TYR B 22 0.01 12.12 -0.83
N ILE B 23 1.01 11.32 -1.29
CA ILE B 23 0.80 9.89 -1.79
C ILE B 23 0.09 9.04 -0.70
N ARG B 24 0.44 9.32 0.58
CA ARG B 24 -0.08 8.55 1.78
C ARG B 24 -1.64 8.51 1.79
N ILE B 25 -2.30 9.56 1.24
CA ILE B 25 -3.82 9.59 1.09
C ILE B 25 -4.19 8.51 0.03
N PHE B 26 -3.39 8.49 -1.06
CA PHE B 26 -3.59 7.57 -2.27
C PHE B 26 -3.58 6.07 -1.86
N ILE B 27 -2.70 5.71 -0.89
CA ILE B 27 -2.54 4.28 -0.38
C ILE B 27 -3.84 3.79 0.36
N ILE B 28 -4.50 4.69 1.14
CA ILE B 28 -5.79 4.34 1.91
C ILE B 28 -6.88 3.88 0.89
N ILE B 29 -6.96 4.60 -0.27
CA ILE B 29 -7.95 4.28 -1.40
C ILE B 29 -7.71 2.82 -1.91
N VAL B 30 -6.41 2.41 -2.04
CA VAL B 30 -6.03 1.00 -2.52
C VAL B 30 -6.46 -0.04 -1.43
N GLY B 31 -6.67 0.46 -0.19
CA GLY B 31 -7.12 -0.38 0.99
C GLY B 31 -8.63 -0.71 0.94
N SER B 32 -9.39 -0.04 0.04
CA SER B 32 -10.91 -0.26 -0.12
C SER B 32 -11.16 -1.44 -1.10
N LEU B 33 -10.27 -1.55 -2.11
CA LEU B 33 -10.33 -2.62 -3.19
C LEU B 33 -10.34 -4.06 -2.59
N ILE B 34 -9.33 -4.37 -1.74
CA ILE B 34 -9.13 -5.76 -1.12
C ILE B 34 -10.40 -6.31 -0.38
N GLY B 35 -11.06 -5.48 0.47
CA GLY B 35 -12.30 -5.91 1.24
C GLY B 35 -13.45 -6.36 0.30
N LEU B 36 -13.53 -5.64 -0.82
CA LEU B 36 -14.59 -5.84 -1.92
C LEU B 36 -14.50 -7.26 -2.58
N ARG B 37 -13.26 -7.76 -2.77
CA ARG B 37 -12.93 -9.12 -3.42
C ARG B 37 -13.70 -10.35 -2.81
N ILE B 38 -14.00 -10.38 -1.49
CA ILE B 38 -14.59 -11.64 -0.81
C ILE B 38 -15.94 -12.11 -1.49
N VAL B 39 -16.87 -11.20 -1.90
CA VAL B 39 -18.20 -11.59 -2.60
C VAL B 39 -17.93 -12.43 -3.88
N PHE B 40 -16.74 -12.25 -4.54
CA PHE B 40 -16.34 -13.05 -5.79
C PHE B 40 -16.36 -14.58 -5.48
N ALA B 41 -15.99 -14.95 -4.24
CA ALA B 41 -16.00 -16.40 -3.77
C ALA B 41 -17.46 -16.94 -3.81
N VAL B 42 -18.38 -16.10 -3.30
CA VAL B 42 -19.88 -16.35 -3.25
C VAL B 42 -20.46 -16.34 -4.69
N LEU B 43 -19.86 -15.52 -5.59
CA LEU B 43 -20.29 -15.41 -7.06
C LEU B 43 -19.97 -16.75 -7.79
N SER B 44 -18.97 -17.53 -7.27
CA SER B 44 -18.54 -18.85 -7.90
C SER B 44 -19.72 -19.87 -7.97
N LEU B 45 -20.62 -19.81 -6.97
CA LEU B 45 -21.85 -20.74 -6.91
C LEU B 45 -22.88 -20.24 -7.95
N VAL B 46 -22.95 -18.90 -8.11
CA VAL B 46 -23.88 -18.19 -9.09
C VAL B 46 -23.42 -18.51 -10.54
N ASN B 47 -22.08 -18.60 -10.71
CA ASN B 47 -21.42 -18.88 -12.05
C ASN B 47 -21.76 -20.31 -12.58
N ARG B 48 -22.04 -21.29 -11.66
CA ARG B 48 -22.35 -22.71 -12.06
C ARG B 48 -23.78 -22.84 -12.67
N VAL B 49 -24.79 -22.35 -11.92
CA VAL B 49 -26.28 -22.43 -12.32
C VAL B 49 -26.74 -21.11 -13.01
N ARG B 50 -25.79 -20.38 -13.65
CA ARG B 50 -26.11 -19.07 -14.39
C ARG B 50 -27.05 -19.33 -15.60
N GLN B 51 -28.04 -18.43 -15.84
CA GLN B 51 -29.03 -18.55 -16.99
C GLN B 51 -28.28 -18.27 -18.34
N LEU C 1 9.01 26.81 3.38
CA LEU C 1 8.90 25.39 2.88
C LEU C 1 9.60 24.47 3.92
N LEU C 2 9.72 23.18 3.55
CA LEU C 2 10.36 22.09 4.41
C LEU C 2 11.78 22.52 4.91
N GLU C 3 11.82 23.11 6.14
CA GLU C 3 13.08 23.63 6.84
C GLU C 3 13.05 23.18 8.31
N LEU C 4 14.24 23.20 8.97
CA LEU C 4 14.42 22.79 10.43
C LEU C 4 13.41 23.54 11.33
N ASP C 5 13.09 24.77 10.90
CA ASP C 5 12.13 25.69 11.62
C ASP C 5 10.67 25.19 11.46
N LYS C 6 10.31 24.77 10.23
CA LYS C 6 8.90 24.27 9.90
C LYS C 6 8.64 22.90 10.58
N TRP C 7 9.63 21.98 10.49
CA TRP C 7 9.53 20.59 11.09
C TRP C 7 9.54 20.65 12.64
N ALA C 8 10.38 21.52 13.22
CA ALA C 8 10.51 21.66 14.76
C ALA C 8 9.25 22.32 15.38
N SER C 9 8.71 23.35 14.71
CA SER C 9 7.47 24.11 15.18
C SER C 9 6.25 23.16 15.24
N LEU C 10 6.24 22.15 14.34
CA LEU C 10 5.10 21.14 14.22
C LEU C 10 4.93 20.27 15.51
N TRP C 11 5.99 20.20 16.39
CA TRP C 11 5.91 19.35 17.69
C TRP C 11 4.88 19.96 18.69
N ASN C 12 4.67 21.30 18.60
CA ASN C 12 3.71 22.04 19.52
C ASN C 12 2.23 21.65 19.25
N TRP C 13 1.98 20.94 18.12
CA TRP C 13 0.59 20.49 17.66
C TRP C 13 0.23 19.13 18.35
N PHE C 14 1.28 18.41 18.82
CA PHE C 14 1.18 17.09 19.59
C PHE C 14 0.47 15.88 18.84
N ASP C 15 -0.86 15.70 19.07
CA ASP C 15 -1.68 14.51 18.55
C ASP C 15 -1.67 14.34 17.00
N ILE C 16 -2.02 15.41 16.26
CA ILE C 16 -2.09 15.38 14.73
C ILE C 16 -0.68 15.17 14.11
N THR C 17 0.41 15.57 14.81
CA THR C 17 1.85 15.37 14.29
C THR C 17 2.13 13.85 14.13
N ASN C 18 1.66 13.06 15.12
CA ASN C 18 1.85 11.55 15.17
C ASN C 18 1.17 10.84 13.95
N TRP C 19 0.40 11.60 13.14
CA TRP C 19 -0.34 11.04 11.93
C TRP C 19 0.65 10.70 10.74
N LEU C 20 1.56 11.62 10.46
CA LEU C 20 2.59 11.58 9.32
C LEU C 20 3.69 10.47 9.50
N TRP C 21 3.78 9.72 10.66
CA TRP C 21 4.91 8.67 10.89
C TRP C 21 4.39 7.28 11.40
N TYR C 22 3.23 7.24 12.09
CA TYR C 22 2.63 5.95 12.66
C TYR C 22 1.96 5.20 11.48
N ILE C 23 1.42 6.00 10.54
CA ILE C 23 0.76 5.54 9.26
C ILE C 23 1.79 4.80 8.35
N ARG C 24 3.07 5.26 8.35
CA ARG C 24 4.18 4.64 7.49
C ARG C 24 4.32 3.11 7.80
N ILE C 25 4.30 2.76 9.11
CA ILE C 25 4.41 1.32 9.62
C ILE C 25 3.18 0.51 9.14
N PHE C 26 2.01 1.14 9.34
CA PHE C 26 0.65 0.50 9.07
C PHE C 26 0.52 -0.11 7.64
N ILE C 27 1.25 0.45 6.65
CA ILE C 27 1.22 -0.04 5.21
C ILE C 27 1.68 -1.53 5.10
N ILE C 28 2.75 -1.88 5.86
CA ILE C 28 3.35 -3.30 5.87
C ILE C 28 2.25 -4.33 6.31
N ILE C 29 1.42 -3.97 7.34
CA ILE C 29 0.29 -4.85 7.88
C ILE C 29 -0.76 -5.10 6.74
N VAL C 30 -1.08 -4.03 5.94
CA VAL C 30 -2.09 -4.13 4.79
C VAL C 30 -1.48 -5.04 3.66
N GLY C 31 -0.15 -5.29 3.74
CA GLY C 31 0.61 -6.18 2.78
C GLY C 31 0.32 -7.67 3.06
N SER C 32 -0.08 -7.99 4.32
CA SER C 32 -0.41 -9.41 4.78
C SER C 32 -1.88 -9.76 4.47
N LEU C 33 -2.75 -8.73 4.38
CA LEU C 33 -4.25 -8.88 4.11
C LEU C 33 -4.50 -9.63 2.77
N ILE C 34 -3.83 -9.19 1.68
CA ILE C 34 -4.03 -9.76 0.27
C ILE C 34 -3.67 -11.28 0.18
N GLY C 35 -2.52 -11.70 0.74
CA GLY C 35 -2.06 -13.17 0.72
C GLY C 35 -3.07 -14.09 1.43
N LEU C 36 -3.67 -13.56 2.52
CA LEU C 36 -4.69 -14.28 3.39
C LEU C 36 -5.92 -14.75 2.53
N ARG C 37 -6.39 -13.87 1.62
CA ARG C 37 -7.56 -14.12 0.67
C ARG C 37 -7.47 -15.46 -0.13
N ILE C 38 -6.26 -15.90 -0.48
CA ILE C 38 -6.02 -17.15 -1.36
C ILE C 38 -6.69 -18.45 -0.75
N VAL C 39 -6.65 -18.68 0.60
CA VAL C 39 -7.29 -19.94 1.24
C VAL C 39 -8.81 -20.06 0.87
N PHE C 40 -9.49 -18.91 0.58
CA PHE C 40 -10.98 -18.91 0.17
C PHE C 40 -11.18 -19.74 -1.14
N ALA C 41 -10.19 -19.68 -2.06
CA ALA C 41 -10.23 -20.48 -3.37
C ALA C 41 -10.25 -22.01 -3.00
N VAL C 42 -9.42 -22.37 -2.00
CA VAL C 42 -9.30 -23.78 -1.45
C VAL C 42 -10.60 -24.17 -0.70
N LEU C 43 -11.29 -23.17 -0.07
CA LEU C 43 -12.62 -23.37 0.67
C LEU C 43 -13.71 -23.78 -0.36
N SER C 44 -13.51 -23.41 -1.67
CA SER C 44 -14.51 -23.73 -2.77
C SER C 44 -14.78 -25.26 -2.86
N LEU C 45 -13.73 -26.05 -2.54
CA LEU C 45 -13.81 -27.59 -2.53
C LEU C 45 -14.65 -28.01 -1.30
N VAL C 46 -14.37 -27.34 -0.15
CA VAL C 46 -15.09 -27.57 1.16
C VAL C 46 -16.58 -27.11 1.02
N ASN C 47 -16.81 -26.11 0.13
CA ASN C 47 -18.19 -25.53 -0.15
C ASN C 47 -19.04 -26.47 -1.02
N ARG C 48 -18.42 -27.55 -1.59
CA ARG C 48 -19.14 -28.52 -2.52
C ARG C 48 -20.13 -29.43 -1.74
N VAL C 49 -19.90 -29.61 -0.40
CA VAL C 49 -20.75 -30.52 0.52
C VAL C 49 -21.44 -29.71 1.67
N ARG C 50 -20.73 -28.68 2.20
CA ARG C 50 -21.24 -27.81 3.36
C ARG C 50 -21.56 -28.66 4.63
N GLN C 51 -21.08 -29.94 4.64
CA GLN C 51 -21.27 -30.92 5.78
C GLN C 51 -22.79 -31.14 6.07
N LEU A 1 14.43 16.16 15.57
CA LEU A 1 14.20 17.23 14.56
C LEU A 1 15.10 16.97 13.31
N LEU A 2 14.50 17.03 12.09
CA LEU A 2 15.22 16.78 10.78
C LEU A 2 16.03 18.08 10.42
N GLU A 3 17.28 17.90 9.88
CA GLU A 3 18.21 19.05 9.48
C GLU A 3 19.11 18.57 8.29
N LEU A 4 19.76 19.55 7.62
CA LEU A 4 20.70 19.32 6.44
C LEU A 4 21.79 18.27 6.80
N ASP A 5 22.30 18.42 8.03
CA ASP A 5 23.38 17.52 8.61
C ASP A 5 22.83 16.13 8.98
N LYS A 6 21.53 16.07 9.37
CA LYS A 6 20.86 14.77 9.81
C LYS A 6 20.66 13.83 8.59
N TRP A 7 20.20 14.41 7.45
CA TRP A 7 19.96 13.61 6.17
C TRP A 7 21.30 13.18 5.53
N ALA A 8 22.21 14.15 5.31
CA ALA A 8 23.57 13.88 4.64
C ALA A 8 24.39 12.75 5.32
N SER A 9 24.05 12.41 6.59
CA SER A 9 24.76 11.33 7.39
C SER A 9 24.46 9.90 6.81
N LEU A 10 23.23 9.74 6.28
CA LEU A 10 22.72 8.41 5.68
C LEU A 10 23.47 8.02 4.37
N TRP A 11 24.07 9.00 3.66
CA TRP A 11 24.79 8.75 2.34
C TRP A 11 26.23 8.20 2.58
N ASN A 12 26.65 8.08 3.87
CA ASN A 12 28.05 7.59 4.22
C ASN A 12 28.17 6.05 3.99
N TRP A 13 27.19 5.30 4.54
CA TRP A 13 27.11 3.76 4.45
C TRP A 13 26.03 3.34 3.40
N PHE A 14 25.09 4.25 3.14
CA PHE A 14 23.96 4.12 2.13
C PHE A 14 23.18 2.75 2.09
N ASP A 15 23.51 1.74 2.94
CA ASP A 15 22.80 0.38 2.91
C ASP A 15 21.28 0.49 3.28
N ILE A 16 20.98 1.11 4.44
CA ILE A 16 19.56 1.32 4.96
C ILE A 16 18.80 2.34 4.08
N THR A 17 19.55 3.31 3.49
CA THR A 17 18.97 4.41 2.61
C THR A 17 18.23 3.81 1.39
N ASN A 18 18.77 2.67 0.91
CA ASN A 18 18.21 1.92 -0.30
C ASN A 18 16.72 1.51 -0.04
N TRP A 19 16.50 0.94 1.16
CA TRP A 19 15.13 0.48 1.64
C TRP A 19 14.21 1.71 1.98
N LEU A 20 14.72 2.74 2.73
CA LEU A 20 13.86 3.96 3.13
C LEU A 20 13.49 4.84 1.90
N TRP A 21 14.12 4.60 0.72
CA TRP A 21 13.86 5.40 -0.55
C TRP A 21 12.94 4.62 -1.54
N TYR A 22 13.03 3.26 -1.53
CA TYR A 22 12.25 2.35 -2.46
C TYR A 22 10.82 2.01 -1.93
N ILE A 23 10.48 2.42 -0.67
CA ILE A 23 9.08 2.15 -0.08
C ILE A 23 7.96 2.74 -1.00
N ARG A 24 8.26 3.89 -1.66
CA ARG A 24 7.30 4.62 -2.61
C ARG A 24 6.88 3.70 -3.79
N ILE A 25 7.90 3.07 -4.41
CA ILE A 25 7.74 2.12 -5.59
C ILE A 25 7.01 0.84 -5.12
N PHE A 26 7.39 0.38 -3.92
CA PHE A 26 6.89 -0.91 -3.29
C PHE A 26 5.35 -1.01 -3.26
N ILE A 27 4.65 0.15 -3.20
CA ILE A 27 3.12 0.22 -3.18
C ILE A 27 2.56 -0.35 -4.51
N ILE A 28 3.13 0.18 -5.61
CA ILE A 28 2.73 -0.18 -7.03
C ILE A 28 2.91 -1.72 -7.25
N ILE A 29 4.01 -2.31 -6.69
CA ILE A 29 4.29 -3.83 -6.78
C ILE A 29 3.11 -4.61 -6.12
N VAL A 30 2.60 -4.11 -4.96
CA VAL A 30 1.42 -4.76 -4.20
C VAL A 30 0.13 -4.58 -5.06
N GLY A 31 0.18 -3.64 -6.05
CA GLY A 31 -0.95 -3.37 -7.01
C GLY A 31 -1.08 -4.50 -8.06
N SER A 32 0.03 -5.27 -8.27
CA SER A 32 0.08 -6.43 -9.28
C SER A 32 -0.39 -7.74 -8.59
N LEU A 33 -0.16 -7.83 -7.25
CA LEU A 33 -0.53 -9.08 -6.43
C LEU A 33 -2.05 -9.39 -6.55
N ILE A 34 -2.86 -8.39 -6.17
CA ILE A 34 -4.38 -8.47 -6.10
C ILE A 34 -5.09 -8.94 -7.41
N GLY A 35 -4.72 -8.36 -8.58
CA GLY A 35 -5.34 -8.77 -9.92
C GLY A 35 -5.07 -10.25 -10.24
N LEU A 36 -3.85 -10.72 -9.85
CA LEU A 36 -3.36 -12.15 -10.10
C LEU A 36 -4.32 -13.18 -9.40
N ARG A 37 -4.77 -12.84 -8.15
CA ARG A 37 -5.73 -13.67 -7.30
C ARG A 37 -7.01 -14.11 -8.08
N ILE A 38 -7.46 -13.29 -9.05
CA ILE A 38 -8.74 -13.54 -9.85
C ILE A 38 -8.70 -14.98 -10.51
N VAL A 39 -7.52 -15.46 -11.02
CA VAL A 39 -7.42 -16.87 -11.68
C VAL A 39 -7.91 -17.99 -10.73
N PHE A 40 -7.82 -17.76 -9.40
CA PHE A 40 -8.20 -18.81 -8.36
C PHE A 40 -9.64 -19.33 -8.60
N ALA A 41 -10.53 -18.43 -9.06
CA ALA A 41 -11.97 -18.83 -9.38
C ALA A 41 -12.01 -19.96 -10.48
N VAL A 42 -11.30 -19.74 -11.65
CA VAL A 42 -11.22 -20.81 -12.76
C VAL A 42 -10.36 -22.02 -12.31
N LEU A 43 -9.23 -21.73 -11.58
CA LEU A 43 -8.25 -22.79 -11.06
C LEU A 43 -8.95 -23.61 -9.93
N SER A 44 -9.98 -23.04 -9.24
CA SER A 44 -10.75 -23.80 -8.14
C SER A 44 -11.51 -25.02 -8.75
N LEU A 45 -11.95 -24.87 -10.04
CA LEU A 45 -12.70 -25.96 -10.80
C LEU A 45 -11.69 -27.09 -11.16
N VAL A 46 -10.44 -26.68 -11.49
CA VAL A 46 -9.29 -27.62 -11.83
C VAL A 46 -8.88 -28.40 -10.54
N ASN A 47 -9.02 -27.73 -9.37
CA ASN A 47 -8.64 -28.31 -8.02
C ASN A 47 -9.65 -29.41 -7.58
N ARG A 48 -10.86 -29.48 -8.21
CA ARG A 48 -11.93 -30.48 -7.82
C ARG A 48 -11.54 -31.92 -8.31
N VAL A 49 -11.23 -32.04 -9.62
CA VAL A 49 -10.86 -33.35 -10.32
C VAL A 49 -9.32 -33.55 -10.35
N ARG A 50 -8.60 -32.93 -9.39
CA ARG A 50 -7.07 -33.02 -9.28
C ARG A 50 -6.64 -34.50 -9.03
N GLN A 51 -7.51 -35.24 -8.29
CA GLN A 51 -7.30 -36.70 -7.92
C GLN A 51 -7.22 -37.58 -9.20
N LEU B 1 20.18 19.67 0.44
CA LEU B 1 19.85 18.23 0.70
C LEU B 1 18.61 18.23 1.67
N LEU B 2 17.38 18.23 1.08
CA LEU B 2 16.06 18.23 1.86
C LEU B 2 15.99 19.43 2.87
N GLU B 3 15.85 20.66 2.31
CA GLU B 3 15.74 21.97 3.09
C GLU B 3 14.73 22.92 2.40
N LEU B 4 14.55 24.10 3.01
CA LEU B 4 13.57 25.18 2.57
C LEU B 4 13.71 25.54 1.09
N ASP B 5 14.96 25.59 0.65
CA ASP B 5 15.34 25.94 -0.76
C ASP B 5 15.06 24.75 -1.72
N LYS B 6 15.30 23.51 -1.23
CA LYS B 6 15.11 22.24 -2.06
C LYS B 6 13.61 21.94 -2.33
N TRP B 7 12.75 22.04 -1.28
CA TRP B 7 11.26 21.75 -1.42
C TRP B 7 10.57 22.85 -2.26
N ALA B 8 10.96 24.13 -2.01
CA ALA B 8 10.34 25.31 -2.74
C ALA B 8 10.73 25.35 -4.24
N SER B 9 11.83 24.65 -4.60
CA SER B 9 12.35 24.58 -6.02
C SER B 9 11.39 23.75 -6.91
N LEU B 10 10.74 22.74 -6.28
CA LEU B 10 9.78 21.79 -7.00
C LEU B 10 8.50 22.52 -7.50
N TRP B 11 8.16 23.69 -6.88
CA TRP B 11 6.92 24.51 -7.27
C TRP B 11 7.12 25.16 -8.68
N ASN B 12 8.40 25.49 -9.00
CA ASN B 12 8.80 26.17 -10.30
C ASN B 12 8.51 25.28 -11.57
N TRP B 13 8.92 23.97 -11.58
CA TRP B 13 8.67 23.01 -12.77
C TRP B 13 7.33 22.24 -12.52
N PHE B 14 6.92 22.16 -11.24
CA PHE B 14 5.61 21.54 -10.76
C PHE B 14 5.25 20.11 -11.33
N ASP B 15 6.06 19.52 -12.27
CA ASP B 15 5.74 18.15 -12.88
C ASP B 15 5.75 17.01 -11.80
N ILE B 16 6.86 16.92 -11.02
CA ILE B 16 7.05 15.87 -9.92
C ILE B 16 6.07 16.13 -8.76
N THR B 17 5.88 17.43 -8.43
CA THR B 17 5.01 17.88 -7.26
C THR B 17 3.54 17.38 -7.38
N ASN B 18 2.93 17.51 -8.60
CA ASN B 18 1.48 17.05 -8.84
C ASN B 18 1.36 15.52 -8.60
N TRP B 19 2.40 14.76 -9.03
CA TRP B 19 2.47 13.25 -8.86
C TRP B 19 2.76 12.88 -7.35
N LEU B 20 3.76 13.55 -6.73
CA LEU B 20 4.26 13.25 -5.32
C LEU B 20 3.29 13.71 -4.15
N TRP B 21 2.56 14.84 -4.33
CA TRP B 21 1.67 15.46 -3.23
C TRP B 21 0.28 14.77 -3.07
N TYR B 22 -0.15 13.91 -4.04
CA TYR B 22 -1.51 13.18 -4.01
C TYR B 22 -1.27 11.67 -3.81
N ILE B 23 0.01 11.24 -3.98
CA ILE B 23 0.47 9.82 -3.80
C ILE B 23 0.25 9.33 -2.33
N ARG B 24 0.42 10.26 -1.34
CA ARG B 24 0.20 9.93 0.14
C ARG B 24 -1.28 9.49 0.39
N ILE B 25 -2.22 10.23 -0.22
CA ILE B 25 -3.73 9.97 -0.12
C ILE B 25 -4.08 8.66 -0.86
N PHE B 26 -3.43 8.47 -2.01
CA PHE B 26 -3.67 7.32 -2.97
C PHE B 26 -3.56 5.92 -2.30
N ILE B 27 -2.74 5.82 -1.23
CA ILE B 27 -2.50 4.51 -0.47
C ILE B 27 -3.87 3.98 0.07
N ILE B 28 -4.58 4.90 0.74
CA ILE B 28 -5.95 4.65 1.36
C ILE B 28 -6.95 4.17 0.24
N ILE B 29 -6.88 4.82 -0.96
CA ILE B 29 -7.76 4.47 -2.18
C ILE B 29 -7.36 3.05 -2.72
N VAL B 30 -6.04 2.75 -2.77
CA VAL B 30 -5.50 1.41 -3.30
C VAL B 30 -5.91 0.24 -2.33
N GLY B 31 -6.66 0.58 -1.23
CA GLY B 31 -7.18 -0.43 -0.21
C GLY B 31 -8.69 -0.72 -0.38
N SER B 32 -9.42 0.12 -1.19
CA SER B 32 -10.94 -0.04 -1.41
C SER B 32 -11.30 -1.08 -2.51
N LEU B 33 -10.48 -1.19 -3.59
CA LEU B 33 -10.74 -2.18 -4.75
C LEU B 33 -10.60 -3.63 -4.27
N ILE B 34 -9.73 -3.88 -3.24
CA ILE B 34 -9.53 -5.30 -2.65
C ILE B 34 -10.80 -5.70 -1.83
N GLY B 35 -11.46 -4.71 -1.17
CA GLY B 35 -12.66 -4.99 -0.26
C GLY B 35 -13.85 -5.70 -0.98
N LEU B 36 -14.38 -5.08 -2.08
CA LEU B 36 -15.54 -5.67 -2.91
C LEU B 36 -15.09 -6.97 -3.63
N ARG B 37 -13.76 -7.10 -3.94
CA ARG B 37 -13.13 -8.28 -4.68
C ARG B 37 -13.62 -9.65 -4.13
N ILE B 38 -13.97 -9.65 -2.83
CA ILE B 38 -14.45 -10.87 -2.05
C ILE B 38 -15.70 -11.52 -2.78
N VAL B 39 -16.61 -10.68 -3.40
CA VAL B 39 -17.88 -11.21 -4.11
C VAL B 39 -17.52 -12.32 -5.15
N PHE B 40 -16.28 -12.28 -5.70
CA PHE B 40 -15.81 -13.28 -6.75
C PHE B 40 -15.99 -14.75 -6.23
N ALA B 41 -15.76 -14.92 -4.91
CA ALA B 41 -15.95 -16.25 -4.20
C ALA B 41 -17.45 -16.66 -4.20
N VAL B 42 -18.29 -15.69 -3.81
CA VAL B 42 -19.80 -15.84 -3.74
C VAL B 42 -20.40 -15.98 -5.17
N LEU B 43 -19.87 -15.18 -6.11
CA LEU B 43 -20.29 -15.15 -7.56
C LEU B 43 -19.89 -16.49 -8.25
N SER B 44 -18.87 -17.21 -7.70
CA SER B 44 -18.40 -18.55 -8.31
C SER B 44 -19.53 -19.62 -8.19
N LEU B 45 -20.34 -19.57 -7.11
CA LEU B 45 -21.49 -20.52 -6.87
C LEU B 45 -22.65 -20.18 -7.85
N VAL B 46 -22.74 -18.90 -8.25
CA VAL B 46 -23.80 -18.37 -9.20
C VAL B 46 -23.48 -18.83 -10.65
N ASN B 47 -22.16 -19.04 -10.95
CA ASN B 47 -21.69 -19.43 -12.36
C ASN B 47 -21.84 -20.96 -12.67
N ARG B 48 -21.72 -21.86 -11.63
CA ARG B 48 -21.77 -23.38 -11.84
C ARG B 48 -23.23 -23.92 -11.96
N VAL B 49 -24.19 -23.22 -11.31
CA VAL B 49 -25.65 -23.65 -11.23
C VAL B 49 -26.46 -23.27 -12.50
N ARG B 50 -25.83 -22.50 -13.44
CA ARG B 50 -26.49 -22.06 -14.74
C ARG B 50 -27.02 -23.30 -15.55
N GLN B 51 -27.95 -23.04 -16.51
CA GLN B 51 -28.58 -24.12 -17.38
C GLN B 51 -27.53 -24.73 -18.35
N LEU C 1 6.69 25.39 4.15
CA LEU C 1 7.52 24.91 3.00
C LEU C 1 8.60 23.94 3.57
N LEU C 2 8.19 23.15 4.61
CA LEU C 2 9.08 22.14 5.31
C LEU C 2 10.37 22.85 5.89
N GLU C 3 10.41 23.03 7.24
CA GLU C 3 11.57 23.70 8.00
C GLU C 3 11.81 22.90 9.32
N LEU C 4 13.08 22.80 9.79
CA LEU C 4 13.43 22.09 11.10
C LEU C 4 12.60 22.64 12.28
N ASP C 5 12.14 23.91 12.11
CA ASP C 5 11.29 24.65 13.12
C ASP C 5 9.85 24.10 13.10
N LYS C 6 9.35 23.84 11.87
CA LYS C 6 7.93 23.32 11.61
C LYS C 6 7.74 21.92 12.26
N TRP C 7 8.75 21.04 12.08
CA TRP C 7 8.75 19.63 12.64
C TRP C 7 8.78 19.65 14.20
N ALA C 8 9.75 20.42 14.76
CA ALA C 8 9.96 20.54 16.27
C ALA C 8 8.78 21.24 16.97
N SER C 9 8.18 22.26 16.31
CA SER C 9 6.99 23.04 16.87
C SER C 9 5.75 22.11 16.93
N LEU C 10 5.68 21.16 15.98
CA LEU C 10 4.53 20.14 15.86
C LEU C 10 4.48 19.21 17.11
N TRP C 11 5.61 19.11 17.85
CA TRP C 11 5.70 18.19 19.08
C TRP C 11 4.78 18.72 20.22
N ASN C 12 4.24 19.95 20.03
CA ASN C 12 3.31 20.64 21.02
C ASN C 12 1.83 20.25 20.70
N TRP C 13 1.56 19.72 19.47
CA TRP C 13 0.16 19.31 19.01
C TRP C 13 -0.17 17.88 19.55
N PHE C 14 0.91 17.12 19.87
CA PHE C 14 0.86 15.73 20.48
C PHE C 14 0.03 14.64 19.68
N ASP C 15 -1.32 14.62 19.87
CA ASP C 15 -2.24 13.53 19.30
C ASP C 15 -2.19 13.39 17.75
N ILE C 16 -2.43 14.51 17.01
CA ILE C 16 -2.44 14.51 15.48
C ILE C 16 -1.00 14.27 14.94
N THR C 17 0.06 14.67 15.72
CA THR C 17 1.51 14.48 15.28
C THR C 17 1.83 12.97 15.10
N ASN C 18 1.18 12.12 15.95
CA ASN C 18 1.36 10.61 15.93
C ASN C 18 0.96 10.00 14.55
N TRP C 19 0.05 10.69 13.82
CA TRP C 19 -0.44 10.24 12.45
C TRP C 19 0.65 10.46 11.36
N LEU C 20 1.27 11.65 11.37
CA LEU C 20 2.23 12.12 10.25
C LEU C 20 3.56 11.35 10.10
N TRP C 21 4.05 10.61 11.15
CA TRP C 21 5.39 9.82 11.09
C TRP C 21 5.17 8.28 11.07
N TYR C 22 4.04 7.82 11.65
CA TYR C 22 3.72 6.33 11.77
C TYR C 22 3.21 5.75 10.42
N ILE C 23 2.98 6.60 9.35
CA ILE C 23 2.49 6.09 8.00
C ILE C 23 3.40 4.96 7.42
N ARG C 24 4.74 5.07 7.65
CA ARG C 24 5.76 4.08 7.11
C ARG C 24 5.41 2.62 7.52
N ILE C 25 5.11 2.40 8.82
CA ILE C 25 4.70 1.03 9.35
C ILE C 25 3.30 0.68 8.78
N PHE C 26 2.41 1.68 8.80
CA PHE C 26 0.96 1.55 8.33
C PHE C 26 0.89 1.01 6.86
N ILE C 27 1.86 1.46 6.03
CA ILE C 27 1.99 1.06 4.55
C ILE C 27 2.18 -0.51 4.46
N ILE C 28 3.00 -1.07 5.38
CA ILE C 28 3.33 -2.57 5.45
C ILE C 28 2.00 -3.40 5.67
N ILE C 29 1.17 -2.91 6.62
CA ILE C 29 -0.15 -3.55 7.05
C ILE C 29 -1.10 -3.75 5.83
N VAL C 30 -1.12 -2.72 4.94
CA VAL C 30 -1.99 -2.72 3.68
C VAL C 30 -1.50 -3.82 2.68
N GLY C 31 -0.45 -4.60 3.07
CA GLY C 31 0.11 -5.75 2.25
C GLY C 31 -0.37 -7.12 2.78
N SER C 32 -0.72 -7.18 4.10
CA SER C 32 -1.18 -8.47 4.81
C SER C 32 -2.72 -8.68 4.72
N LEU C 33 -3.49 -7.58 4.76
CA LEU C 33 -5.02 -7.59 4.72
C LEU C 33 -5.57 -8.36 3.49
N ILE C 34 -4.78 -8.39 2.35
CA ILE C 34 -5.19 -9.11 1.05
C ILE C 34 -4.80 -10.64 1.06
N GLY C 35 -3.61 -11.00 1.63
CA GLY C 35 -3.11 -12.44 1.65
C GLY C 35 -4.06 -13.47 2.33
N LEU C 36 -4.72 -13.12 3.47
CA LEU C 36 -5.69 -14.09 4.20
C LEU C 36 -6.96 -14.39 3.32
N ARG C 37 -7.40 -13.40 2.46
CA ARG C 37 -8.64 -13.55 1.53
C ARG C 37 -8.61 -14.90 0.74
N ILE C 38 -7.40 -15.34 0.41
CA ILE C 38 -7.11 -16.61 -0.41
C ILE C 38 -7.74 -17.86 0.32
N VAL C 39 -7.69 -17.90 1.68
CA VAL C 39 -8.24 -19.06 2.53
C VAL C 39 -9.74 -19.32 2.22
N PHE C 40 -10.50 -18.28 1.75
CA PHE C 40 -11.98 -18.41 1.40
C PHE C 40 -12.19 -19.56 0.37
N ALA C 41 -11.18 -19.77 -0.50
CA ALA C 41 -11.24 -20.84 -1.59
C ALA C 41 -11.55 -22.26 -0.96
N VAL C 42 -10.94 -22.61 0.23
CA VAL C 42 -11.27 -23.97 0.91
C VAL C 42 -12.73 -23.96 1.44
N LEU C 43 -13.17 -22.80 2.01
CA LEU C 43 -14.58 -22.60 2.56
C LEU C 43 -15.63 -22.66 1.41
N SER C 44 -15.20 -22.34 0.16
CA SER C 44 -16.14 -22.39 -1.06
C SER C 44 -16.61 -23.84 -1.34
N LEU C 45 -15.74 -24.84 -1.04
CA LEU C 45 -16.06 -26.33 -1.26
C LEU C 45 -17.08 -26.78 -0.18
N VAL C 46 -16.93 -26.19 1.04
CA VAL C 46 -17.83 -26.48 2.23
C VAL C 46 -19.25 -25.91 1.94
N ASN C 47 -19.31 -24.80 1.15
CA ASN C 47 -20.61 -24.12 0.78
C ASN C 47 -21.45 -25.00 -0.20
N ARG C 48 -20.78 -25.91 -0.96
CA ARG C 48 -21.50 -26.82 -1.95
C ARG C 48 -22.23 -27.97 -1.19
N VAL C 49 -21.60 -28.48 -0.10
CA VAL C 49 -22.18 -29.62 0.74
C VAL C 49 -23.21 -29.04 1.77
N ARG C 50 -22.88 -27.83 2.30
CA ARG C 50 -23.72 -27.05 3.33
C ARG C 50 -24.67 -27.94 4.22
N GLN C 51 -24.21 -28.33 5.44
CA GLN C 51 -25.02 -29.19 6.41
C GLN C 51 -26.28 -28.41 6.90
N LEU A 1 14.94 19.38 13.97
CA LEU A 1 14.91 17.95 14.38
C LEU A 1 15.63 17.14 13.27
N LEU A 2 15.40 17.56 12.00
CA LEU A 2 16.08 16.96 10.76
C LEU A 2 17.31 17.89 10.46
N GLU A 3 17.31 18.65 9.33
CA GLU A 3 18.41 19.63 8.90
C GLU A 3 19.44 18.95 7.96
N LEU A 4 20.22 19.82 7.27
CA LEU A 4 21.30 19.44 6.25
C LEU A 4 22.32 18.43 6.82
N ASP A 5 22.68 18.66 8.08
CA ASP A 5 23.68 17.81 8.84
C ASP A 5 23.13 16.40 9.16
N LYS A 6 21.80 16.30 9.39
CA LYS A 6 21.13 14.97 9.75
C LYS A 6 21.09 14.01 8.55
N TRP A 7 20.75 14.55 7.34
CA TRP A 7 20.65 13.70 6.07
C TRP A 7 22.06 13.19 5.65
N ALA A 8 23.05 14.10 5.73
CA ALA A 8 24.50 13.78 5.32
C ALA A 8 25.15 12.70 6.22
N SER A 9 24.72 12.65 7.50
CA SER A 9 25.27 11.66 8.53
C SER A 9 24.94 10.19 8.14
N LEU A 10 23.78 9.99 7.47
CA LEU A 10 23.29 8.62 7.04
C LEU A 10 24.19 7.96 5.93
N TRP A 11 24.97 8.75 5.16
CA TRP A 11 25.85 8.19 4.04
C TRP A 11 27.06 7.36 4.57
N ASN A 12 27.40 7.49 5.88
CA ASN A 12 28.61 6.77 6.49
C ASN A 12 28.38 5.21 6.63
N TRP A 13 27.23 4.74 7.21
CA TRP A 13 26.90 3.22 7.39
C TRP A 13 25.85 2.79 6.31
N PHE A 14 25.11 3.79 5.81
CA PHE A 14 24.07 3.66 4.70
C PHE A 14 23.20 2.35 4.66
N ASP A 15 23.17 1.54 5.76
CA ASP A 15 22.36 0.25 5.80
C ASP A 15 20.84 0.54 5.68
N ILE A 16 20.34 1.44 6.56
CA ILE A 16 18.87 1.88 6.59
C ILE A 16 18.52 2.72 5.34
N THR A 17 19.52 3.51 4.87
CA THR A 17 19.35 4.46 3.69
C THR A 17 18.93 3.74 2.39
N ASN A 18 19.61 2.61 2.09
CA ASN A 18 19.31 1.80 0.83
C ASN A 18 17.84 1.29 0.85
N TRP A 19 17.36 0.86 2.05
CA TRP A 19 15.94 0.33 2.25
C TRP A 19 14.90 1.49 2.09
N LEU A 20 15.11 2.69 2.73
CA LEU A 20 14.09 3.84 2.64
C LEU A 20 14.00 4.46 1.22
N TRP A 21 15.04 4.33 0.35
CA TRP A 21 15.06 4.95 -1.05
C TRP A 21 14.43 4.02 -2.12
N TYR A 22 13.67 2.96 -1.68
CA TYR A 22 12.93 1.99 -2.64
C TYR A 22 11.50 1.70 -2.14
N ILE A 23 11.08 2.28 -0.99
CA ILE A 23 9.68 2.08 -0.42
C ILE A 23 8.62 2.77 -1.34
N ARG A 24 8.98 3.95 -1.93
CA ARG A 24 8.05 4.71 -2.87
C ARG A 24 7.59 3.79 -4.04
N ILE A 25 8.58 3.06 -4.60
CA ILE A 25 8.37 2.05 -5.73
C ILE A 25 7.48 0.88 -5.18
N PHE A 26 7.86 0.41 -3.97
CA PHE A 26 7.17 -0.76 -3.27
C PHE A 26 5.66 -0.49 -2.99
N ILE A 27 5.34 0.77 -2.63
CA ILE A 27 3.92 1.24 -2.30
C ILE A 27 2.96 0.98 -3.52
N ILE A 28 3.38 1.37 -4.75
CA ILE A 28 2.55 1.21 -6.03
C ILE A 28 2.36 -0.32 -6.41
N ILE A 29 3.44 -1.13 -6.28
CA ILE A 29 3.46 -2.63 -6.63
C ILE A 29 2.37 -3.43 -5.85
N VAL A 30 2.13 -3.14 -4.54
CA VAL A 30 1.12 -3.93 -3.69
C VAL A 30 -0.32 -3.68 -4.24
N GLY A 31 -0.45 -2.72 -5.19
CA GLY A 31 -1.76 -2.39 -5.89
C GLY A 31 -2.01 -3.38 -7.06
N SER A 32 -0.90 -3.86 -7.68
CA SER A 32 -0.96 -4.84 -8.86
C SER A 32 -1.20 -6.28 -8.37
N LEU A 33 -0.77 -6.58 -7.13
CA LEU A 33 -0.87 -7.96 -6.49
C LEU A 33 -2.34 -8.44 -6.39
N ILE A 34 -3.22 -7.55 -5.86
CA ILE A 34 -4.70 -7.85 -5.62
C ILE A 34 -5.47 -8.18 -6.93
N GLY A 35 -5.29 -7.40 -8.02
CA GLY A 35 -6.02 -7.62 -9.32
C GLY A 35 -5.75 -9.02 -9.93
N LEU A 36 -4.49 -9.48 -9.77
CA LEU A 36 -3.96 -10.81 -10.32
C LEU A 36 -4.76 -12.04 -9.73
N ARG A 37 -5.04 -12.01 -8.42
CA ARG A 37 -5.80 -13.09 -7.64
C ARG A 37 -7.15 -13.56 -8.28
N ILE A 38 -7.88 -12.66 -8.98
CA ILE A 38 -9.28 -12.97 -9.53
C ILE A 38 -9.31 -14.25 -10.46
N VAL A 39 -8.28 -14.46 -11.33
CA VAL A 39 -8.22 -15.65 -12.31
C VAL A 39 -8.34 -17.00 -11.55
N PHE A 40 -7.95 -17.02 -10.26
CA PHE A 40 -8.05 -18.28 -9.37
C PHE A 40 -9.52 -18.79 -9.40
N ALA A 41 -10.46 -17.84 -9.52
CA ALA A 41 -11.95 -18.14 -9.55
C ALA A 41 -12.29 -19.18 -10.69
N VAL A 42 -11.76 -19.00 -11.95
CA VAL A 42 -12.02 -20.03 -13.08
C VAL A 42 -11.30 -21.38 -12.78
N LEU A 43 -10.10 -21.30 -12.10
CA LEU A 43 -9.27 -22.53 -11.71
C LEU A 43 -10.01 -23.34 -10.61
N SER A 44 -10.91 -22.67 -9.82
CA SER A 44 -11.74 -23.37 -8.74
C SER A 44 -12.71 -24.41 -9.37
N LEU A 45 -13.16 -24.10 -10.62
CA LEU A 45 -14.12 -25.01 -11.41
C LEU A 45 -13.33 -26.26 -11.84
N VAL A 46 -12.08 -26.02 -12.30
CA VAL A 46 -11.10 -27.11 -12.74
C VAL A 46 -10.73 -28.01 -11.52
N ASN A 47 -10.86 -27.45 -10.28
CA ASN A 47 -10.52 -28.19 -9.00
C ASN A 47 -11.67 -29.15 -8.58
N ARG A 48 -12.85 -29.09 -9.27
CA ARG A 48 -14.06 -29.97 -8.94
C ARG A 48 -13.85 -31.47 -9.37
N VAL A 49 -13.25 -31.69 -10.56
CA VAL A 49 -13.08 -33.07 -11.19
C VAL A 49 -11.85 -33.86 -10.67
N ARG A 50 -11.27 -33.44 -9.50
CA ARG A 50 -10.07 -34.17 -8.87
C ARG A 50 -10.59 -35.48 -8.21
N GLN A 51 -9.70 -36.51 -8.08
CA GLN A 51 -10.03 -37.86 -7.47
C GLN A 51 -10.37 -37.73 -5.97
N LEU B 1 22.77 17.18 -1.20
CA LEU B 1 22.04 16.87 0.06
C LEU B 1 20.83 17.86 0.13
N LEU B 2 19.70 17.46 0.77
CA LEU B 2 18.45 18.33 0.89
C LEU B 2 18.77 19.66 1.61
N GLU B 3 17.88 20.66 1.42
CA GLU B 3 18.00 22.06 1.98
C GLU B 3 16.63 22.78 1.74
N LEU B 4 16.26 23.83 2.55
CA LEU B 4 14.90 24.54 2.39
C LEU B 4 14.75 25.20 1.00
N ASP B 5 15.86 25.71 0.45
CA ASP B 5 15.89 26.37 -0.92
C ASP B 5 15.78 25.32 -2.06
N LYS B 6 16.18 24.05 -1.76
CA LYS B 6 16.12 22.92 -2.80
C LYS B 6 14.64 22.53 -3.06
N TRP B 7 13.83 22.46 -1.97
CA TRP B 7 12.34 22.10 -2.06
C TRP B 7 11.56 23.17 -2.88
N ALA B 8 11.68 24.43 -2.44
CA ALA B 8 10.97 25.62 -3.08
C ALA B 8 11.26 25.76 -4.61
N SER B 9 12.41 25.20 -5.06
CA SER B 9 12.83 25.26 -6.51
C SER B 9 11.92 24.40 -7.43
N LEU B 10 11.38 23.26 -6.89
CA LEU B 10 10.48 22.32 -7.70
C LEU B 10 9.07 22.95 -7.91
N TRP B 11 8.73 24.04 -7.19
CA TRP B 11 7.33 24.67 -7.28
C TRP B 11 7.10 25.31 -8.69
N ASN B 12 8.18 25.82 -9.34
CA ASN B 12 8.08 26.46 -10.73
C ASN B 12 8.03 25.37 -11.85
N TRP B 13 8.36 24.09 -11.49
CA TRP B 13 8.32 22.91 -12.47
C TRP B 13 6.84 22.39 -12.57
N PHE B 14 6.07 22.71 -11.50
CA PHE B 14 4.59 22.37 -11.31
C PHE B 14 4.17 20.87 -11.54
N ASP B 15 4.54 20.27 -12.70
CA ASP B 15 4.10 18.87 -13.10
C ASP B 15 4.56 17.75 -12.09
N ILE B 16 5.87 17.71 -11.77
CA ILE B 16 6.47 16.67 -10.82
C ILE B 16 6.00 16.88 -9.37
N THR B 17 5.92 18.15 -8.93
CA THR B 17 5.54 18.53 -7.50
C THR B 17 4.10 18.08 -7.14
N ASN B 18 3.13 18.28 -8.09
CA ASN B 18 1.68 17.91 -7.84
C ASN B 18 1.53 16.35 -7.72
N TRP B 19 2.38 15.63 -8.49
CA TRP B 19 2.43 14.11 -8.50
C TRP B 19 3.08 13.58 -7.17
N LEU B 20 4.20 14.19 -6.76
CA LEU B 20 5.00 13.76 -5.50
C LEU B 20 4.27 14.07 -4.16
N TRP B 21 3.04 14.72 -4.19
CA TRP B 21 2.29 15.13 -2.89
C TRP B 21 0.76 14.77 -2.92
N TYR B 22 0.20 14.35 -4.09
CA TYR B 22 -1.29 13.97 -4.23
C TYR B 22 -1.47 12.44 -4.07
N ILE B 23 -0.43 11.64 -4.44
CA ILE B 23 -0.48 10.12 -4.34
C ILE B 23 -0.74 9.64 -2.88
N ARG B 24 -0.22 10.39 -1.87
CA ARG B 24 -0.33 9.98 -0.40
C ARG B 24 -1.81 9.69 -0.03
N ILE B 25 -2.71 10.56 -0.53
CA ILE B 25 -4.21 10.44 -0.32
C ILE B 25 -4.72 9.18 -1.09
N PHE B 26 -4.15 8.99 -2.29
CA PHE B 26 -4.54 7.87 -3.25
C PHE B 26 -4.26 6.46 -2.67
N ILE B 27 -3.18 6.28 -1.85
CA ILE B 27 -2.81 4.90 -1.28
C ILE B 27 -3.98 4.35 -0.41
N ILE B 28 -4.64 5.27 0.33
CA ILE B 28 -5.84 4.92 1.24
C ILE B 28 -7.01 4.40 0.36
N ILE B 29 -7.28 5.12 -0.78
CA ILE B 29 -8.39 4.74 -1.76
C ILE B 29 -8.08 3.34 -2.37
N VAL B 30 -6.79 3.11 -2.71
CA VAL B 30 -6.28 1.78 -3.28
C VAL B 30 -6.31 0.68 -2.17
N GLY B 31 -6.74 1.05 -0.92
CA GLY B 31 -6.87 0.08 0.25
C GLY B 31 -8.33 -0.38 0.43
N SER B 32 -9.27 0.19 -0.37
CA SER B 32 -10.76 -0.12 -0.30
C SER B 32 -11.17 -1.36 -1.16
N LEU B 33 -10.49 -1.53 -2.33
CA LEU B 33 -10.80 -2.65 -3.32
C LEU B 33 -10.63 -4.08 -2.67
N ILE B 34 -9.70 -4.24 -1.70
CA ILE B 34 -9.41 -5.59 -1.05
C ILE B 34 -10.61 -6.05 -0.14
N GLY B 35 -11.20 -5.13 0.68
CA GLY B 35 -12.38 -5.48 1.59
C GLY B 35 -13.62 -5.91 0.75
N LEU B 36 -13.76 -5.24 -0.40
CA LEU B 36 -14.85 -5.44 -1.44
C LEU B 36 -14.71 -6.85 -2.11
N ARG B 37 -13.46 -7.30 -2.24
CA ARG B 37 -13.05 -8.63 -2.89
C ARG B 37 -13.84 -9.88 -2.39
N ILE B 38 -14.22 -9.91 -1.10
CA ILE B 38 -14.89 -11.11 -0.42
C ILE B 38 -16.22 -11.56 -1.13
N VAL B 39 -17.07 -10.59 -1.60
CA VAL B 39 -18.44 -10.91 -2.23
C VAL B 39 -18.31 -11.91 -3.41
N PHE B 40 -17.14 -11.92 -4.10
CA PHE B 40 -16.85 -12.87 -5.26
C PHE B 40 -17.06 -14.35 -4.78
N ALA B 41 -16.76 -14.60 -3.49
CA ALA B 41 -16.93 -15.97 -2.86
C ALA B 41 -18.40 -16.48 -3.05
N VAL B 42 -19.43 -15.58 -2.84
CA VAL B 42 -20.90 -15.97 -3.06
C VAL B 42 -21.15 -16.20 -4.58
N LEU B 43 -20.49 -15.37 -5.45
CA LEU B 43 -20.63 -15.44 -6.97
C LEU B 43 -20.24 -16.86 -7.48
N SER B 44 -19.34 -17.56 -6.75
CA SER B 44 -18.86 -18.95 -7.14
C SER B 44 -20.04 -19.97 -7.13
N LEU B 45 -21.03 -19.77 -6.23
CA LEU B 45 -22.24 -20.68 -6.12
C LEU B 45 -23.26 -20.32 -7.22
N VAL B 46 -23.24 -19.03 -7.64
CA VAL B 46 -24.14 -18.48 -8.75
C VAL B 46 -23.61 -18.98 -10.11
N ASN B 47 -22.25 -19.19 -10.22
CA ASN B 47 -21.61 -19.64 -11.53
C ASN B 47 -22.10 -21.08 -11.90
N ARG B 48 -22.53 -21.87 -10.87
CA ARG B 48 -23.09 -23.27 -11.10
C ARG B 48 -24.53 -23.16 -11.68
N VAL B 49 -25.24 -22.07 -11.31
CA VAL B 49 -26.68 -21.78 -11.75
C VAL B 49 -26.67 -21.12 -13.17
N ARG B 50 -25.52 -20.49 -13.55
CA ARG B 50 -25.35 -19.81 -14.91
C ARG B 50 -25.32 -20.89 -16.02
N GLN B 51 -25.70 -20.52 -17.27
CA GLN B 51 -25.73 -21.46 -18.47
C GLN B 51 -25.80 -20.62 -19.78
N LEU C 1 11.62 24.88 1.96
CA LEU C 1 10.72 25.73 2.79
C LEU C 1 10.49 25.02 4.15
N LEU C 2 10.83 23.69 4.20
CA LEU C 2 10.74 22.85 5.46
C LEU C 2 11.99 23.21 6.32
N GLU C 3 11.87 23.08 7.66
CA GLU C 3 12.98 23.45 8.64
C GLU C 3 12.69 22.81 10.03
N LEU C 4 13.70 22.88 10.93
CA LEU C 4 13.63 22.32 12.36
C LEU C 4 12.38 22.86 13.08
N ASP C 5 12.09 24.12 12.79
CA ASP C 5 10.92 24.88 13.38
C ASP C 5 9.57 24.32 12.86
N LYS C 6 9.53 23.99 11.56
CA LYS C 6 8.28 23.44 10.89
C LYS C 6 7.99 21.98 11.37
N TRP C 7 9.04 21.12 11.38
CA TRP C 7 8.91 19.67 11.82
C TRP C 7 8.66 19.57 13.35
N ALA C 8 9.30 20.46 14.15
CA ALA C 8 9.15 20.45 15.68
C ALA C 8 7.75 20.98 16.11
N SER C 9 7.19 21.91 15.33
CA SER C 9 5.81 22.54 15.59
C SER C 9 4.69 21.49 15.36
N LEU C 10 4.96 20.57 14.41
CA LEU C 10 4.00 19.47 13.97
C LEU C 10 3.54 18.55 15.18
N TRP C 11 4.46 18.24 16.13
CA TRP C 11 4.14 17.30 17.34
C TRP C 11 3.35 18.02 18.46
N ASN C 12 3.29 19.37 18.40
CA ASN C 12 2.62 20.21 19.49
C ASN C 12 1.07 20.22 19.39
N TRP C 13 0.50 20.46 18.18
CA TRP C 13 -1.00 20.61 17.96
C TRP C 13 -1.80 19.27 17.87
N PHE C 14 -1.16 18.07 17.71
CA PHE C 14 -1.97 16.73 17.61
C PHE C 14 -1.06 15.44 17.50
N ASP C 15 -1.59 14.34 18.10
CA ASP C 15 -1.04 12.93 18.13
C ASP C 15 -1.02 12.32 16.70
N ILE C 16 -1.98 12.75 15.85
CA ILE C 16 -2.18 12.21 14.41
C ILE C 16 -0.85 12.34 13.63
N THR C 17 0.00 13.28 14.09
CA THR C 17 1.36 13.57 13.50
C THR C 17 2.19 12.29 13.48
N ASN C 18 1.96 11.39 14.47
CA ASN C 18 2.81 10.12 14.57
C ASN C 18 2.69 9.29 13.24
N TRP C 19 1.45 9.18 12.72
CA TRP C 19 1.12 8.45 11.41
C TRP C 19 1.94 9.08 10.20
N LEU C 20 2.08 10.43 10.16
CA LEU C 20 2.85 11.17 9.04
C LEU C 20 4.38 10.84 9.07
N TRP C 21 4.95 10.63 10.27
CA TRP C 21 6.44 10.30 10.46
C TRP C 21 6.76 8.93 9.80
N TYR C 22 5.75 8.03 9.73
CA TYR C 22 5.95 6.66 9.10
C TYR C 22 4.60 6.02 8.69
N ILE C 23 3.98 6.58 7.64
CA ILE C 23 2.68 6.05 7.02
C ILE C 23 2.90 4.56 6.64
N ARG C 24 4.17 4.30 6.25
CA ARG C 24 4.67 2.97 5.76
C ARG C 24 4.31 1.85 6.76
N ILE C 25 4.23 2.16 8.10
CA ILE C 25 3.81 1.10 9.13
C ILE C 25 2.40 0.62 8.70
N PHE C 26 1.53 1.63 8.42
CA PHE C 26 0.08 1.45 8.04
C PHE C 26 -0.09 0.57 6.75
N ILE C 27 0.68 0.87 5.67
CA ILE C 27 0.57 0.13 4.34
C ILE C 27 0.95 -1.38 4.47
N ILE C 28 2.05 -1.70 5.21
CA ILE C 28 2.53 -3.15 5.39
C ILE C 28 1.37 -4.00 6.05
N ILE C 29 0.62 -3.46 7.07
CA ILE C 29 -0.56 -4.24 7.73
C ILE C 29 -1.62 -4.60 6.62
N VAL C 30 -1.93 -3.62 5.72
CA VAL C 30 -2.93 -3.80 4.57
C VAL C 30 -2.34 -4.81 3.54
N GLY C 31 -1.03 -5.14 3.72
CA GLY C 31 -0.27 -6.13 2.86
C GLY C 31 -0.49 -7.58 3.33
N SER C 32 -1.08 -7.77 4.54
CA SER C 32 -1.37 -9.14 5.16
C SER C 32 -2.76 -9.65 4.70
N LEU C 33 -3.72 -8.70 4.53
CA LEU C 33 -5.17 -9.01 4.11
C LEU C 33 -5.24 -9.75 2.74
N ILE C 34 -4.37 -9.35 1.77
CA ILE C 34 -4.36 -9.93 0.36
C ILE C 34 -3.92 -11.43 0.35
N GLY C 35 -2.84 -11.79 1.09
CA GLY C 35 -2.31 -13.22 1.13
C GLY C 35 -3.36 -14.20 1.71
N LEU C 36 -4.12 -13.71 2.68
CA LEU C 36 -5.22 -14.45 3.43
C LEU C 36 -6.36 -14.91 2.45
N ARG C 37 -6.63 -14.13 1.37
CA ARG C 37 -7.72 -14.45 0.33
C ARG C 37 -7.53 -15.84 -0.38
N ILE C 38 -6.27 -16.28 -0.68
CA ILE C 38 -6.02 -17.64 -1.41
C ILE C 38 -6.63 -18.83 -0.59
N VAL C 39 -6.48 -18.77 0.76
CA VAL C 39 -6.96 -19.85 1.74
C VAL C 39 -8.49 -20.12 1.55
N PHE C 40 -9.28 -19.11 1.12
CA PHE C 40 -10.79 -19.29 0.84
C PHE C 40 -11.00 -20.41 -0.21
N ALA C 41 -10.04 -20.56 -1.14
CA ALA C 41 -10.11 -21.61 -2.24
C ALA C 41 -10.30 -23.04 -1.62
N VAL C 42 -9.66 -23.31 -0.42
CA VAL C 42 -9.84 -24.65 0.32
C VAL C 42 -11.30 -24.72 0.88
N LEU C 43 -11.80 -23.55 1.40
CA LEU C 43 -13.20 -23.41 2.00
C LEU C 43 -14.29 -23.68 0.91
N SER C 44 -13.93 -23.48 -0.39
CA SER C 44 -14.90 -23.73 -1.55
C SER C 44 -15.27 -25.23 -1.63
N LEU C 45 -14.29 -26.10 -1.31
CA LEU C 45 -14.46 -27.62 -1.33
C LEU C 45 -15.32 -28.07 -0.11
N VAL C 46 -15.37 -27.21 0.93
CA VAL C 46 -16.17 -27.44 2.20
C VAL C 46 -17.61 -26.90 1.95
N ASN C 47 -17.71 -25.87 1.07
CA ASN C 47 -19.01 -25.17 0.73
C ASN C 47 -19.95 -26.04 -0.16
N ARG C 48 -19.39 -26.94 -1.04
CA ARG C 48 -20.25 -27.79 -1.98
C ARG C 48 -21.00 -28.91 -1.21
N VAL C 49 -20.55 -29.21 0.03
CA VAL C 49 -21.16 -30.28 0.94
C VAL C 49 -22.23 -29.63 1.85
N ARG C 50 -22.08 -28.31 2.13
CA ARG C 50 -23.01 -27.51 3.04
C ARG C 50 -24.50 -27.60 2.58
N GLN C 51 -24.75 -27.52 1.24
CA GLN C 51 -26.16 -27.61 0.65
C GLN C 51 -26.78 -29.01 0.95
N LEU A 1 15.30 20.57 14.75
CA LEU A 1 15.10 19.10 14.77
C LEU A 1 15.93 18.50 13.59
N LEU A 2 15.30 18.38 12.37
CA LEU A 2 15.99 17.85 11.11
C LEU A 2 16.92 18.96 10.55
N GLU A 3 17.75 18.61 9.53
CA GLU A 3 18.69 19.59 8.84
C GLU A 3 19.37 18.91 7.62
N LEU A 4 19.99 19.76 6.76
CA LEU A 4 20.72 19.34 5.48
C LEU A 4 21.82 18.32 5.79
N ASP A 5 22.51 18.59 6.90
CA ASP A 5 23.65 17.76 7.43
C ASP A 5 23.18 16.35 7.88
N LYS A 6 21.93 16.25 8.40
CA LYS A 6 21.35 14.93 8.91
C LYS A 6 21.06 13.94 7.75
N TRP A 7 20.41 14.45 6.68
CA TRP A 7 20.03 13.60 5.46
C TRP A 7 21.30 13.13 4.71
N ALA A 8 22.37 13.95 4.76
CA ALA A 8 23.71 13.63 4.06
C ALA A 8 24.56 12.68 4.94
N SER A 9 24.53 12.90 6.27
CA SER A 9 25.29 12.06 7.28
C SER A 9 24.70 10.62 7.29
N LEU A 10 23.38 10.54 7.02
CA LEU A 10 22.59 9.23 7.00
C LEU A 10 23.19 8.24 5.95
N TRP A 11 24.02 8.74 4.98
CA TRP A 11 24.65 7.85 3.90
C TRP A 11 25.71 6.87 4.52
N ASN A 12 26.38 7.27 5.65
CA ASN A 12 27.45 6.39 6.32
C ASN A 12 26.83 5.10 6.92
N TRP A 13 25.48 5.08 7.05
CA TRP A 13 24.70 3.90 7.62
C TRP A 13 24.54 2.84 6.49
N PHE A 14 24.64 3.33 5.23
CA PHE A 14 24.59 2.51 3.97
C PHE A 14 23.36 1.54 3.81
N ASP A 15 23.36 0.41 4.58
CA ASP A 15 22.33 -0.69 4.45
C ASP A 15 20.85 -0.24 4.66
N ILE A 16 20.54 0.42 5.82
CA ILE A 16 19.10 0.90 6.10
C ILE A 16 18.69 2.07 5.17
N THR A 17 19.66 2.94 4.77
CA THR A 17 19.34 4.15 3.88
C THR A 17 18.72 3.67 2.54
N ASN A 18 19.18 2.48 2.07
CA ASN A 18 18.67 1.86 0.78
C ASN A 18 17.15 1.48 0.92
N TRP A 19 16.81 0.82 2.05
CA TRP A 19 15.38 0.38 2.38
C TRP A 19 14.52 1.63 2.79
N LEU A 20 15.05 2.48 3.69
CA LEU A 20 14.29 3.69 4.27
C LEU A 20 13.99 4.80 3.23
N TRP A 21 14.53 4.69 1.98
CA TRP A 21 14.30 5.71 0.86
C TRP A 21 13.50 5.06 -0.30
N TYR A 22 13.61 3.72 -0.45
CA TYR A 22 12.94 2.93 -1.58
C TYR A 22 11.48 2.51 -1.25
N ILE A 23 10.95 2.75 0.01
CA ILE A 23 9.51 2.32 0.38
C ILE A 23 8.45 2.88 -0.61
N ARG A 24 8.57 4.19 -0.98
CA ARG A 24 7.57 4.89 -1.88
C ARG A 24 7.41 4.14 -3.25
N ILE A 25 8.55 3.62 -3.78
CA ILE A 25 8.56 2.78 -5.05
C ILE A 25 7.88 1.43 -4.73
N PHE A 26 8.34 0.83 -3.60
CA PHE A 26 7.88 -0.54 -3.08
C PHE A 26 6.35 -0.58 -2.87
N ILE A 27 5.77 0.58 -2.50
CA ILE A 27 4.28 0.77 -2.24
C ILE A 27 3.48 0.38 -3.55
N ILE A 28 4.02 0.82 -4.71
CA ILE A 28 3.39 0.57 -6.08
C ILE A 28 3.41 -0.97 -6.42
N ILE A 29 4.54 -1.67 -6.11
CA ILE A 29 4.70 -3.19 -6.39
C ILE A 29 3.53 -3.97 -5.69
N VAL A 30 3.18 -3.57 -4.44
CA VAL A 30 2.07 -4.23 -3.64
C VAL A 30 0.70 -3.95 -4.34
N GLY A 31 0.69 -2.94 -5.26
CA GLY A 31 -0.52 -2.55 -6.08
C GLY A 31 -0.74 -3.52 -7.25
N SER A 32 0.39 -4.04 -7.80
CA SER A 32 0.37 -5.03 -8.97
C SER A 32 0.00 -6.44 -8.48
N LEU A 33 0.44 -6.74 -7.24
CA LEU A 33 0.26 -8.09 -6.58
C LEU A 33 -1.23 -8.52 -6.50
N ILE A 34 -2.04 -7.66 -5.85
CA ILE A 34 -3.51 -7.87 -5.57
C ILE A 34 -4.38 -8.11 -6.86
N GLY A 35 -4.22 -7.31 -7.94
CA GLY A 35 -5.04 -7.48 -9.22
C GLY A 35 -4.86 -8.88 -9.88
N LEU A 36 -3.62 -9.40 -9.79
CA LEU A 36 -3.20 -10.78 -10.36
C LEU A 36 -4.06 -11.88 -9.66
N ARG A 37 -4.31 -11.72 -8.35
CA ARG A 37 -5.18 -12.67 -7.51
C ARG A 37 -6.64 -12.83 -8.06
N ILE A 38 -7.22 -11.77 -8.68
CA ILE A 38 -8.66 -11.76 -9.25
C ILE A 38 -8.80 -12.93 -10.29
N VAL A 39 -7.73 -13.13 -11.05
CA VAL A 39 -7.59 -14.19 -12.14
C VAL A 39 -7.92 -15.60 -11.57
N PHE A 40 -7.71 -15.80 -10.24
CA PHE A 40 -8.00 -17.13 -9.53
C PHE A 40 -9.47 -17.56 -9.79
N ALA A 41 -10.38 -16.57 -9.96
CA ALA A 41 -11.86 -16.86 -10.22
C ALA A 41 -12.01 -17.81 -11.46
N VAL A 42 -11.14 -17.66 -12.52
CA VAL A 42 -11.14 -18.62 -13.74
C VAL A 42 -10.63 -20.02 -13.30
N LEU A 43 -9.64 -20.01 -12.36
CA LEU A 43 -8.99 -21.28 -11.79
C LEU A 43 -10.06 -22.06 -10.96
N SER A 44 -10.87 -21.29 -10.17
CA SER A 44 -12.01 -21.85 -9.34
C SER A 44 -13.13 -22.44 -10.24
N LEU A 45 -13.30 -21.85 -11.45
CA LEU A 45 -14.39 -22.27 -12.44
C LEU A 45 -14.04 -23.65 -13.04
N VAL A 46 -12.75 -23.91 -13.43
CA VAL A 46 -12.37 -25.29 -13.98
C VAL A 46 -12.36 -26.31 -12.84
N ASN A 47 -12.30 -25.80 -11.55
CA ASN A 47 -12.23 -26.72 -10.36
C ASN A 47 -13.50 -27.61 -10.24
N ARG A 48 -14.67 -27.14 -10.79
CA ARG A 48 -15.99 -27.94 -10.69
C ARG A 48 -15.94 -29.18 -11.64
N VAL A 49 -14.88 -29.29 -12.50
CA VAL A 49 -14.65 -30.46 -13.47
C VAL A 49 -13.29 -31.13 -13.12
N ARG A 50 -12.30 -30.29 -12.72
CA ARG A 50 -10.88 -30.72 -12.34
C ARG A 50 -10.81 -30.85 -10.79
N GLN A 51 -10.95 -32.10 -10.26
CA GLN A 51 -10.91 -32.41 -8.77
C GLN A 51 -9.56 -31.97 -8.14
N LEU B 1 21.57 18.35 -0.67
CA LEU B 1 21.03 16.95 -0.67
C LEU B 1 19.52 17.03 -0.30
N LEU B 2 19.18 17.94 0.64
CA LEU B 2 17.74 18.15 1.15
C LEU B 2 17.73 19.52 1.91
N GLU B 3 17.01 20.55 1.39
CA GLU B 3 16.95 21.95 2.03
C GLU B 3 15.81 22.77 1.38
N LEU B 4 15.59 23.99 1.89
CA LEU B 4 14.52 24.98 1.39
C LEU B 4 14.66 25.18 -0.13
N ASP B 5 15.92 25.25 -0.55
CA ASP B 5 16.33 25.46 -2.00
C ASP B 5 15.95 24.23 -2.88
N LYS B 6 16.06 23.01 -2.31
CA LYS B 6 15.74 21.72 -3.06
C LYS B 6 14.22 21.60 -3.32
N TRP B 7 13.42 21.88 -2.26
CA TRP B 7 11.90 21.80 -2.33
C TRP B 7 11.32 22.98 -3.15
N ALA B 8 11.82 24.21 -2.88
CA ALA B 8 11.30 25.48 -3.57
C ALA B 8 11.68 25.54 -5.07
N SER B 9 12.91 25.08 -5.44
CA SER B 9 13.39 25.10 -6.89
C SER B 9 12.56 24.10 -7.73
N LEU B 10 12.11 23.00 -7.07
CA LEU B 10 11.31 21.89 -7.74
C LEU B 10 9.89 22.40 -8.16
N TRP B 11 9.46 23.59 -7.65
CA TRP B 11 8.07 24.17 -8.00
C TRP B 11 7.99 24.59 -9.50
N ASN B 12 9.16 24.89 -10.12
CA ASN B 12 9.25 25.34 -11.57
C ASN B 12 8.86 24.18 -12.54
N TRP B 13 8.82 22.93 -12.03
CA TRP B 13 8.50 21.67 -12.81
C TRP B 13 6.93 21.48 -12.89
N PHE B 14 6.23 22.10 -11.91
CA PHE B 14 4.72 22.14 -11.82
C PHE B 14 3.96 20.75 -11.86
N ASP B 15 3.84 20.16 -13.08
CA ASP B 15 3.00 18.90 -13.32
C ASP B 15 3.49 17.63 -12.55
N ILE B 16 4.78 17.26 -12.69
CA ILE B 16 5.37 16.03 -11.98
C ILE B 16 5.47 16.30 -10.45
N THR B 17 5.62 17.60 -10.04
CA THR B 17 5.76 18.00 -8.57
C THR B 17 4.52 17.53 -7.73
N ASN B 18 3.30 17.69 -8.29
CA ASN B 18 2.00 17.31 -7.57
C ASN B 18 1.96 15.80 -7.17
N TRP B 19 2.95 15.03 -7.64
CA TRP B 19 3.05 13.53 -7.38
C TRP B 19 3.43 13.22 -5.89
N LEU B 20 4.30 14.07 -5.31
CA LEU B 20 4.88 13.90 -3.90
C LEU B 20 3.96 14.39 -2.75
N TRP B 21 2.75 14.99 -3.03
CA TRP B 21 1.85 15.54 -1.89
C TRP B 21 0.34 15.56 -2.26
N TYR B 22 -0.13 14.50 -2.97
CA TYR B 22 -1.60 14.31 -3.34
C TYR B 22 -1.87 12.79 -3.55
N ILE B 23 -0.86 12.07 -4.13
CA ILE B 23 -0.89 10.55 -4.34
C ILE B 23 -1.07 9.85 -2.94
N ARG B 24 -0.52 10.48 -1.87
CA ARG B 24 -0.52 9.89 -0.46
C ARG B 24 -1.97 9.46 -0.02
N ILE B 25 -3.02 10.18 -0.54
CA ILE B 25 -4.49 9.83 -0.27
C ILE B 25 -4.80 8.44 -0.92
N PHE B 26 -4.38 8.32 -2.19
CA PHE B 26 -4.64 7.10 -3.06
C PHE B 26 -4.13 5.77 -2.43
N ILE B 27 -3.01 5.80 -1.67
CA ILE B 27 -2.40 4.56 -1.00
C ILE B 27 -3.40 3.90 -0.01
N ILE B 28 -4.18 4.74 0.73
CA ILE B 28 -5.22 4.25 1.74
C ILE B 28 -6.38 3.54 0.98
N ILE B 29 -6.79 4.18 -0.15
CA ILE B 29 -7.91 3.69 -1.07
C ILE B 29 -7.50 2.30 -1.68
N VAL B 30 -6.20 2.16 -2.06
CA VAL B 30 -5.62 0.87 -2.67
C VAL B 30 -5.61 -0.29 -1.59
N GLY B 31 -6.24 -0.06 -0.40
CA GLY B 31 -6.38 -1.09 0.73
C GLY B 31 -7.87 -1.52 0.90
N SER B 32 -8.80 -0.65 0.42
CA SER B 32 -10.32 -0.90 0.53
C SER B 32 -10.76 -2.02 -0.44
N LEU B 33 -10.10 -2.08 -1.62
CA LEU B 33 -10.45 -3.07 -2.71
C LEU B 33 -10.37 -4.54 -2.21
N ILE B 34 -9.47 -4.88 -1.25
CA ILE B 34 -9.25 -6.34 -0.84
C ILE B 34 -10.52 -6.96 -0.14
N GLY B 35 -11.12 -6.23 0.85
CA GLY B 35 -12.38 -6.70 1.57
C GLY B 35 -13.55 -6.91 0.59
N LEU B 36 -13.61 -6.02 -0.43
CA LEU B 36 -14.68 -6.01 -1.52
C LEU B 36 -14.68 -7.36 -2.32
N ARG B 37 -13.49 -7.85 -2.75
CA ARG B 37 -13.28 -9.14 -3.51
C ARG B 37 -13.94 -10.41 -2.90
N ILE B 38 -14.08 -10.44 -1.56
CA ILE B 38 -14.58 -11.66 -0.78
C ILE B 38 -15.96 -12.12 -1.38
N VAL B 39 -16.82 -11.17 -1.81
CA VAL B 39 -18.17 -11.49 -2.46
C VAL B 39 -17.99 -12.50 -3.66
N PHE B 40 -16.79 -12.50 -4.34
CA PHE B 40 -16.51 -13.48 -5.51
C PHE B 40 -16.64 -14.96 -5.00
N ALA B 41 -16.22 -15.22 -3.74
CA ALA B 41 -16.33 -16.62 -3.11
C ALA B 41 -17.82 -17.03 -3.02
N VAL B 42 -18.66 -16.04 -2.62
CA VAL B 42 -20.16 -16.18 -2.49
C VAL B 42 -20.80 -16.32 -3.91
N LEU B 43 -20.18 -15.66 -4.94
CA LEU B 43 -20.66 -15.73 -6.40
C LEU B 43 -20.49 -17.19 -6.92
N SER B 44 -19.53 -17.95 -6.32
CA SER B 44 -19.23 -19.39 -6.75
C SER B 44 -20.50 -20.28 -6.66
N LEU B 45 -21.35 -20.04 -5.62
CA LEU B 45 -22.65 -20.83 -5.43
C LEU B 45 -23.68 -20.38 -6.50
N VAL B 46 -23.62 -19.08 -6.86
CA VAL B 46 -24.53 -18.44 -7.90
C VAL B 46 -24.15 -18.97 -9.31
N ASN B 47 -22.82 -19.21 -9.50
CA ASN B 47 -22.24 -19.70 -10.81
C ASN B 47 -22.66 -21.18 -11.12
N ARG B 48 -22.94 -22.00 -10.07
CA ARG B 48 -23.34 -23.47 -10.26
C ARG B 48 -24.79 -23.59 -10.81
N VAL B 49 -25.67 -22.63 -10.45
CA VAL B 49 -27.15 -22.61 -10.88
C VAL B 49 -27.38 -21.60 -12.03
N ARG B 50 -26.29 -21.27 -12.78
CA ARG B 50 -26.33 -20.29 -13.95
C ARG B 50 -27.17 -20.91 -15.13
N GLN B 51 -26.59 -21.94 -15.79
CA GLN B 51 -27.23 -22.68 -16.96
C GLN B 51 -28.45 -23.51 -16.45
N LEU C 1 8.01 25.31 1.36
CA LEU C 1 9.43 25.59 1.67
C LEU C 1 9.91 24.68 2.84
N LEU C 2 8.96 24.33 3.73
CA LEU C 2 9.20 23.43 4.92
C LEU C 2 10.26 24.05 5.91
N GLU C 3 11.30 23.25 6.27
CA GLU C 3 12.41 23.60 7.26
C GLU C 3 12.03 23.11 8.66
N LEU C 4 13.05 22.94 9.55
CA LEU C 4 12.89 22.43 10.96
C LEU C 4 11.83 23.22 11.77
N ASP C 5 11.53 24.42 11.27
CA ASP C 5 10.52 25.37 11.89
C ASP C 5 9.08 24.85 11.63
N LYS C 6 8.86 24.37 10.38
CA LYS C 6 7.48 23.82 9.93
C LYS C 6 7.22 22.46 10.65
N TRP C 7 8.25 21.59 10.70
CA TRP C 7 8.18 20.22 11.38
C TRP C 7 7.89 20.38 12.91
N ALA C 8 8.67 21.29 13.55
CA ALA C 8 8.56 21.55 15.06
C ALA C 8 7.18 22.16 15.44
N SER C 9 6.49 22.80 14.45
CA SER C 9 5.13 23.44 14.68
C SER C 9 4.04 22.36 14.87
N LEU C 10 4.23 21.18 14.21
CA LEU C 10 3.24 20.02 14.27
C LEU C 10 3.12 19.45 15.72
N TRP C 11 4.11 19.74 16.59
CA TRP C 11 4.10 19.25 18.04
C TRP C 11 2.95 19.95 18.83
N ASN C 12 2.26 20.91 18.16
CA ASN C 12 1.09 21.68 18.74
C ASN C 12 -0.21 20.85 18.51
N TRP C 13 -0.20 19.97 17.47
CA TRP C 13 -1.39 19.08 17.10
C TRP C 13 -1.40 17.83 18.04
N PHE C 14 -0.21 17.52 18.60
CA PHE C 14 0.02 16.38 19.59
C PHE C 14 -0.37 14.94 19.06
N ASP C 15 -1.64 14.53 19.29
CA ASP C 15 -2.18 13.15 18.96
C ASP C 15 -2.13 12.77 17.46
N ILE C 16 -2.70 13.64 16.58
CA ILE C 16 -2.77 13.37 15.06
C ILE C 16 -1.33 13.31 14.46
N THR C 17 -0.34 14.02 15.08
CA THR C 17 1.12 14.02 14.59
C THR C 17 1.68 12.58 14.58
N ASN C 18 1.20 11.75 15.55
CA ASN C 18 1.67 10.30 15.69
C ASN C 18 1.39 9.50 14.37
N TRP C 19 0.24 9.81 13.73
CA TRP C 19 -0.21 9.17 12.41
C TRP C 19 0.67 9.69 11.23
N LEU C 20 0.91 11.02 11.20
CA LEU C 20 1.66 11.72 10.05
C LEU C 20 3.13 11.29 9.97
N TRP C 21 3.56 10.43 10.93
CA TRP C 21 4.89 9.82 11.03
C TRP C 21 4.62 8.30 11.14
N TYR C 22 5.43 7.60 10.41
CA TYR C 22 5.50 6.10 10.24
C TYR C 22 4.28 5.40 9.52
N ILE C 23 3.61 6.07 8.52
CA ILE C 23 2.51 5.39 7.67
C ILE C 23 3.13 4.20 6.88
N ARG C 24 4.42 4.36 6.45
CA ARG C 24 5.17 3.31 5.62
C ARG C 24 5.15 1.91 6.33
N ILE C 25 5.13 1.91 7.69
CA ILE C 25 5.00 0.61 8.51
C ILE C 25 3.57 0.06 8.30
N PHE C 26 2.59 1.00 8.36
CA PHE C 26 1.11 0.70 8.26
C PHE C 26 0.75 -0.15 6.99
N ILE C 27 1.43 0.14 5.84
CA ILE C 27 1.20 -0.62 4.53
C ILE C 27 1.63 -2.12 4.67
N ILE C 28 2.75 -2.38 5.41
CA ILE C 28 3.30 -3.80 5.61
C ILE C 28 2.20 -4.69 6.26
N ILE C 29 1.44 -4.10 7.23
CA ILE C 29 0.31 -4.79 7.96
C ILE C 29 -0.80 -5.25 6.93
N VAL C 30 -1.10 -4.35 5.94
CA VAL C 30 -2.13 -4.62 4.83
C VAL C 30 -1.56 -5.72 3.89
N GLY C 31 -0.23 -5.94 3.95
CA GLY C 31 0.51 -6.98 3.14
C GLY C 31 0.22 -8.40 3.67
N SER C 32 -0.04 -8.51 5.00
CA SER C 32 -0.33 -9.84 5.70
C SER C 32 -1.76 -10.31 5.36
N LEU C 33 -2.70 -9.33 5.22
CA LEU C 33 -4.17 -9.61 4.90
C LEU C 33 -4.32 -10.41 3.58
N ILE C 34 -3.79 -9.82 2.49
CA ILE C 34 -3.96 -10.37 1.07
C ILE C 34 -3.55 -11.87 0.88
N GLY C 35 -2.39 -12.34 1.37
CA GLY C 35 -1.97 -13.81 1.18
C GLY C 35 -2.93 -14.81 1.90
N LEU C 36 -3.40 -14.43 3.10
CA LEU C 36 -4.36 -15.26 3.99
C LEU C 36 -5.72 -15.46 3.25
N ARG C 37 -6.26 -14.39 2.68
CA ARG C 37 -7.56 -14.38 1.89
C ARG C 37 -7.63 -15.49 0.77
N ILE C 38 -6.46 -15.81 0.15
CA ILE C 38 -6.32 -16.86 -0.97
C ILE C 38 -6.83 -18.26 -0.48
N VAL C 39 -6.52 -18.56 0.79
CA VAL C 39 -6.86 -19.88 1.49
C VAL C 39 -8.38 -20.18 1.37
N PHE C 40 -9.21 -19.14 1.24
CA PHE C 40 -10.73 -19.27 1.05
C PHE C 40 -11.02 -20.18 -0.18
N ALA C 41 -10.12 -20.15 -1.19
CA ALA C 41 -10.30 -20.97 -2.46
C ALA C 41 -10.51 -22.50 -2.10
N VAL C 42 -9.77 -23.05 -1.07
CA VAL C 42 -10.01 -24.53 -0.63
C VAL C 42 -11.41 -24.64 0.07
N LEU C 43 -11.78 -23.56 0.84
CA LEU C 43 -13.11 -23.49 1.61
C LEU C 43 -14.30 -23.49 0.59
N SER C 44 -14.05 -22.99 -0.66
CA SER C 44 -15.11 -22.91 -1.75
C SER C 44 -15.62 -24.32 -2.15
N LEU C 45 -14.68 -25.30 -2.13
CA LEU C 45 -14.98 -26.76 -2.48
C LEU C 45 -15.78 -27.42 -1.34
N VAL C 46 -15.56 -26.91 -0.10
CA VAL C 46 -16.27 -27.40 1.15
C VAL C 46 -17.67 -26.74 1.19
N ASN C 47 -17.74 -25.46 0.71
CA ASN C 47 -19.01 -24.63 0.72
C ASN C 47 -20.14 -25.22 -0.18
N ARG C 48 -19.79 -25.87 -1.35
CA ARG C 48 -20.85 -26.41 -2.33
C ARG C 48 -21.50 -27.76 -1.87
N VAL C 49 -20.84 -28.53 -0.94
CA VAL C 49 -21.38 -29.86 -0.35
C VAL C 49 -21.56 -29.74 1.19
N ARG C 50 -21.63 -28.49 1.72
CA ARG C 50 -21.81 -28.22 3.22
C ARG C 50 -23.22 -28.68 3.67
N GLN C 51 -23.37 -29.06 4.98
CA GLN C 51 -24.69 -29.54 5.59
C GLN C 51 -25.78 -28.43 5.49
N LEU A 1 16.72 20.01 16.46
CA LEU A 1 16.24 18.61 16.34
C LEU A 1 16.71 18.06 14.96
N LEU A 2 15.84 18.19 13.91
CA LEU A 2 16.16 17.72 12.48
C LEU A 2 17.19 18.70 11.86
N GLU A 3 17.74 18.32 10.68
CA GLU A 3 18.77 19.15 9.91
C GLU A 3 19.09 18.40 8.61
N LEU A 4 19.16 19.13 7.45
CA LEU A 4 19.49 18.50 6.09
C LEU A 4 20.94 17.98 6.05
N ASP A 5 21.73 18.39 7.07
CA ASP A 5 23.13 17.88 7.31
C ASP A 5 22.98 16.43 7.90
N LYS A 6 21.91 16.27 8.71
CA LYS A 6 21.53 14.96 9.41
C LYS A 6 21.02 13.93 8.35
N TRP A 7 20.15 14.40 7.40
CA TRP A 7 19.60 13.50 6.27
C TRP A 7 20.78 13.01 5.40
N ALA A 8 21.58 14.00 4.96
CA ALA A 8 22.75 13.81 4.02
C ALA A 8 23.86 12.92 4.64
N SER A 9 23.82 12.71 5.98
CA SER A 9 24.83 11.82 6.70
C SER A 9 24.48 10.34 6.40
N LEU A 10 23.15 10.06 6.22
CA LEU A 10 22.61 8.67 5.91
C LEU A 10 23.13 8.15 4.55
N TRP A 11 23.71 9.04 3.71
CA TRP A 11 24.27 8.64 2.33
C TRP A 11 25.50 7.72 2.51
N ASN A 12 26.01 7.64 3.77
CA ASN A 12 27.19 6.77 4.17
C ASN A 12 26.66 5.36 4.61
N TRP A 13 25.33 5.27 4.94
CA TRP A 13 24.67 3.97 5.39
C TRP A 13 24.21 3.20 4.10
N PHE A 14 24.04 3.97 2.99
CA PHE A 14 23.65 3.45 1.63
C PHE A 14 22.29 2.66 1.59
N ASP A 15 22.30 1.44 2.18
CA ASP A 15 21.13 0.47 2.18
C ASP A 15 19.79 1.08 2.71
N ILE A 16 19.83 1.70 3.92
CA ILE A 16 18.56 2.29 4.59
C ILE A 16 18.04 3.53 3.79
N THR A 17 18.97 4.40 3.31
CA THR A 17 18.60 5.66 2.52
C THR A 17 17.84 5.29 1.21
N ASN A 18 18.29 4.19 0.56
CA ASN A 18 17.66 3.67 -0.72
C ASN A 18 16.17 3.29 -0.44
N TRP A 19 15.94 2.67 0.74
CA TRP A 19 14.57 2.22 1.22
C TRP A 19 13.69 3.50 1.57
N LEU A 20 14.25 4.50 2.33
CA LEU A 20 13.47 5.78 2.69
C LEU A 20 13.19 6.64 1.42
N TRP A 21 13.86 6.30 0.29
CA TRP A 21 13.74 7.06 -1.04
C TRP A 21 12.84 6.26 -2.03
N TYR A 22 13.08 4.92 -2.12
CA TYR A 22 12.35 3.99 -3.08
C TYR A 22 10.98 3.50 -2.55
N ILE A 23 10.49 4.01 -1.38
CA ILE A 23 9.11 3.59 -0.80
C ILE A 23 7.97 3.86 -1.87
N ARG A 24 8.05 4.96 -2.69
CA ARG A 24 6.95 5.30 -3.73
C ARG A 24 6.78 4.14 -4.76
N ILE A 25 7.94 3.70 -5.29
CA ILE A 25 8.06 2.60 -6.33
C ILE A 25 7.54 1.27 -5.73
N PHE A 26 7.84 1.07 -4.44
CA PHE A 26 7.49 -0.18 -3.67
C PHE A 26 5.95 -0.45 -3.61
N ILE A 27 5.11 0.61 -3.55
CA ILE A 27 3.58 0.49 -3.47
C ILE A 27 3.03 -0.13 -4.77
N ILE A 28 3.51 0.46 -5.87
CA ILE A 28 3.10 0.13 -7.30
C ILE A 28 3.37 -1.40 -7.61
N ILE A 29 4.56 -1.92 -7.18
CA ILE A 29 4.94 -3.39 -7.38
C ILE A 29 4.04 -4.29 -6.48
N VAL A 30 3.83 -3.82 -5.21
CA VAL A 30 2.98 -4.55 -4.16
C VAL A 30 1.47 -4.50 -4.57
N GLY A 31 1.15 -3.85 -5.72
CA GLY A 31 -0.28 -3.72 -6.26
C GLY A 31 -0.63 -4.76 -7.36
N SER A 32 0.41 -5.26 -8.09
CA SER A 32 0.22 -6.25 -9.26
C SER A 32 0.05 -7.73 -8.81
N LEU A 33 0.71 -8.18 -7.70
CA LEU A 33 0.62 -9.64 -7.25
C LEU A 33 -0.85 -10.05 -6.94
N ILE A 34 -1.71 -9.08 -6.47
CA ILE A 34 -3.19 -9.38 -6.14
C ILE A 34 -4.00 -9.60 -7.44
N GLY A 35 -3.59 -9.02 -8.59
CA GLY A 35 -4.38 -9.12 -9.89
C GLY A 35 -4.60 -10.60 -10.32
N LEU A 36 -3.49 -11.38 -10.44
CA LEU A 36 -3.56 -12.89 -10.81
C LEU A 36 -4.43 -13.71 -9.78
N ARG A 37 -4.55 -13.22 -8.52
CA ARG A 37 -5.29 -13.91 -7.36
C ARG A 37 -6.67 -14.48 -7.78
N ILE A 38 -7.33 -13.84 -8.76
CA ILE A 38 -8.71 -14.23 -9.29
C ILE A 38 -8.71 -15.70 -9.73
N VAL A 39 -7.58 -16.14 -10.31
CA VAL A 39 -7.44 -17.52 -10.92
C VAL A 39 -7.83 -18.62 -9.88
N PHE A 40 -7.66 -18.32 -8.57
CA PHE A 40 -8.03 -19.27 -7.41
C PHE A 40 -9.57 -19.55 -7.45
N ALA A 41 -10.38 -18.53 -7.85
CA ALA A 41 -11.90 -18.71 -7.97
C ALA A 41 -12.20 -19.73 -9.11
N VAL A 42 -11.42 -19.60 -10.20
CA VAL A 42 -11.48 -20.51 -11.43
C VAL A 42 -10.96 -21.94 -11.06
N LEU A 43 -10.00 -22.03 -10.10
CA LEU A 43 -9.42 -23.36 -9.58
C LEU A 43 -10.59 -24.18 -8.92
N SER A 44 -11.66 -23.47 -8.45
CA SER A 44 -12.85 -24.12 -7.77
C SER A 44 -13.53 -25.17 -8.71
N LEU A 45 -13.60 -24.82 -10.02
CA LEU A 45 -14.22 -25.73 -11.09
C LEU A 45 -13.31 -26.96 -11.34
N VAL A 46 -12.00 -26.76 -11.15
CA VAL A 46 -10.95 -27.84 -11.34
C VAL A 46 -10.92 -28.71 -10.06
N ASN A 47 -11.09 -28.05 -8.88
CA ASN A 47 -11.04 -28.71 -7.51
C ASN A 47 -12.39 -29.39 -7.10
N ARG A 48 -13.55 -29.12 -7.80
CA ARG A 48 -14.88 -29.74 -7.37
C ARG A 48 -14.95 -31.25 -7.72
N VAL A 49 -14.25 -31.71 -8.80
CA VAL A 49 -14.20 -33.19 -9.21
C VAL A 49 -12.97 -33.86 -8.54
N ARG A 50 -11.86 -33.09 -8.46
CA ARG A 50 -10.52 -33.54 -7.85
C ARG A 50 -10.15 -35.03 -8.19
N GLN A 51 -9.75 -35.28 -9.47
CA GLN A 51 -9.36 -36.68 -9.97
C GLN A 51 -8.06 -37.17 -9.29
N LEU B 1 23.69 19.69 -1.02
CA LEU B 1 23.23 18.45 -0.31
C LEU B 1 21.82 18.78 0.24
N LEU B 2 20.91 19.16 -0.69
CA LEU B 2 19.47 19.58 -0.36
C LEU B 2 19.50 20.90 0.48
N GLU B 3 18.34 21.60 0.62
CA GLU B 3 18.25 22.91 1.44
C GLU B 3 16.80 23.44 1.42
N LEU B 4 16.55 24.42 2.32
CA LEU B 4 15.23 25.14 2.53
C LEU B 4 14.73 25.73 1.18
N ASP B 5 15.69 26.29 0.44
CA ASP B 5 15.47 26.95 -0.90
C ASP B 5 15.14 25.92 -2.00
N LYS B 6 15.67 24.67 -1.88
CA LYS B 6 15.42 23.59 -2.93
C LYS B 6 13.95 23.12 -2.82
N TRP B 7 13.45 22.97 -1.57
CA TRP B 7 12.02 22.53 -1.28
C TRP B 7 11.01 23.52 -1.94
N ALA B 8 11.14 24.81 -1.57
CA ALA B 8 10.22 25.92 -2.07
C ALA B 8 10.31 26.14 -3.60
N SER B 9 11.52 25.91 -4.17
CA SER B 9 11.78 26.04 -5.66
C SER B 9 11.09 24.87 -6.41
N LEU B 10 10.98 23.72 -5.73
CA LEU B 10 10.37 22.42 -6.30
C LEU B 10 8.89 22.67 -6.81
N TRP B 11 8.14 23.62 -6.17
CA TRP B 11 6.70 23.93 -6.59
C TRP B 11 6.64 24.61 -7.99
N ASN B 12 7.77 25.26 -8.41
CA ASN B 12 7.85 25.96 -9.76
C ASN B 12 7.87 24.90 -10.92
N TRP B 13 8.27 23.63 -10.58
CA TRP B 13 8.34 22.49 -11.58
C TRP B 13 6.89 21.91 -11.78
N PHE B 14 6.04 22.16 -10.76
CA PHE B 14 4.57 21.77 -10.74
C PHE B 14 4.27 20.24 -10.93
N ASP B 15 4.53 19.73 -12.15
CA ASP B 15 4.18 18.31 -12.58
C ASP B 15 4.72 17.19 -11.62
N ILE B 16 6.04 17.22 -11.33
CA ILE B 16 6.71 16.18 -10.41
C ILE B 16 6.22 16.34 -8.95
N THR B 17 6.05 17.63 -8.50
CA THR B 17 5.62 17.95 -7.07
C THR B 17 4.27 17.30 -6.73
N ASN B 18 3.38 17.19 -7.76
CA ASN B 18 2.00 16.55 -7.58
C ASN B 18 2.20 15.07 -7.11
N TRP B 19 3.10 14.34 -7.79
CA TRP B 19 3.47 12.91 -7.45
C TRP B 19 4.36 12.89 -6.15
N LEU B 20 5.32 13.83 -6.02
CA LEU B 20 6.31 13.87 -4.84
C LEU B 20 5.63 14.19 -3.48
N TRP B 21 4.27 14.42 -3.43
CA TRP B 21 3.56 14.79 -2.10
C TRP B 21 2.14 14.15 -1.91
N TYR B 22 1.52 13.58 -3.00
CA TYR B 22 0.10 12.95 -2.91
C TYR B 22 0.16 11.39 -2.75
N ILE B 23 1.37 10.76 -2.69
CA ILE B 23 1.50 9.24 -2.48
C ILE B 23 0.75 8.81 -1.18
N ARG B 24 0.79 9.72 -0.17
CA ARG B 24 0.17 9.47 1.20
C ARG B 24 -1.33 9.06 1.07
N ILE B 25 -2.10 9.81 0.25
CA ILE B 25 -3.58 9.53 -0.03
C ILE B 25 -3.68 8.19 -0.82
N PHE B 26 -2.83 8.10 -1.85
CA PHE B 26 -2.81 6.95 -2.85
C PHE B 26 -2.77 5.52 -2.22
N ILE B 27 -2.13 5.36 -1.02
CA ILE B 27 -2.01 3.99 -0.33
C ILE B 27 -3.42 3.43 -0.02
N ILE B 28 -4.21 4.29 0.64
CA ILE B 28 -5.64 4.00 1.07
C ILE B 28 -6.52 3.61 -0.17
N ILE B 29 -6.36 4.33 -1.33
CA ILE B 29 -7.14 4.02 -2.64
C ILE B 29 -6.73 2.59 -3.14
N VAL B 30 -5.40 2.28 -3.06
CA VAL B 30 -4.82 0.93 -3.51
C VAL B 30 -5.29 -0.20 -2.54
N GLY B 31 -6.10 0.18 -1.50
CA GLY B 31 -6.69 -0.77 -0.48
C GLY B 31 -8.19 -1.04 -0.74
N SER B 32 -8.79 -0.34 -1.75
CA SER B 32 -10.29 -0.47 -2.08
C SER B 32 -10.57 -1.61 -3.12
N LEU B 33 -9.64 -1.81 -4.10
CA LEU B 33 -9.81 -2.87 -5.21
C LEU B 33 -9.64 -4.28 -4.63
N ILE B 34 -8.79 -4.43 -3.58
CA ILE B 34 -8.51 -5.78 -2.92
C ILE B 34 -9.74 -6.23 -2.04
N GLY B 35 -10.35 -5.28 -1.27
CA GLY B 35 -11.55 -5.60 -0.37
C GLY B 35 -12.75 -6.07 -1.22
N LEU B 36 -12.87 -5.44 -2.40
CA LEU B 36 -13.92 -5.68 -3.47
C LEU B 36 -13.77 -7.11 -4.06
N ARG B 37 -12.53 -7.59 -4.09
CA ARG B 37 -12.10 -8.96 -4.67
C ARG B 37 -12.94 -10.19 -4.16
N ILE B 38 -13.41 -10.17 -2.90
CA ILE B 38 -14.17 -11.35 -2.25
C ILE B 38 -15.44 -11.75 -3.02
N VAL B 39 -16.19 -10.76 -3.56
CA VAL B 39 -17.55 -11.03 -4.20
C VAL B 39 -17.44 -12.11 -5.31
N PHE B 40 -16.24 -12.23 -5.91
CA PHE B 40 -15.93 -13.27 -6.99
C PHE B 40 -16.32 -14.68 -6.47
N ALA B 41 -16.16 -14.89 -5.15
CA ALA B 41 -16.50 -16.22 -4.47
C ALA B 41 -18.00 -16.61 -4.75
N VAL B 42 -18.96 -15.62 -4.67
CA VAL B 42 -20.45 -15.90 -4.96
C VAL B 42 -20.63 -16.18 -6.48
N LEU B 43 -19.89 -15.42 -7.33
CA LEU B 43 -19.95 -15.55 -8.85
C LEU B 43 -19.51 -16.99 -9.30
N SER B 44 -18.69 -17.68 -8.45
CA SER B 44 -18.20 -19.09 -8.76
C SER B 44 -19.38 -20.11 -8.80
N LEU B 45 -20.44 -19.85 -7.99
CA LEU B 45 -21.69 -20.75 -7.95
C LEU B 45 -22.51 -20.49 -9.24
N VAL B 46 -22.59 -19.19 -9.60
CA VAL B 46 -23.33 -18.70 -10.83
C VAL B 46 -22.64 -19.23 -12.12
N ASN B 47 -21.30 -19.48 -12.02
CA ASN B 47 -20.46 -19.97 -13.18
C ASN B 47 -20.89 -21.39 -13.64
N ARG B 48 -21.33 -22.26 -12.68
CA ARG B 48 -21.75 -23.70 -13.00
C ARG B 48 -23.22 -23.78 -13.52
N VAL B 49 -23.98 -22.67 -13.42
CA VAL B 49 -25.45 -22.60 -13.89
C VAL B 49 -25.48 -22.30 -15.42
N ARG B 50 -24.36 -21.80 -16.00
CA ARG B 50 -24.26 -21.48 -17.49
C ARG B 50 -24.59 -22.73 -18.37
N GLN B 51 -24.97 -22.50 -19.64
CA GLN B 51 -25.33 -23.60 -20.65
C GLN B 51 -26.55 -24.43 -20.13
N LEU C 1 8.25 27.23 5.33
CA LEU C 1 8.83 26.49 4.18
C LEU C 1 9.77 25.40 4.74
N LEU C 2 9.25 24.64 5.74
CA LEU C 2 10.01 23.52 6.43
C LEU C 2 11.28 24.09 7.15
N GLU C 3 11.25 24.11 8.52
CA GLU C 3 12.36 24.65 9.40
C GLU C 3 12.54 23.71 10.62
N LEU C 4 13.75 23.68 11.21
CA LEU C 4 14.08 22.82 12.44
C LEU C 4 13.05 23.10 13.56
N ASP C 5 12.72 24.38 13.70
CA ASP C 5 11.73 24.90 14.72
C ASP C 5 10.27 24.49 14.37
N LYS C 6 9.96 24.43 13.05
CA LYS C 6 8.56 24.07 12.55
C LYS C 6 8.27 22.58 12.82
N TRP C 7 9.27 21.70 12.51
CA TRP C 7 9.14 20.20 12.72
C TRP C 7 9.01 19.85 14.22
N ALA C 8 9.86 20.48 15.06
CA ALA C 8 9.87 20.21 16.58
C ALA C 8 8.61 20.79 17.29
N SER C 9 8.24 22.04 16.93
CA SER C 9 7.03 22.75 17.53
C SER C 9 5.74 21.92 17.29
N LEU C 10 5.72 21.19 16.15
CA LEU C 10 4.52 20.33 15.72
C LEU C 10 4.27 19.18 16.73
N TRP C 11 5.28 18.85 17.60
CA TRP C 11 5.13 17.73 18.65
C TRP C 11 4.10 18.16 19.74
N ASN C 12 4.02 19.49 19.98
CA ASN C 12 3.07 20.09 21.02
C ASN C 12 1.57 19.88 20.63
N TRP C 13 1.32 19.58 19.32
CA TRP C 13 -0.08 19.33 18.77
C TRP C 13 -0.49 17.85 19.08
N PHE C 14 0.52 16.99 19.28
CA PHE C 14 0.37 15.53 19.64
C PHE C 14 -0.53 14.66 18.68
N ASP C 15 -1.86 14.84 18.76
CA ASP C 15 -2.88 13.98 18.00
C ASP C 15 -2.62 13.82 16.47
N ILE C 16 -2.46 14.95 15.75
CA ILE C 16 -2.21 14.94 14.24
C ILE C 16 -0.79 14.38 13.93
N THR C 17 0.23 14.76 14.76
CA THR C 17 1.68 14.32 14.53
C THR C 17 1.79 12.77 14.54
N ASN C 18 0.97 12.14 15.40
CA ASN C 18 0.92 10.63 15.53
C ASN C 18 0.46 10.00 14.18
N TRP C 19 -0.59 10.59 13.58
CA TRP C 19 -1.19 10.13 12.27
C TRP C 19 -0.20 10.35 11.05
N LEU C 20 0.45 11.55 10.93
CA LEU C 20 1.39 11.85 9.73
C LEU C 20 2.68 10.96 9.72
N TRP C 21 3.16 10.47 10.90
CA TRP C 21 4.45 9.64 11.01
C TRP C 21 4.20 8.11 11.15
N TYR C 22 3.03 7.69 11.72
CA TYR C 22 2.72 6.20 11.94
C TYR C 22 2.37 5.52 10.58
N ILE C 23 1.93 6.31 9.55
CA ILE C 23 1.54 5.72 8.18
C ILE C 23 2.71 4.89 7.55
N ARG C 24 3.99 5.30 7.76
CA ARG C 24 5.22 4.61 7.14
C ARG C 24 5.22 3.08 7.46
N ILE C 25 4.91 2.77 8.72
CA ILE C 25 4.82 1.35 9.26
C ILE C 25 3.61 0.63 8.60
N PHE C 26 2.52 1.40 8.40
CA PHE C 26 1.20 0.87 7.84
C PHE C 26 1.31 0.34 6.38
N ILE C 27 2.27 0.86 5.56
CA ILE C 27 2.45 0.41 4.08
C ILE C 27 2.72 -1.14 4.06
N ILE C 28 3.69 -1.57 4.90
CA ILE C 28 4.10 -3.04 5.04
C ILE C 28 2.88 -3.93 5.49
N ILE C 29 2.08 -3.44 6.48
CA ILE C 29 0.86 -4.21 7.03
C ILE C 29 -0.20 -4.45 5.90
N VAL C 30 -0.43 -3.41 5.05
CA VAL C 30 -1.43 -3.49 3.88
C VAL C 30 -0.91 -4.48 2.79
N GLY C 31 0.26 -5.16 3.05
CA GLY C 31 0.89 -6.20 2.15
C GLY C 31 0.61 -7.64 2.65
N SER C 32 0.25 -7.79 3.96
CA SER C 32 0.00 -9.16 4.62
C SER C 32 -1.47 -9.64 4.48
N LEU C 33 -2.43 -8.70 4.52
CA LEU C 33 -3.93 -9.03 4.48
C LEU C 33 -4.32 -9.79 3.20
N ILE C 34 -3.62 -9.54 2.04
CA ILE C 34 -3.90 -10.22 0.70
C ILE C 34 -3.77 -11.78 0.82
N GLY C 35 -2.67 -12.25 1.44
CA GLY C 35 -2.39 -13.73 1.64
C GLY C 35 -3.52 -14.40 2.46
N LEU C 36 -4.04 -13.63 3.42
CA LEU C 36 -5.14 -14.07 4.41
C LEU C 36 -6.50 -14.44 3.67
N ARG C 37 -6.93 -13.60 2.70
CA ARG C 37 -8.22 -13.79 1.88
C ARG C 37 -8.39 -15.21 1.24
N ILE C 38 -7.27 -15.86 0.88
CA ILE C 38 -7.27 -17.19 0.09
C ILE C 38 -8.11 -18.32 0.80
N VAL C 39 -8.05 -18.42 2.16
CA VAL C 39 -8.79 -19.51 2.95
C VAL C 39 -10.31 -19.51 2.61
N PHE C 40 -10.85 -18.35 2.18
CA PHE C 40 -12.33 -18.19 1.78
C PHE C 40 -12.68 -19.26 0.70
N ALA C 41 -11.68 -19.57 -0.16
CA ALA C 41 -11.84 -20.59 -1.28
C ALA C 41 -12.31 -21.97 -0.71
N VAL C 42 -11.72 -22.45 0.43
CA VAL C 42 -12.16 -23.78 1.08
C VAL C 42 -13.59 -23.63 1.67
N LEU C 43 -13.89 -22.44 2.28
CA LEU C 43 -15.25 -22.12 2.90
C LEU C 43 -16.37 -22.17 1.83
N SER C 44 -16.02 -21.98 0.52
CA SER C 44 -17.04 -22.03 -0.61
C SER C 44 -17.64 -23.47 -0.74
N LEU C 45 -16.78 -24.50 -0.53
CA LEU C 45 -17.20 -25.98 -0.61
C LEU C 45 -18.12 -26.32 0.61
N VAL C 46 -17.87 -25.65 1.75
CA VAL C 46 -18.67 -25.83 3.04
C VAL C 46 -20.09 -25.21 2.83
N ASN C 47 -20.11 -24.05 2.13
CA ASN C 47 -21.39 -23.29 1.81
C ASN C 47 -22.25 -24.05 0.77
N ARG C 48 -21.64 -24.97 -0.02
CA ARG C 48 -22.36 -25.72 -1.12
C ARG C 48 -23.33 -26.80 -0.56
N VAL C 49 -22.78 -27.69 0.31
CA VAL C 49 -23.54 -28.87 0.94
C VAL C 49 -24.17 -28.47 2.31
N ARG C 50 -24.36 -27.14 2.55
CA ARG C 50 -24.97 -26.61 3.84
C ARG C 50 -26.46 -27.07 3.97
N GLN C 51 -27.40 -26.35 3.30
CA GLN C 51 -28.89 -26.67 3.32
C GLN C 51 -29.59 -25.85 2.19
N LEU A 1 14.44 16.14 14.75
CA LEU A 1 13.60 17.30 14.31
C LEU A 1 13.79 17.54 12.78
N LEU A 2 14.73 16.77 12.18
CA LEU A 2 15.09 16.80 10.71
C LEU A 2 15.61 18.20 10.28
N GLU A 3 16.68 18.17 9.44
CA GLU A 3 17.43 19.37 8.92
C GLU A 3 18.43 18.87 7.83
N LEU A 4 18.99 19.82 7.05
CA LEU A 4 20.01 19.56 5.91
C LEU A 4 21.18 18.68 6.43
N ASP A 5 21.60 19.01 7.63
CA ASP A 5 22.74 18.32 8.38
C ASP A 5 22.30 16.90 8.85
N LYS A 6 21.02 16.75 9.23
CA LYS A 6 20.44 15.43 9.75
C LYS A 6 20.32 14.40 8.60
N TRP A 7 20.04 14.87 7.34
CA TRP A 7 19.92 13.95 6.12
C TRP A 7 21.32 13.44 5.70
N ALA A 8 22.25 14.40 5.53
CA ALA A 8 23.68 14.09 5.07
C ALA A 8 24.45 13.19 6.06
N SER A 9 23.89 12.98 7.28
CA SER A 9 24.51 12.12 8.36
C SER A 9 24.35 10.61 8.02
N LEU A 10 23.20 10.24 7.39
CA LEU A 10 22.89 8.78 7.00
C LEU A 10 23.83 8.32 5.83
N TRP A 11 24.40 9.29 5.08
CA TRP A 11 25.28 9.03 3.87
C TRP A 11 26.65 8.40 4.29
N ASN A 12 26.89 8.21 5.61
CA ASN A 12 28.23 7.68 6.14
C ASN A 12 28.52 6.24 5.63
N TRP A 13 27.52 5.36 5.78
CA TRP A 13 27.55 3.88 5.36
C TRP A 13 26.71 3.69 4.05
N PHE A 14 25.80 4.65 3.80
CA PHE A 14 24.87 4.75 2.61
C PHE A 14 24.01 3.47 2.28
N ASP A 15 24.32 2.27 2.84
CA ASP A 15 23.52 1.00 2.55
C ASP A 15 22.04 1.11 3.06
N ILE A 16 21.87 1.47 4.37
CA ILE A 16 20.50 1.62 5.03
C ILE A 16 19.76 2.86 4.45
N THR A 17 20.53 3.87 3.96
CA THR A 17 19.91 5.17 3.39
C THR A 17 18.96 4.81 2.22
N ASN A 18 19.33 3.75 1.47
CA ASN A 18 18.51 3.25 0.29
C ASN A 18 17.16 2.62 0.77
N TRP A 19 16.89 2.61 2.10
CA TRP A 19 15.62 2.00 2.69
C TRP A 19 14.32 2.84 2.42
N LEU A 20 14.35 4.19 2.68
CA LEU A 20 13.08 5.10 2.58
C LEU A 20 12.84 5.66 1.15
N TRP A 21 13.90 5.90 0.35
CA TRP A 21 13.77 6.52 -1.05
C TRP A 21 13.48 5.45 -2.11
N TYR A 22 13.17 4.17 -1.69
CA TYR A 22 12.89 2.99 -2.64
C TYR A 22 11.60 2.20 -2.26
N ILE A 23 11.13 2.20 -0.97
CA ILE A 23 9.80 1.52 -0.56
C ILE A 23 8.65 2.12 -1.42
N ARG A 24 8.78 3.45 -1.75
CA ARG A 24 7.76 4.22 -2.58
C ARG A 24 7.47 3.48 -3.93
N ILE A 25 8.55 2.96 -4.55
CA ILE A 25 8.48 2.17 -5.86
C ILE A 25 7.67 0.86 -5.63
N PHE A 26 7.98 0.25 -4.47
CA PHE A 26 7.43 -1.09 -4.02
C PHE A 26 5.88 -1.10 -3.88
N ILE A 27 5.26 0.06 -3.58
CA ILE A 27 3.74 0.19 -3.40
C ILE A 27 3.04 -0.27 -4.71
N ILE A 28 3.53 0.33 -5.82
CA ILE A 28 3.03 0.08 -7.22
C ILE A 28 3.17 -1.44 -7.58
N ILE A 29 4.33 -2.05 -7.20
CA ILE A 29 4.62 -3.55 -7.43
C ILE A 29 3.70 -4.41 -6.51
N VAL A 30 3.53 -3.97 -5.23
CA VAL A 30 2.67 -4.74 -4.20
C VAL A 30 1.17 -4.67 -4.64
N GLY A 31 0.86 -3.85 -5.68
CA GLY A 31 -0.53 -3.67 -6.25
C GLY A 31 -0.78 -4.53 -7.50
N SER A 32 0.31 -5.07 -8.12
CA SER A 32 0.24 -5.93 -9.39
C SER A 32 -0.07 -7.40 -9.09
N LEU A 33 0.47 -7.92 -7.95
CA LEU A 33 0.29 -9.37 -7.55
C LEU A 33 -1.20 -9.66 -7.27
N ILE A 34 -2.00 -8.67 -6.76
CA ILE A 34 -3.51 -8.88 -6.47
C ILE A 34 -4.26 -9.13 -7.82
N GLY A 35 -3.78 -8.52 -8.93
CA GLY A 35 -4.46 -8.62 -10.28
C GLY A 35 -4.60 -10.08 -10.82
N LEU A 36 -3.47 -10.84 -10.96
CA LEU A 36 -3.52 -12.31 -11.49
C LEU A 36 -4.24 -13.30 -10.51
N ARG A 37 -4.18 -13.06 -9.17
CA ARG A 37 -4.83 -13.89 -8.08
C ARG A 37 -6.32 -14.22 -8.39
N ILE A 38 -7.01 -13.34 -9.12
CA ILE A 38 -8.49 -13.47 -9.47
C ILE A 38 -8.74 -14.87 -10.16
N VAL A 39 -7.77 -15.33 -11.01
CA VAL A 39 -7.88 -16.69 -11.75
C VAL A 39 -8.15 -17.84 -10.73
N PHE A 40 -7.73 -17.70 -9.42
CA PHE A 40 -8.00 -18.77 -8.36
C PHE A 40 -9.55 -19.05 -8.29
N ALA A 41 -10.36 -17.98 -8.46
CA ALA A 41 -11.89 -18.08 -8.48
C ALA A 41 -12.34 -19.09 -9.59
N VAL A 42 -11.62 -19.04 -10.73
CA VAL A 42 -11.85 -19.94 -11.94
C VAL A 42 -11.45 -21.41 -11.60
N LEU A 43 -10.41 -21.58 -10.71
CA LEU A 43 -9.91 -22.98 -10.24
C LEU A 43 -11.01 -23.63 -9.35
N SER A 44 -11.90 -22.81 -8.72
CA SER A 44 -13.05 -23.35 -7.86
C SER A 44 -14.01 -24.23 -8.72
N LEU A 45 -14.12 -23.92 -10.03
CA LEU A 45 -15.01 -24.73 -11.00
C LEU A 45 -14.29 -26.05 -11.37
N VAL A 46 -12.93 -26.01 -11.36
CA VAL A 46 -12.04 -27.21 -11.69
C VAL A 46 -12.11 -28.22 -10.52
N ASN A 47 -12.39 -27.71 -9.28
CA ASN A 47 -12.51 -28.59 -8.03
C ASN A 47 -13.75 -29.54 -8.17
N ARG A 48 -14.70 -29.24 -9.11
CA ARG A 48 -15.93 -30.14 -9.31
C ARG A 48 -15.50 -31.46 -10.04
N VAL A 49 -14.82 -31.28 -11.21
CA VAL A 49 -14.31 -32.42 -12.09
C VAL A 49 -12.89 -32.87 -11.65
N ARG A 50 -12.57 -32.67 -10.35
CA ARG A 50 -11.22 -33.05 -9.74
C ARG A 50 -10.80 -34.53 -10.09
N GLN A 51 -9.77 -34.69 -10.98
CA GLN A 51 -9.24 -36.04 -11.42
C GLN A 51 -8.59 -36.78 -10.21
N LEU B 1 20.70 16.32 -1.10
CA LEU B 1 20.27 17.15 0.07
C LEU B 1 18.80 17.59 -0.12
N LEU B 2 18.15 17.96 1.01
CA LEU B 2 16.72 18.46 1.07
C LEU B 2 16.71 19.68 2.04
N GLU B 3 16.20 20.87 1.58
CA GLU B 3 16.15 22.15 2.41
C GLU B 3 14.94 22.99 1.97
N LEU B 4 14.64 24.05 2.78
CA LEU B 4 13.47 24.99 2.57
C LEU B 4 13.46 25.59 1.14
N ASP B 5 14.66 25.90 0.66
CA ASP B 5 14.90 26.52 -0.70
C ASP B 5 14.64 25.47 -1.82
N LYS B 6 14.94 24.17 -1.54
CA LYS B 6 14.75 23.05 -2.56
C LYS B 6 13.23 22.79 -2.78
N TRP B 7 12.45 22.71 -1.68
CA TRP B 7 10.95 22.44 -1.73
C TRP B 7 10.20 23.58 -2.50
N ALA B 8 10.53 24.85 -2.17
CA ALA B 8 9.87 26.06 -2.82
C ALA B 8 10.28 26.21 -4.31
N SER B 9 11.55 25.91 -4.62
CA SER B 9 12.11 25.97 -6.04
C SER B 9 11.47 24.88 -6.93
N LEU B 10 11.13 23.73 -6.29
CA LEU B 10 10.50 22.53 -6.99
C LEU B 10 9.06 22.84 -7.48
N TRP B 11 8.45 23.96 -6.98
CA TRP B 11 7.03 24.36 -7.38
C TRP B 11 6.98 24.79 -8.88
N ASN B 12 8.13 25.29 -9.40
CA ASN B 12 8.27 25.76 -10.83
C ASN B 12 8.23 24.56 -11.82
N TRP B 13 8.40 23.31 -11.30
CA TRP B 13 8.40 22.03 -12.13
C TRP B 13 6.92 21.49 -12.25
N PHE B 14 6.07 21.90 -11.28
CA PHE B 14 4.59 21.56 -11.21
C PHE B 14 4.24 20.02 -11.15
N ASP B 15 4.40 19.31 -12.30
CA ASP B 15 3.99 17.85 -12.48
C ASP B 15 4.55 16.88 -11.38
N ILE B 16 5.88 16.91 -11.17
CA ILE B 16 6.59 16.00 -10.16
C ILE B 16 6.19 16.38 -8.70
N THR B 17 5.98 17.70 -8.46
CA THR B 17 5.60 18.25 -7.08
C THR B 17 4.28 17.62 -6.58
N ASN B 18 3.31 17.47 -7.52
CA ASN B 18 1.94 16.88 -7.22
C ASN B 18 2.08 15.39 -6.74
N TRP B 19 2.86 14.61 -7.49
CA TRP B 19 3.13 13.14 -7.20
C TRP B 19 3.96 12.99 -5.85
N LEU B 20 4.63 14.08 -5.41
CA LEU B 20 5.50 14.12 -4.13
C LEU B 20 4.68 14.45 -2.85
N TRP B 21 3.35 14.76 -2.95
CA TRP B 21 2.51 15.12 -1.71
C TRP B 21 0.98 14.92 -1.94
N TYR B 22 0.61 13.86 -2.70
CA TYR B 22 -0.85 13.49 -2.96
C TYR B 22 -0.95 11.95 -3.17
N ILE B 23 0.23 11.26 -3.22
CA ILE B 23 0.34 9.77 -3.35
C ILE B 23 -0.19 9.08 -2.05
N ARG B 24 0.00 9.74 -0.87
CA ARG B 24 -0.41 9.16 0.50
C ARG B 24 -1.91 8.73 0.48
N ILE B 25 -2.73 9.45 -0.34
CA ILE B 25 -4.21 9.09 -0.57
C ILE B 25 -4.21 7.75 -1.36
N PHE B 26 -3.37 7.71 -2.41
CA PHE B 26 -3.22 6.52 -3.36
C PHE B 26 -2.81 5.21 -2.60
N ILE B 27 -2.00 5.34 -1.51
CA ILE B 27 -1.54 4.14 -0.65
C ILE B 27 -2.80 3.41 -0.07
N ILE B 28 -3.70 4.22 0.53
CA ILE B 28 -5.00 3.75 1.18
C ILE B 28 -5.96 3.09 0.12
N ILE B 29 -6.08 3.70 -1.10
CA ILE B 29 -7.00 3.16 -2.23
C ILE B 29 -6.49 1.77 -2.72
N VAL B 30 -5.15 1.60 -2.87
CA VAL B 30 -4.52 0.29 -3.34
C VAL B 30 -4.73 -0.80 -2.24
N GLY B 31 -5.11 -0.35 -1.02
CA GLY B 31 -5.41 -1.26 0.15
C GLY B 31 -6.85 -1.80 0.04
N SER B 32 -7.77 -0.91 -0.38
CA SER B 32 -9.26 -1.24 -0.57
C SER B 32 -9.45 -2.23 -1.73
N LEU B 33 -8.48 -2.26 -2.67
CA LEU B 33 -8.49 -3.14 -3.91
C LEU B 33 -8.71 -4.64 -3.53
N ILE B 34 -8.01 -5.12 -2.46
CA ILE B 34 -8.12 -6.57 -1.98
C ILE B 34 -9.48 -6.76 -1.26
N GLY B 35 -9.88 -5.75 -0.43
CA GLY B 35 -11.19 -5.79 0.35
C GLY B 35 -12.37 -5.91 -0.62
N LEU B 36 -12.26 -5.19 -1.75
CA LEU B 36 -13.26 -5.19 -2.89
C LEU B 36 -13.29 -6.59 -3.57
N ARG B 37 -12.08 -7.14 -3.82
CA ARG B 37 -11.82 -8.48 -4.51
C ARG B 37 -12.63 -9.68 -3.91
N ILE B 38 -12.88 -9.67 -2.57
CA ILE B 38 -13.55 -10.82 -1.81
C ILE B 38 -14.96 -11.21 -2.40
N VAL B 39 -15.75 -10.20 -2.84
CA VAL B 39 -17.18 -10.41 -3.39
C VAL B 39 -17.20 -11.47 -4.52
N PHE B 40 -16.06 -11.64 -5.23
CA PHE B 40 -15.91 -12.68 -6.35
C PHE B 40 -16.30 -14.09 -5.80
N ALA B 41 -15.99 -14.33 -4.50
CA ALA B 41 -16.33 -15.64 -3.80
C ALA B 41 -17.88 -15.94 -3.89
N VAL B 42 -18.76 -14.93 -3.53
CA VAL B 42 -20.28 -15.10 -3.63
C VAL B 42 -20.72 -15.19 -5.13
N LEU B 43 -19.96 -14.50 -6.05
CA LEU B 43 -20.27 -14.53 -7.56
C LEU B 43 -20.24 -16.00 -8.07
N SER B 44 -19.48 -16.89 -7.37
CA SER B 44 -19.38 -18.36 -7.77
C SER B 44 -20.77 -19.07 -7.73
N LEU B 45 -21.59 -18.68 -6.72
CA LEU B 45 -23.01 -19.24 -6.52
C LEU B 45 -23.93 -18.66 -7.62
N VAL B 46 -23.63 -17.42 -8.07
CA VAL B 46 -24.40 -16.69 -9.16
C VAL B 46 -24.02 -17.31 -10.54
N ASN B 47 -22.78 -17.88 -10.62
CA ASN B 47 -22.24 -18.53 -11.89
C ASN B 47 -22.77 -19.99 -12.03
N ARG B 48 -23.14 -20.61 -10.89
CA ARG B 48 -23.60 -22.05 -10.80
C ARG B 48 -25.03 -22.29 -11.37
N VAL B 49 -25.91 -21.27 -11.29
CA VAL B 49 -27.37 -21.37 -11.78
C VAL B 49 -27.45 -21.15 -13.31
N ARG B 50 -26.40 -20.51 -13.90
CA ARG B 50 -26.32 -20.24 -15.40
C ARG B 50 -26.07 -21.59 -16.16
N GLN B 51 -26.69 -21.76 -17.36
CA GLN B 51 -26.54 -23.02 -18.22
C GLN B 51 -25.11 -23.14 -18.77
N LEU C 1 6.16 26.30 4.77
CA LEU C 1 7.22 25.49 4.09
C LEU C 1 7.72 24.42 5.10
N LEU C 2 8.99 23.95 4.92
CA LEU C 2 9.64 22.88 5.80
C LEU C 2 11.06 23.38 6.28
N GLU C 3 11.33 23.15 7.60
CA GLU C 3 12.64 23.52 8.29
C GLU C 3 12.52 23.02 9.75
N LEU C 4 13.67 23.02 10.48
CA LEU C 4 13.75 22.52 11.92
C LEU C 4 12.68 23.17 12.82
N ASP C 5 12.36 24.44 12.50
CA ASP C 5 11.33 25.26 13.27
C ASP C 5 9.89 24.78 12.93
N LYS C 6 9.66 24.43 11.64
CA LYS C 6 8.29 23.95 11.14
C LYS C 6 7.98 22.55 11.71
N TRP C 7 8.98 21.62 11.64
CA TRP C 7 8.81 20.19 12.15
C TRP C 7 8.57 20.17 13.68
N ALA C 8 9.41 20.91 14.41
CA ALA C 8 9.35 20.99 15.94
C ALA C 8 7.99 21.56 16.46
N SER C 9 7.25 22.28 15.58
CA SER C 9 5.92 22.91 15.95
C SER C 9 4.78 21.86 16.08
N LEU C 10 4.80 20.79 15.22
CA LEU C 10 3.72 19.73 15.20
C LEU C 10 3.70 18.88 16.52
N TRP C 11 4.81 18.88 17.32
CA TRP C 11 4.86 18.05 18.62
C TRP C 11 3.87 18.63 19.68
N ASN C 12 3.39 19.88 19.43
CA ASN C 12 2.39 20.60 20.32
C ASN C 12 0.93 20.26 19.86
N TRP C 13 0.77 19.85 18.57
CA TRP C 13 -0.59 19.51 17.96
C TRP C 13 -1.00 18.06 18.36
N PHE C 14 0.02 17.23 18.71
CA PHE C 14 -0.16 15.79 19.18
C PHE C 14 -1.00 14.86 18.22
N ASP C 15 -2.34 15.11 18.15
CA ASP C 15 -3.34 14.26 17.36
C ASP C 15 -2.95 14.04 15.86
N ILE C 16 -2.68 15.14 15.12
CA ILE C 16 -2.33 15.07 13.62
C ILE C 16 -0.96 14.37 13.42
N THR C 17 0.00 14.65 14.35
CA THR C 17 1.41 14.07 14.31
C THR C 17 1.39 12.53 14.31
N ASN C 18 0.38 11.94 15.02
CA ASN C 18 0.20 10.43 15.08
C ASN C 18 -0.05 9.88 13.64
N TRP C 19 -0.98 10.55 12.92
CA TRP C 19 -1.37 10.22 11.49
C TRP C 19 -0.21 10.59 10.50
N LEU C 20 0.48 11.71 10.76
CA LEU C 20 1.61 12.25 9.85
C LEU C 20 2.86 11.31 9.83
N TRP C 21 2.89 10.17 10.60
CA TRP C 21 4.15 9.25 10.63
C TRP C 21 3.85 7.75 10.98
N TYR C 22 2.56 7.35 11.19
CA TYR C 22 2.18 5.88 11.53
C TYR C 22 1.84 5.13 10.21
N ILE C 23 1.47 5.88 9.14
CA ILE C 23 1.13 5.32 7.77
C ILE C 23 2.28 4.43 7.21
N ARG C 24 3.51 4.82 7.57
CA ARG C 24 4.79 4.13 7.13
C ARG C 24 4.75 2.60 7.45
N ILE C 25 4.34 2.27 8.68
CA ILE C 25 4.22 0.84 9.20
C ILE C 25 3.06 0.07 8.48
N PHE C 26 1.91 0.73 8.25
CA PHE C 26 0.67 0.11 7.61
C PHE C 26 0.99 -0.59 6.25
N ILE C 27 2.03 -0.11 5.54
CA ILE C 27 2.42 -0.67 4.18
C ILE C 27 2.74 -2.19 4.23
N ILE C 28 3.63 -2.52 5.17
CA ILE C 28 4.14 -3.94 5.39
C ILE C 28 2.98 -4.88 5.88
N ILE C 29 2.11 -4.37 6.81
CA ILE C 29 0.94 -5.17 7.39
C ILE C 29 -0.12 -5.47 6.28
N VAL C 30 -0.40 -4.47 5.41
CA VAL C 30 -1.42 -4.61 4.27
C VAL C 30 -0.89 -5.64 3.23
N GLY C 31 0.42 -6.01 3.34
CA GLY C 31 1.08 -7.03 2.44
C GLY C 31 0.68 -8.46 2.85
N SER C 32 0.42 -8.66 4.18
CA SER C 32 0.00 -10.00 4.77
C SER C 32 -1.49 -10.31 4.47
N LEU C 33 -2.29 -9.22 4.37
CA LEU C 33 -3.80 -9.29 4.13
C LEU C 33 -4.17 -10.13 2.86
N ILE C 34 -3.57 -9.76 1.70
CA ILE C 34 -3.85 -10.40 0.35
C ILE C 34 -3.69 -11.97 0.37
N GLY C 35 -2.58 -12.46 0.99
CA GLY C 35 -2.29 -13.96 1.10
C GLY C 35 -3.41 -14.73 1.85
N LEU C 36 -3.99 -14.08 2.87
CA LEU C 36 -5.12 -14.63 3.76
C LEU C 36 -6.38 -14.94 2.89
N ARG C 37 -6.63 -14.11 1.85
CA ARG C 37 -7.82 -14.27 0.88
C ARG C 37 -7.87 -15.68 0.19
N ILE C 38 -6.70 -16.31 -0.12
CA ILE C 38 -6.62 -17.69 -0.84
C ILE C 38 -7.37 -18.78 0.01
N VAL C 39 -7.22 -18.70 1.34
CA VAL C 39 -7.80 -19.68 2.36
C VAL C 39 -9.35 -19.83 2.16
N PHE C 40 -10.02 -18.77 1.67
CA PHE C 40 -11.53 -18.79 1.39
C PHE C 40 -11.88 -19.95 0.41
N ALA C 41 -10.94 -20.25 -0.52
CA ALA C 41 -11.13 -21.34 -1.57
C ALA C 41 -11.50 -22.71 -0.90
N VAL C 42 -10.89 -23.06 0.30
CA VAL C 42 -11.27 -24.37 1.02
C VAL C 42 -12.72 -24.26 1.57
N LEU C 43 -13.07 -23.06 2.12
CA LEU C 43 -14.45 -22.75 2.70
C LEU C 43 -15.50 -22.68 1.55
N SER C 44 -15.05 -22.38 0.31
CA SER C 44 -15.98 -22.30 -0.90
C SER C 44 -16.58 -23.69 -1.23
N LEU C 45 -15.80 -24.77 -0.96
CA LEU C 45 -16.23 -26.22 -1.21
C LEU C 45 -17.29 -26.63 -0.14
N VAL C 46 -17.18 -26.03 1.05
CA VAL C 46 -18.10 -26.28 2.22
C VAL C 46 -19.48 -25.62 1.95
N ASN C 47 -19.47 -24.40 1.30
CA ASN C 47 -20.75 -23.62 1.04
C ASN C 47 -21.65 -24.21 -0.09
N ARG C 48 -21.05 -24.84 -1.16
CA ARG C 48 -21.90 -25.41 -2.31
C ARG C 48 -22.63 -26.72 -1.88
N VAL C 49 -22.25 -27.26 -0.68
CA VAL C 49 -22.89 -28.50 -0.05
C VAL C 49 -23.76 -28.04 1.16
N ARG C 50 -23.25 -27.01 1.87
CA ARG C 50 -23.92 -26.39 3.09
C ARG C 50 -24.14 -27.44 4.23
N GLN C 51 -25.16 -28.32 4.04
CA GLN C 51 -25.53 -29.41 5.03
C GLN C 51 -26.42 -30.46 4.29
N LEU A 1 17.09 20.31 13.45
CA LEU A 1 16.73 18.88 13.67
C LEU A 1 16.90 18.17 12.28
N LEU A 2 15.89 18.31 11.38
CA LEU A 2 15.93 17.76 9.95
C LEU A 2 16.49 18.92 9.08
N GLU A 3 17.55 18.64 8.26
CA GLU A 3 18.24 19.67 7.37
C GLU A 3 19.19 18.94 6.41
N LEU A 4 19.68 19.64 5.35
CA LEU A 4 20.56 19.02 4.27
C LEU A 4 21.79 18.29 4.85
N ASP A 5 22.25 18.75 6.02
CA ASP A 5 23.43 18.15 6.77
C ASP A 5 23.01 16.84 7.46
N LYS A 6 21.76 16.81 8.00
CA LYS A 6 21.19 15.60 8.73
C LYS A 6 20.92 14.48 7.71
N TRP A 7 20.29 14.85 6.57
CA TRP A 7 19.95 13.88 5.44
C TRP A 7 21.24 13.27 4.84
N ALA A 8 22.13 14.18 4.35
CA ALA A 8 23.44 13.78 3.66
C ALA A 8 24.34 12.86 4.54
N SER A 9 24.08 12.81 5.85
CA SER A 9 24.88 11.96 6.82
C SER A 9 24.55 10.45 6.69
N LEU A 10 23.25 10.12 6.38
CA LEU A 10 22.79 8.66 6.24
C LEU A 10 23.39 7.98 4.97
N TRP A 11 23.89 8.77 3.98
CA TRP A 11 24.47 8.20 2.68
C TRP A 11 25.80 7.43 2.98
N ASN A 12 26.41 7.73 4.16
CA ASN A 12 27.69 7.08 4.63
C ASN A 12 27.35 5.76 5.40
N TRP A 13 26.08 5.63 5.89
CA TRP A 13 25.59 4.41 6.66
C TRP A 13 25.10 3.33 5.63
N PHE A 14 24.74 3.80 4.43
CA PHE A 14 24.26 2.99 3.24
C PHE A 14 23.13 1.90 3.50
N ASP A 15 23.33 0.98 4.46
CA ASP A 15 22.38 -0.19 4.75
C ASP A 15 20.92 0.27 5.11
N ILE A 16 20.78 1.17 6.11
CA ILE A 16 19.41 1.69 6.58
C ILE A 16 18.77 2.58 5.49
N THR A 17 19.61 3.39 4.78
CA THR A 17 19.14 4.36 3.71
C THR A 17 18.38 3.63 2.58
N ASN A 18 18.81 2.37 2.30
CA ASN A 18 18.15 1.51 1.23
C ASN A 18 16.65 1.31 1.61
N TRP A 19 16.41 0.95 2.89
CA TRP A 19 15.01 0.78 3.46
C TRP A 19 14.31 2.17 3.66
N LEU A 20 15.04 3.15 4.26
CA LEU A 20 14.45 4.55 4.62
C LEU A 20 14.08 5.43 3.39
N TRP A 21 14.31 4.97 2.13
CA TRP A 21 14.00 5.83 0.87
C TRP A 21 13.14 5.06 -0.19
N TYR A 22 13.32 3.72 -0.31
CA TYR A 22 12.57 2.87 -1.35
C TYR A 22 11.10 2.56 -0.92
N ILE A 23 10.63 2.92 0.33
CA ILE A 23 9.16 2.66 0.75
C ILE A 23 8.19 3.32 -0.27
N ARG A 24 8.60 4.50 -0.80
CA ARG A 24 7.81 5.32 -1.80
C ARG A 24 7.50 4.48 -3.09
N ILE A 25 8.54 3.77 -3.59
CA ILE A 25 8.46 2.86 -4.82
C ILE A 25 7.58 1.63 -4.47
N PHE A 26 7.88 1.09 -3.29
CA PHE A 26 7.28 -0.19 -2.72
C PHE A 26 5.72 -0.23 -2.70
N ILE A 27 5.05 0.95 -2.61
CA ILE A 27 3.51 1.02 -2.54
C ILE A 27 2.88 0.31 -3.78
N ILE A 28 3.37 0.72 -4.96
CA ILE A 28 2.91 0.19 -6.31
C ILE A 28 3.12 -1.38 -6.40
N ILE A 29 4.27 -1.91 -5.87
CA ILE A 29 4.58 -3.44 -5.90
C ILE A 29 3.43 -4.21 -5.19
N VAL A 30 2.91 -3.67 -4.06
CA VAL A 30 1.76 -4.31 -3.29
C VAL A 30 0.46 -4.21 -4.15
N GLY A 31 0.50 -3.31 -5.17
CA GLY A 31 -0.62 -3.09 -6.15
C GLY A 31 -0.64 -4.21 -7.20
N SER A 32 0.54 -4.81 -7.48
CA SER A 32 0.71 -5.93 -8.50
C SER A 32 0.18 -7.27 -7.91
N LEU A 33 0.31 -7.43 -6.56
CA LEU A 33 -0.15 -8.68 -5.83
C LEU A 33 -1.67 -8.96 -6.07
N ILE A 34 -2.54 -7.98 -5.72
CA ILE A 34 -4.06 -8.13 -5.83
C ILE A 34 -4.50 -8.56 -7.27
N GLY A 35 -3.96 -7.91 -8.32
CA GLY A 35 -4.35 -8.25 -9.75
C GLY A 35 -4.02 -9.73 -10.12
N LEU A 36 -2.89 -10.24 -9.59
CA LEU A 36 -2.36 -11.68 -9.83
C LEU A 36 -3.35 -12.73 -9.20
N ARG A 37 -3.73 -12.46 -7.96
CA ARG A 37 -4.67 -13.29 -7.08
C ARG A 37 -6.02 -13.71 -7.76
N ILE A 38 -6.56 -12.88 -8.67
CA ILE A 38 -7.94 -13.08 -9.34
C ILE A 38 -8.05 -14.48 -10.03
N VAL A 39 -6.95 -14.95 -10.67
CA VAL A 39 -6.94 -16.28 -11.46
C VAL A 39 -7.44 -17.46 -10.58
N PHE A 40 -7.29 -17.34 -9.23
CA PHE A 40 -7.79 -18.41 -8.24
C PHE A 40 -9.32 -18.67 -8.50
N ALA A 41 -10.04 -17.61 -8.90
CA ALA A 41 -11.54 -17.72 -9.22
C ALA A 41 -11.79 -18.81 -10.32
N VAL A 42 -11.01 -18.78 -11.46
CA VAL A 42 -11.15 -19.84 -12.57
C VAL A 42 -10.65 -21.22 -12.04
N LEU A 43 -9.64 -21.23 -11.10
CA LEU A 43 -9.08 -22.54 -10.49
C LEU A 43 -10.22 -23.34 -9.80
N SER A 44 -11.31 -22.63 -9.36
CA SER A 44 -12.50 -23.30 -8.67
C SER A 44 -13.20 -24.30 -9.64
N LEU A 45 -13.19 -23.97 -10.96
CA LEU A 45 -13.81 -24.85 -12.04
C LEU A 45 -12.86 -26.04 -12.33
N VAL A 46 -11.54 -25.83 -12.10
CA VAL A 46 -10.47 -26.89 -12.29
C VAL A 46 -10.54 -27.85 -11.07
N ASN A 47 -10.90 -27.29 -9.89
CA ASN A 47 -11.02 -28.07 -8.59
C ASN A 47 -12.20 -29.09 -8.67
N ARG A 48 -13.23 -28.77 -9.50
CA ARG A 48 -14.45 -29.64 -9.71
C ARG A 48 -14.09 -30.88 -10.56
N VAL A 49 -13.20 -30.67 -11.56
CA VAL A 49 -12.73 -31.75 -12.54
C VAL A 49 -11.58 -32.59 -11.90
N ARG A 50 -11.12 -32.20 -10.68
CA ARG A 50 -10.00 -32.92 -9.93
C ARG A 50 -10.27 -34.47 -9.84
N GLN A 51 -9.19 -35.28 -9.88
CA GLN A 51 -9.26 -36.81 -9.81
C GLN A 51 -9.75 -37.26 -8.42
N LEU B 1 20.79 20.72 -0.24
CA LEU B 1 19.88 19.77 -0.94
C LEU B 1 18.43 20.09 -0.48
N LEU B 2 17.73 19.14 0.20
CA LEU B 2 16.31 19.30 0.68
C LEU B 2 16.16 20.55 1.63
N GLU B 3 15.85 21.71 1.01
CA GLU B 3 15.65 23.07 1.67
C GLU B 3 14.38 23.69 1.04
N LEU B 4 13.67 24.61 1.77
CA LEU B 4 12.37 25.25 1.27
C LEU B 4 12.51 25.86 -0.13
N ASP B 5 13.76 26.24 -0.48
CA ASP B 5 14.12 26.84 -1.82
C ASP B 5 14.13 25.73 -2.90
N LYS B 6 14.66 24.54 -2.49
CA LYS B 6 14.79 23.32 -3.39
C LYS B 6 13.40 22.73 -3.69
N TRP B 7 12.55 22.59 -2.63
CA TRP B 7 11.14 22.03 -2.75
C TRP B 7 10.28 22.94 -3.67
N ALA B 8 10.36 24.27 -3.41
CA ALA B 8 9.55 25.30 -4.19
C ALA B 8 9.90 25.34 -5.71
N SER B 9 11.10 24.84 -6.07
CA SER B 9 11.59 24.83 -7.52
C SER B 9 10.79 23.81 -8.39
N LEU B 10 10.35 22.67 -7.77
CA LEU B 10 9.57 21.57 -8.53
C LEU B 10 8.12 22.04 -8.82
N TRP B 11 7.65 23.17 -8.22
CA TRP B 11 6.20 23.65 -8.42
C TRP B 11 5.99 24.12 -9.88
N ASN B 12 7.09 24.22 -10.67
CA ASN B 12 7.06 24.60 -12.14
C ASN B 12 6.88 23.31 -13.00
N TRP B 13 7.29 22.14 -12.43
CA TRP B 13 7.19 20.78 -13.13
C TRP B 13 5.71 20.25 -12.98
N PHE B 14 5.02 20.76 -11.95
CA PHE B 14 3.57 20.48 -11.63
C PHE B 14 3.17 18.95 -11.45
N ASP B 15 3.08 18.21 -12.58
CA ASP B 15 2.56 16.76 -12.61
C ASP B 15 3.24 15.80 -11.57
N ILE B 16 4.58 15.74 -11.59
CA ILE B 16 5.39 14.82 -10.65
C ILE B 16 5.28 15.34 -9.19
N THR B 17 5.27 16.69 -9.02
CA THR B 17 5.19 17.36 -7.64
C THR B 17 3.92 16.92 -6.88
N ASN B 18 2.82 16.69 -7.65
CA ASN B 18 1.49 16.24 -7.05
C ASN B 18 1.68 14.85 -6.35
N TRP B 19 2.35 13.91 -7.08
CA TRP B 19 2.65 12.52 -6.55
C TRP B 19 3.71 12.60 -5.38
N LEU B 20 4.71 13.54 -5.43
CA LEU B 20 5.74 13.68 -4.28
C LEU B 20 5.04 14.19 -2.98
N TRP B 21 3.71 14.45 -3.07
CA TRP B 21 2.82 14.86 -1.98
C TRP B 21 1.59 13.94 -2.20
N TYR B 22 0.57 14.23 -1.46
CA TYR B 22 -0.76 13.49 -1.42
C TYR B 22 -0.61 11.93 -1.27
N ILE B 23 0.64 11.39 -1.05
CA ILE B 23 0.89 9.89 -0.86
C ILE B 23 0.01 9.30 0.28
N ARG B 24 -0.21 10.11 1.35
CA ARG B 24 -1.02 9.68 2.59
C ARG B 24 -2.43 9.19 2.18
N ILE B 25 -3.09 9.99 1.34
CA ILE B 25 -4.48 9.72 0.78
C ILE B 25 -4.41 8.50 -0.16
N PHE B 26 -3.34 8.47 -0.96
CA PHE B 26 -3.10 7.41 -2.01
C PHE B 26 -3.10 5.95 -1.43
N ILE B 27 -2.55 5.73 -0.20
CA ILE B 27 -2.51 4.32 0.44
C ILE B 27 -3.96 3.84 0.71
N ILE B 28 -4.68 4.74 1.37
CA ILE B 28 -6.11 4.52 1.86
C ILE B 28 -7.07 4.17 0.66
N ILE B 29 -6.95 4.92 -0.47
CA ILE B 29 -7.78 4.66 -1.76
C ILE B 29 -7.32 3.30 -2.41
N VAL B 30 -5.97 3.07 -2.45
CA VAL B 30 -5.36 1.78 -3.04
C VAL B 30 -5.72 0.56 -2.14
N GLY B 31 -6.41 0.82 -1.00
CA GLY B 31 -6.87 -0.24 -0.01
C GLY B 31 -8.35 -0.62 -0.22
N SER B 32 -9.14 0.31 -0.84
CA SER B 32 -10.64 0.10 -1.07
C SER B 32 -10.94 -0.93 -2.18
N LEU B 33 -10.10 -0.98 -3.26
CA LEU B 33 -10.36 -1.91 -4.45
C LEU B 33 -10.19 -3.40 -4.07
N ILE B 34 -9.29 -3.79 -3.11
CA ILE B 34 -9.11 -5.27 -2.70
C ILE B 34 -10.42 -5.81 -2.05
N GLY B 35 -11.00 -5.02 -1.11
CA GLY B 35 -12.26 -5.40 -0.33
C GLY B 35 -13.46 -5.69 -1.26
N LEU B 36 -13.54 -4.91 -2.34
CA LEU B 36 -14.64 -4.98 -3.40
C LEU B 36 -14.57 -6.32 -4.19
N ARG B 37 -13.36 -6.68 -4.63
CA ARG B 37 -12.97 -7.90 -5.40
C ARG B 37 -13.43 -9.28 -4.83
N ILE B 38 -13.57 -9.43 -3.48
CA ILE B 38 -13.91 -10.77 -2.81
C ILE B 38 -15.18 -11.38 -3.42
N VAL B 39 -16.14 -10.51 -3.79
CA VAL B 39 -17.47 -10.94 -4.35
C VAL B 39 -17.26 -11.93 -5.54
N PHE B 40 -16.08 -11.84 -6.24
CA PHE B 40 -15.71 -12.80 -7.37
C PHE B 40 -15.78 -14.28 -6.83
N ALA B 41 -15.41 -14.47 -5.53
CA ALA B 41 -15.49 -15.85 -4.85
C ALA B 41 -16.99 -16.32 -4.82
N VAL B 42 -17.88 -15.35 -4.49
CA VAL B 42 -19.38 -15.56 -4.42
C VAL B 42 -19.95 -15.77 -5.87
N LEU B 43 -19.29 -15.14 -6.88
CA LEU B 43 -19.67 -15.27 -8.37
C LEU B 43 -19.43 -16.75 -8.81
N SER B 44 -18.50 -17.48 -8.10
CA SER B 44 -18.15 -18.92 -8.45
C SER B 44 -19.40 -19.84 -8.42
N LEU B 45 -20.34 -19.56 -7.49
CA LEU B 45 -21.64 -20.36 -7.36
C LEU B 45 -22.58 -19.97 -8.53
N VAL B 46 -22.50 -18.69 -8.94
CA VAL B 46 -23.34 -18.10 -10.07
C VAL B 46 -22.75 -18.62 -11.42
N ASN B 47 -21.41 -18.85 -11.44
CA ASN B 47 -20.64 -19.34 -12.66
C ASN B 47 -21.03 -20.81 -12.98
N ARG B 48 -21.42 -21.58 -11.94
CA ARG B 48 -21.81 -23.04 -12.07
C ARG B 48 -23.19 -23.18 -12.76
N VAL B 49 -24.13 -22.28 -12.39
CA VAL B 49 -25.56 -22.26 -12.93
C VAL B 49 -25.61 -21.52 -14.30
N ARG B 50 -24.57 -20.69 -14.60
CA ARG B 50 -24.48 -19.89 -15.91
C ARG B 50 -24.62 -20.83 -17.15
N GLN B 51 -25.12 -20.27 -18.29
CA GLN B 51 -25.33 -21.02 -19.60
C GLN B 51 -25.56 -19.97 -20.71
N LEU C 1 5.77 26.66 4.14
CA LEU C 1 6.55 25.58 3.45
C LEU C 1 7.36 24.80 4.52
N LEU C 2 7.93 23.64 4.11
CA LEU C 2 8.75 22.73 5.01
C LEU C 2 10.06 23.45 5.46
N GLU C 3 10.22 23.69 6.80
CA GLU C 3 11.44 24.36 7.42
C GLU C 3 11.84 23.58 8.70
N LEU C 4 13.13 23.71 9.12
CA LEU C 4 13.72 22.99 10.34
C LEU C 4 12.87 23.25 11.61
N ASP C 5 12.45 24.51 11.73
CA ASP C 5 11.62 25.02 12.89
C ASP C 5 10.16 24.53 12.79
N LYS C 6 9.66 24.34 11.54
CA LYS C 6 8.21 23.89 11.30
C LYS C 6 8.04 22.42 11.74
N TRP C 7 9.05 21.55 11.44
CA TRP C 7 9.00 20.06 11.81
C TRP C 7 8.98 19.89 13.36
N ALA C 8 9.96 20.52 14.04
CA ALA C 8 10.12 20.43 15.56
C ALA C 8 8.93 21.10 16.31
N SER C 9 8.35 22.15 15.71
CA SER C 9 7.15 22.89 16.30
C SER C 9 5.90 21.99 16.22
N LEU C 10 5.87 21.15 15.16
CA LEU C 10 4.73 20.17 14.85
C LEU C 10 4.57 19.14 16.00
N TRP C 11 5.67 18.92 16.78
CA TRP C 11 5.68 17.92 17.93
C TRP C 11 4.79 18.41 19.10
N ASN C 12 4.36 19.69 19.03
CA ASN C 12 3.47 20.34 20.08
C ASN C 12 2.03 19.78 20.00
N TRP C 13 1.62 19.32 18.78
CA TRP C 13 0.21 18.76 18.54
C TRP C 13 0.14 17.26 19.01
N PHE C 14 1.33 16.62 19.09
CA PHE C 14 1.53 15.20 19.58
C PHE C 14 0.70 14.07 18.83
N ASP C 15 -0.59 13.91 19.21
CA ASP C 15 -1.49 12.78 18.69
C ASP C 15 -1.58 12.68 17.14
N ILE C 16 -1.91 13.80 16.47
CA ILE C 16 -2.07 13.84 14.93
C ILE C 16 -0.69 13.65 14.23
N THR C 17 0.37 14.22 14.87
CA THR C 17 1.80 14.18 14.32
C THR C 17 2.38 12.74 14.26
N ASN C 18 2.27 12.01 15.40
CA ASN C 18 2.88 10.61 15.55
C ASN C 18 2.30 9.60 14.52
N TRP C 19 1.07 9.85 14.02
CA TRP C 19 0.36 8.95 13.01
C TRP C 19 1.15 8.87 11.66
N LEU C 20 1.61 10.04 11.13
CA LEU C 20 2.38 10.13 9.82
C LEU C 20 3.77 9.47 9.93
N TRP C 21 4.28 9.35 11.17
CA TRP C 21 5.60 8.67 11.45
C TRP C 21 5.38 7.14 11.50
N TYR C 22 4.06 6.70 11.38
CA TYR C 22 3.65 5.22 11.39
C TYR C 22 3.02 4.84 10.04
N ILE C 23 2.72 5.83 9.13
CA ILE C 23 2.15 5.54 7.74
C ILE C 23 3.10 4.53 6.99
N ARG C 24 4.43 4.65 7.25
CA ARG C 24 5.51 3.76 6.62
C ARG C 24 5.28 2.26 7.05
N ILE C 25 5.02 2.09 8.37
CA ILE C 25 4.75 0.73 9.02
C ILE C 25 3.40 0.17 8.50
N PHE C 26 2.45 1.11 8.39
CA PHE C 26 1.02 0.84 7.97
C PHE C 26 0.89 0.11 6.60
N ILE C 27 1.85 0.33 5.66
CA ILE C 27 1.83 -0.30 4.27
C ILE C 27 1.85 -1.84 4.39
N ILE C 28 2.79 -2.27 5.25
CA ILE C 28 3.08 -3.74 5.56
C ILE C 28 1.77 -4.44 6.08
N ILE C 29 0.98 -3.73 6.96
CA ILE C 29 -0.34 -4.29 7.53
C ILE C 29 -1.35 -4.50 6.35
N VAL C 30 -1.41 -3.52 5.39
CA VAL C 30 -2.34 -3.61 4.16
C VAL C 30 -1.80 -4.77 3.26
N GLY C 31 -0.53 -5.18 3.51
CA GLY C 31 0.17 -6.31 2.79
C GLY C 31 -0.33 -7.67 3.29
N SER C 32 -0.46 -7.80 4.65
CA SER C 32 -0.96 -9.08 5.33
C SER C 32 -2.44 -9.34 4.97
N LEU C 33 -3.16 -8.22 4.82
CA LEU C 33 -4.64 -8.16 4.55
C LEU C 33 -5.06 -8.95 3.28
N ILE C 34 -4.26 -8.81 2.17
CA ILE C 34 -4.59 -9.48 0.83
C ILE C 34 -4.45 -11.05 0.93
N GLY C 35 -3.37 -11.51 1.63
CA GLY C 35 -3.08 -13.00 1.80
C GLY C 35 -4.24 -13.78 2.47
N LEU C 36 -4.90 -13.12 3.43
CA LEU C 36 -6.07 -13.67 4.26
C LEU C 36 -7.31 -13.96 3.34
N ARG C 37 -7.58 -13.09 2.34
CA ARG C 37 -8.75 -13.23 1.36
C ARG C 37 -8.80 -14.61 0.60
N ILE C 38 -7.63 -15.21 0.26
CA ILE C 38 -7.54 -16.52 -0.56
C ILE C 38 -8.29 -17.64 0.16
N VAL C 39 -8.16 -17.60 1.49
CA VAL C 39 -8.72 -18.62 2.43
C VAL C 39 -10.24 -18.83 2.14
N PHE C 40 -10.91 -17.78 1.60
CA PHE C 40 -12.38 -17.83 1.19
C PHE C 40 -12.54 -18.96 0.11
N ALA C 41 -11.51 -19.12 -0.76
CA ALA C 41 -11.48 -20.19 -1.86
C ALA C 41 -11.65 -21.60 -1.21
N VAL C 42 -11.06 -21.75 0.01
CA VAL C 42 -11.12 -23.04 0.84
C VAL C 42 -12.59 -23.27 1.32
N LEU C 43 -13.25 -22.17 1.76
CA LEU C 43 -14.71 -22.17 2.24
C LEU C 43 -15.65 -22.44 1.03
N SER C 44 -15.18 -22.14 -0.22
CA SER C 44 -16.03 -22.38 -1.47
C SER C 44 -16.29 -23.89 -1.67
N LEU C 45 -15.31 -24.74 -1.26
CA LEU C 45 -15.42 -26.26 -1.39
C LEU C 45 -16.35 -26.80 -0.26
N VAL C 46 -16.50 -26.02 0.84
CA VAL C 46 -17.39 -26.39 2.01
C VAL C 46 -18.86 -26.12 1.62
N ASN C 47 -19.12 -24.95 0.94
CA ASN C 47 -20.51 -24.54 0.51
C ASN C 47 -20.98 -25.27 -0.77
N ARG C 48 -20.06 -26.08 -1.39
CA ARG C 48 -20.35 -26.83 -2.67
C ARG C 48 -21.31 -28.02 -2.42
N VAL C 49 -20.97 -28.92 -1.45
CA VAL C 49 -21.79 -30.16 -1.09
C VAL C 49 -22.59 -29.93 0.23
N ARG C 50 -21.97 -29.21 1.19
CA ARG C 50 -22.56 -28.86 2.56
C ARG C 50 -23.40 -30.02 3.21
N GLN C 51 -22.85 -30.68 4.28
CA GLN C 51 -23.53 -31.81 5.04
C GLN C 51 -25.00 -31.46 5.44
N LEU A 1 15.71 20.97 13.40
CA LEU A 1 15.44 19.66 14.06
C LEU A 1 16.23 18.61 13.24
N LEU A 2 15.90 18.54 11.93
CA LEU A 2 16.57 17.61 10.95
C LEU A 2 17.95 18.25 10.54
N GLU A 3 17.90 19.26 9.63
CA GLU A 3 19.10 20.03 9.13
C GLU A 3 20.02 19.15 8.25
N LEU A 4 20.87 19.84 7.45
CA LEU A 4 21.87 19.24 6.49
C LEU A 4 22.77 18.19 7.18
N ASP A 5 23.06 18.49 8.44
CA ASP A 5 23.97 17.67 9.32
C ASP A 5 23.38 16.27 9.63
N LYS A 6 22.06 16.20 9.95
CA LYS A 6 21.40 14.85 10.31
C LYS A 6 21.26 13.95 9.07
N TRP A 7 20.89 14.56 7.90
CA TRP A 7 20.71 13.77 6.60
C TRP A 7 22.08 13.28 6.07
N ALA A 8 23.09 14.18 6.05
CA ALA A 8 24.48 13.84 5.50
C ALA A 8 25.14 12.62 6.21
N SER A 9 24.62 12.23 7.40
CA SER A 9 25.16 11.05 8.20
C SER A 9 24.78 9.70 7.53
N LEU A 10 23.61 9.68 6.85
CA LEU A 10 23.04 8.44 6.16
C LEU A 10 23.95 7.96 4.99
N TRP A 11 24.77 8.89 4.43
CA TRP A 11 25.70 8.58 3.26
C TRP A 11 26.95 7.81 3.75
N ASN A 12 27.16 7.70 5.09
CA ASN A 12 28.38 7.01 5.70
C ASN A 12 28.28 5.46 5.58
N TRP A 13 27.12 4.88 5.97
CA TRP A 13 26.84 3.36 5.95
C TRP A 13 25.96 2.96 4.73
N PHE A 14 25.20 3.94 4.22
CA PHE A 14 24.30 3.82 3.00
C PHE A 14 23.35 2.56 2.90
N ASP A 15 23.51 1.51 3.77
CA ASP A 15 22.66 0.23 3.71
C ASP A 15 21.16 0.52 4.00
N ILE A 16 20.90 1.22 5.14
CA ILE A 16 19.50 1.59 5.63
C ILE A 16 18.87 2.63 4.65
N THR A 17 19.75 3.50 4.07
CA THR A 17 19.33 4.60 3.11
C THR A 17 18.61 4.02 1.86
N ASN A 18 19.08 2.82 1.43
CA ASN A 18 18.50 2.09 0.22
C ASN A 18 17.00 1.73 0.47
N TRP A 19 16.74 1.17 1.67
CA TRP A 19 15.34 0.76 2.12
C TRP A 19 14.48 2.02 2.46
N LEU A 20 15.06 2.98 3.21
CA LEU A 20 14.33 4.23 3.71
C LEU A 20 13.95 5.22 2.59
N TRP A 21 14.44 4.96 1.34
CA TRP A 21 14.15 5.86 0.11
C TRP A 21 13.25 5.10 -0.92
N TYR A 22 13.35 3.75 -0.96
CA TYR A 22 12.59 2.88 -1.97
C TYR A 22 11.13 2.52 -1.51
N ILE A 23 10.69 2.91 -0.27
CA ILE A 23 9.26 2.58 0.23
C ILE A 23 8.17 3.11 -0.76
N ARG A 24 8.42 4.32 -1.32
CA ARG A 24 7.47 5.02 -2.30
C ARG A 24 7.19 4.11 -3.54
N ILE A 25 8.26 3.49 -4.08
CA ILE A 25 8.17 2.53 -5.25
C ILE A 25 7.46 1.23 -4.75
N PHE A 26 7.89 0.78 -3.55
CA PHE A 26 7.38 -0.50 -2.89
C PHE A 26 5.85 -0.45 -2.63
N ILE A 27 5.36 0.78 -2.37
CA ILE A 27 3.89 1.08 -2.09
C ILE A 27 3.02 0.62 -3.33
N ILE A 28 3.46 1.01 -4.55
CA ILE A 28 2.75 0.65 -5.87
C ILE A 28 2.71 -0.91 -6.05
N ILE A 29 3.85 -1.61 -5.73
CA ILE A 29 3.98 -3.14 -5.86
C ILE A 29 2.87 -3.86 -5.03
N VAL A 30 2.54 -3.35 -3.81
CA VAL A 30 1.46 -3.98 -2.91
C VAL A 30 0.07 -3.83 -3.61
N GLY A 31 0.03 -3.03 -4.71
CA GLY A 31 -1.20 -2.79 -5.57
C GLY A 31 -1.31 -3.82 -6.71
N SER A 32 -0.25 -4.66 -6.91
CA SER A 32 -0.20 -5.73 -8.01
C SER A 32 -0.80 -7.07 -7.50
N LEU A 33 -0.61 -7.35 -6.19
CA LEU A 33 -1.09 -8.63 -5.51
C LEU A 33 -2.62 -8.85 -5.70
N ILE A 34 -3.41 -7.80 -5.36
CA ILE A 34 -4.93 -7.85 -5.37
C ILE A 34 -5.56 -8.33 -6.73
N GLY A 35 -5.11 -7.78 -7.89
CA GLY A 35 -5.69 -8.18 -9.25
C GLY A 35 -5.45 -9.67 -9.57
N LEU A 36 -4.27 -10.16 -9.16
CA LEU A 36 -3.80 -11.61 -9.36
C LEU A 36 -4.83 -12.61 -8.74
N ARG A 37 -5.52 -12.18 -7.65
CA ARG A 37 -6.54 -13.05 -6.90
C ARG A 37 -7.81 -13.43 -7.76
N ILE A 38 -8.34 -12.52 -8.64
CA ILE A 38 -9.62 -12.81 -9.48
C ILE A 38 -9.40 -14.03 -10.37
N VAL A 39 -8.17 -14.08 -10.92
CA VAL A 39 -7.73 -15.12 -11.91
C VAL A 39 -7.98 -16.55 -11.36
N PHE A 40 -7.96 -16.70 -10.01
CA PHE A 40 -8.25 -18.01 -9.29
C PHE A 40 -9.67 -18.51 -9.70
N ALA A 41 -10.57 -17.55 -9.97
CA ALA A 41 -12.02 -17.85 -10.35
C ALA A 41 -12.09 -18.82 -11.58
N VAL A 42 -11.25 -18.60 -12.66
CA VAL A 42 -11.25 -19.57 -13.87
C VAL A 42 -10.64 -20.94 -13.47
N LEU A 43 -9.63 -20.92 -12.54
CA LEU A 43 -8.93 -22.17 -12.02
C LEU A 43 -9.93 -23.04 -11.20
N SER A 44 -11.01 -22.42 -10.64
CA SER A 44 -12.07 -23.15 -9.83
C SER A 44 -12.85 -24.17 -10.71
N LEU A 45 -13.02 -23.84 -12.02
CA LEU A 45 -13.75 -24.76 -13.01
C LEU A 45 -12.82 -25.93 -13.40
N VAL A 46 -11.49 -25.64 -13.42
CA VAL A 46 -10.42 -26.66 -13.75
C VAL A 46 -10.29 -27.66 -12.57
N ASN A 47 -10.65 -27.19 -11.33
CA ASN A 47 -10.60 -28.04 -10.07
C ASN A 47 -11.71 -29.12 -10.11
N ARG A 48 -12.77 -28.91 -10.93
CA ARG A 48 -13.93 -29.91 -11.06
C ARG A 48 -13.45 -31.15 -11.88
N VAL A 49 -12.41 -30.95 -12.72
CA VAL A 49 -11.81 -32.02 -13.62
C VAL A 49 -10.72 -32.83 -12.86
N ARG A 50 -10.15 -32.24 -11.77
CA ARG A 50 -9.03 -32.90 -10.93
C ARG A 50 -9.31 -32.67 -9.41
N GLN A 51 -10.54 -33.05 -8.99
CA GLN A 51 -11.07 -32.96 -7.55
C GLN A 51 -10.67 -31.64 -6.78
N LEU B 1 22.09 19.48 1.06
CA LEU B 1 21.34 18.19 1.07
C LEU B 1 20.02 18.44 1.86
N LEU B 2 18.90 18.58 1.12
CA LEU B 2 17.51 18.84 1.71
C LEU B 2 17.50 20.15 2.57
N GLU B 3 17.42 21.32 1.88
CA GLU B 3 17.36 22.72 2.50
C GLU B 3 16.26 23.50 1.75
N LEU B 4 15.60 24.50 2.41
CA LEU B 4 14.43 25.27 1.80
C LEU B 4 14.70 25.80 0.38
N ASP B 5 15.98 25.97 0.11
CA ASP B 5 16.53 26.47 -1.21
C ASP B 5 16.45 25.34 -2.26
N LYS B 6 16.85 24.11 -1.83
CA LYS B 6 16.87 22.88 -2.74
C LYS B 6 15.42 22.44 -3.07
N TRP B 7 14.54 22.50 -2.04
CA TRP B 7 13.07 22.11 -2.17
C TRP B 7 12.33 23.10 -3.11
N ALA B 8 12.53 24.41 -2.87
CA ALA B 8 11.85 25.52 -3.67
C ALA B 8 12.22 25.47 -5.19
N SER B 9 13.32 24.75 -5.54
CA SER B 9 13.80 24.61 -6.98
C SER B 9 12.87 23.62 -7.76
N LEU B 10 12.40 22.58 -7.04
CA LEU B 10 11.50 21.48 -7.59
C LEU B 10 10.08 22.03 -7.91
N TRP B 11 9.63 23.01 -7.10
CA TRP B 11 8.25 23.63 -7.19
C TRP B 11 8.11 24.48 -8.49
N ASN B 12 9.21 24.62 -9.26
CA ASN B 12 9.23 25.39 -10.57
C ASN B 12 8.69 24.48 -11.71
N TRP B 13 8.61 23.14 -11.46
CA TRP B 13 8.12 22.12 -12.49
C TRP B 13 6.55 22.11 -12.51
N PHE B 14 5.97 22.56 -11.39
CA PHE B 14 4.47 22.74 -11.17
C PHE B 14 3.56 21.49 -11.48
N ASP B 15 3.39 21.15 -12.77
CA ASP B 15 2.41 20.06 -13.24
C ASP B 15 2.75 18.65 -12.66
N ILE B 16 4.00 18.18 -12.86
CA ILE B 16 4.48 16.82 -12.32
C ILE B 16 4.58 16.86 -10.78
N THR B 17 4.80 18.07 -10.18
CA THR B 17 4.96 18.23 -8.66
C THR B 17 3.72 17.67 -7.93
N ASN B 18 2.53 17.78 -8.56
CA ASN B 18 1.21 17.30 -7.91
C ASN B 18 1.28 15.78 -7.56
N TRP B 19 2.19 15.05 -8.23
CA TRP B 19 2.42 13.56 -8.01
C TRP B 19 3.14 13.29 -6.66
N LEU B 20 4.12 14.18 -6.35
CA LEU B 20 5.05 14.06 -5.14
C LEU B 20 4.41 14.36 -3.73
N TRP B 21 3.12 14.79 -3.63
CA TRP B 21 2.49 15.10 -2.25
C TRP B 21 0.93 15.10 -2.31
N TYR B 22 0.37 14.04 -2.92
CA TYR B 22 -1.14 13.79 -3.00
C TYR B 22 -1.42 12.28 -3.17
N ILE B 23 -0.42 11.45 -3.63
CA ILE B 23 -0.59 9.94 -3.75
C ILE B 23 -0.89 9.33 -2.35
N ARG B 24 -0.28 9.91 -1.27
CA ARG B 24 -0.42 9.36 0.16
C ARG B 24 -1.90 9.18 0.54
N ILE B 25 -2.77 10.03 -0.03
CA ILE B 25 -4.28 9.95 0.16
C ILE B 25 -4.77 8.59 -0.47
N PHE B 26 -4.22 8.35 -1.67
CA PHE B 26 -4.52 7.15 -2.57
C PHE B 26 -4.15 5.78 -1.93
N ILE B 27 -3.14 5.73 -1.03
CA ILE B 27 -2.68 4.41 -0.36
C ILE B 27 -3.87 3.76 0.39
N ILE B 28 -4.53 4.58 1.23
CA ILE B 28 -5.73 4.16 2.07
C ILE B 28 -6.89 3.64 1.14
N ILE B 29 -7.19 4.41 0.05
CA ILE B 29 -8.30 4.06 -0.94
C ILE B 29 -7.96 2.70 -1.67
N VAL B 30 -6.68 2.52 -2.07
CA VAL B 30 -6.18 1.26 -2.79
C VAL B 30 -6.13 0.04 -1.80
N GLY B 31 -6.69 0.20 -0.56
CA GLY B 31 -6.76 -0.91 0.50
C GLY B 31 -8.20 -1.43 0.69
N SER B 32 -9.22 -0.65 0.22
CA SER B 32 -10.71 -1.01 0.38
C SER B 32 -11.18 -2.16 -0.56
N LEU B 33 -10.63 -2.22 -1.80
CA LEU B 33 -11.05 -3.24 -2.86
C LEU B 33 -10.97 -4.74 -2.35
N ILE B 34 -10.02 -5.10 -1.44
CA ILE B 34 -9.84 -6.57 -1.00
C ILE B 34 -11.10 -7.11 -0.26
N GLY B 35 -11.61 -6.30 0.70
CA GLY B 35 -12.83 -6.66 1.53
C GLY B 35 -14.06 -6.84 0.63
N LEU B 36 -14.14 -5.99 -0.42
CA LEU B 36 -15.28 -5.99 -1.45
C LEU B 36 -15.35 -7.35 -2.21
N ARG B 37 -14.19 -7.88 -2.69
CA ARG B 37 -14.06 -9.19 -3.41
C ARG B 37 -14.72 -10.43 -2.73
N ILE B 38 -14.82 -10.49 -1.38
CA ILE B 38 -15.32 -11.74 -0.63
C ILE B 38 -16.71 -12.20 -1.20
N VAL B 39 -17.60 -11.24 -1.58
CA VAL B 39 -18.98 -11.55 -2.17
C VAL B 39 -18.88 -12.52 -3.39
N PHE B 40 -17.71 -12.52 -4.11
CA PHE B 40 -17.45 -13.44 -5.31
C PHE B 40 -17.71 -14.93 -4.87
N ALA B 41 -17.43 -15.22 -3.58
CA ALA B 41 -17.61 -16.62 -3.02
C ALA B 41 -19.08 -17.12 -3.30
N VAL B 42 -20.12 -16.22 -3.24
CA VAL B 42 -21.57 -16.62 -3.61
C VAL B 42 -21.65 -16.85 -5.15
N LEU B 43 -20.96 -15.95 -5.92
CA LEU B 43 -20.90 -16.00 -7.46
C LEU B 43 -20.28 -17.35 -7.93
N SER B 44 -19.47 -18.00 -7.05
CA SER B 44 -18.80 -19.34 -7.41
C SER B 44 -19.85 -20.46 -7.61
N LEU B 45 -20.97 -20.39 -6.85
CA LEU B 45 -22.10 -21.41 -6.96
C LEU B 45 -22.94 -21.11 -8.23
N VAL B 46 -22.89 -19.83 -8.68
CA VAL B 46 -23.64 -19.35 -9.92
C VAL B 46 -22.85 -19.82 -11.17
N ASN B 47 -21.48 -19.84 -11.07
CA ASN B 47 -20.58 -20.24 -12.24
C ASN B 47 -20.69 -21.75 -12.54
N ARG B 48 -21.18 -22.55 -11.53
CA ARG B 48 -21.34 -24.05 -11.66
C ARG B 48 -22.54 -24.39 -12.61
N VAL B 49 -23.54 -23.47 -12.64
CA VAL B 49 -24.79 -23.61 -13.50
C VAL B 49 -24.45 -23.15 -14.95
N ARG B 50 -23.59 -22.11 -15.04
CA ARG B 50 -23.14 -21.48 -16.37
C ARG B 50 -22.43 -22.54 -17.27
N GLN B 51 -21.86 -23.57 -16.60
CA GLN B 51 -21.11 -24.72 -17.28
C GLN B 51 -19.91 -24.19 -18.13
N LEU C 1 11.41 25.31 0.94
CA LEU C 1 10.33 26.18 1.46
C LEU C 1 10.18 25.89 2.98
N LEU C 2 10.26 24.58 3.36
CA LEU C 2 10.17 24.10 4.82
C LEU C 2 11.58 24.12 5.45
N GLU C 3 11.66 24.15 6.83
CA GLU C 3 12.97 24.21 7.59
C GLU C 3 12.73 23.90 9.10
N LEU C 4 13.77 24.14 9.93
CA LEU C 4 13.78 23.86 11.43
C LEU C 4 12.56 24.46 12.13
N ASP C 5 12.17 25.65 11.68
CA ASP C 5 11.00 26.42 12.26
C ASP C 5 9.67 25.78 11.84
N LYS C 6 9.61 25.26 10.58
CA LYS C 6 8.33 24.61 10.04
C LYS C 6 8.09 23.25 10.73
N TRP C 7 9.15 22.41 10.84
CA TRP C 7 9.06 21.03 11.48
C TRP C 7 8.78 21.12 12.98
N ALA C 8 9.54 21.98 13.69
CA ALA C 8 9.43 22.16 15.20
C ALA C 8 8.03 22.68 15.66
N SER C 9 7.28 23.32 14.74
CA SER C 9 5.92 23.92 15.06
C SER C 9 4.81 22.84 15.22
N LEU C 10 4.90 21.69 14.47
CA LEU C 10 3.82 20.58 14.54
C LEU C 10 3.85 19.83 15.91
N TRP C 11 4.98 19.87 16.68
CA TRP C 11 5.06 19.11 18.03
C TRP C 11 4.11 19.74 19.09
N ASN C 12 3.63 20.97 18.81
CA ASN C 12 2.64 21.71 19.70
C ASN C 12 1.21 21.21 19.36
N TRP C 13 0.99 20.75 18.09
CA TRP C 13 -0.35 20.21 17.61
C TRP C 13 -0.49 18.72 18.10
N PHE C 14 0.68 18.09 18.37
CA PHE C 14 0.81 16.68 18.92
C PHE C 14 0.07 15.54 18.11
N ASP C 15 -1.27 15.56 18.14
CA ASP C 15 -2.17 14.48 17.53
C ASP C 15 -1.87 14.17 16.03
N ILE C 16 -1.84 15.22 15.18
CA ILE C 16 -1.58 15.05 13.68
C ILE C 16 -0.12 14.59 13.41
N THR C 17 0.82 15.00 14.30
CA THR C 17 2.31 14.67 14.13
C THR C 17 2.55 13.13 14.15
N ASN C 18 1.77 12.39 14.99
CA ASN C 18 1.94 10.87 15.12
C ASN C 18 1.64 10.15 13.75
N TRP C 19 0.63 10.66 13.01
CA TRP C 19 0.20 10.10 11.65
C TRP C 19 1.36 10.21 10.61
N LEU C 20 2.01 11.38 10.57
CA LEU C 20 3.08 11.71 9.53
C LEU C 20 4.38 10.86 9.68
N TRP C 21 4.55 10.13 10.83
CA TRP C 21 5.82 9.28 11.10
C TRP C 21 5.51 7.81 11.54
N TYR C 22 4.29 7.26 11.23
CA TYR C 22 3.92 5.79 11.55
C TYR C 22 3.14 5.11 10.37
N ILE C 23 2.61 5.88 9.37
CA ILE C 23 1.86 5.27 8.17
C ILE C 23 2.82 4.35 7.35
N ARG C 24 4.12 4.75 7.28
CA ARG C 24 5.19 4.00 6.49
C ARG C 24 5.29 2.51 6.94
N ILE C 25 5.33 2.29 8.27
CA ILE C 25 5.37 0.90 8.89
C ILE C 25 4.02 0.17 8.67
N PHE C 26 2.94 0.94 8.88
CA PHE C 26 1.52 0.43 8.87
C PHE C 26 1.13 -0.37 7.59
N ILE C 27 1.58 0.13 6.44
CA ILE C 27 1.28 -0.46 5.07
C ILE C 27 1.77 -1.92 4.96
N ILE C 28 2.91 -2.25 5.60
CA ILE C 28 3.51 -3.67 5.60
C ILE C 28 2.42 -4.65 6.19
N ILE C 29 1.71 -4.21 7.28
CA ILE C 29 0.59 -5.04 7.94
C ILE C 29 -0.60 -5.18 6.90
N VAL C 30 -0.93 -4.08 6.14
CA VAL C 30 -2.06 -4.08 5.09
C VAL C 30 -1.66 -5.01 3.89
N GLY C 31 -0.44 -5.63 3.97
CA GLY C 31 0.09 -6.60 2.91
C GLY C 31 -0.18 -8.07 3.31
N SER C 32 -0.33 -8.33 4.64
CA SER C 32 -0.58 -9.73 5.21
C SER C 32 -2.09 -10.07 5.29
N LEU C 33 -2.89 -9.05 5.60
CA LEU C 33 -4.41 -9.14 5.78
C LEU C 33 -5.09 -9.64 4.46
N ILE C 34 -4.48 -9.34 3.29
CA ILE C 34 -4.97 -9.78 1.90
C ILE C 34 -4.46 -11.21 1.57
N GLY C 35 -3.31 -11.65 2.14
CA GLY C 35 -2.70 -13.01 1.83
C GLY C 35 -3.66 -14.20 2.13
N LEU C 36 -4.21 -14.26 3.37
CA LEU C 36 -5.18 -15.37 3.83
C LEU C 36 -6.49 -15.45 2.98
N ARG C 37 -6.96 -14.33 2.33
CA ARG C 37 -8.27 -14.26 1.50
C ARG C 37 -8.39 -15.50 0.54
N ILE C 38 -7.25 -16.00 0.06
CA ILE C 38 -7.16 -17.14 -0.95
C ILE C 38 -7.92 -18.41 -0.39
N VAL C 39 -7.84 -18.68 0.94
CA VAL C 39 -8.52 -19.88 1.61
C VAL C 39 -10.05 -19.94 1.28
N PHE C 40 -10.70 -18.76 1.01
CA PHE C 40 -12.20 -18.72 0.64
C PHE C 40 -12.46 -19.60 -0.63
N ALA C 41 -11.47 -19.60 -1.56
CA ALA C 41 -11.54 -20.45 -2.84
C ALA C 41 -11.57 -21.96 -2.45
N VAL C 42 -10.75 -22.29 -1.43
CA VAL C 42 -10.64 -23.70 -0.86
C VAL C 42 -11.96 -24.07 -0.11
N LEU C 43 -12.56 -23.07 0.60
CA LEU C 43 -13.88 -23.26 1.37
C LEU C 43 -15.04 -23.52 0.36
N SER C 44 -14.92 -22.96 -0.88
CA SER C 44 -15.98 -23.10 -1.96
C SER C 44 -16.20 -24.58 -2.34
N LEU C 45 -15.11 -25.40 -2.27
CA LEU C 45 -15.18 -26.90 -2.59
C LEU C 45 -15.89 -27.62 -1.43
N VAL C 46 -15.60 -27.15 -0.19
CA VAL C 46 -16.21 -27.71 1.09
C VAL C 46 -17.71 -27.30 1.14
N ASN C 47 -18.06 -26.17 0.46
CA ASN C 47 -19.47 -25.63 0.41
C ASN C 47 -20.36 -26.52 -0.51
N ARG C 48 -19.74 -27.39 -1.37
CA ARG C 48 -20.52 -28.32 -2.30
C ARG C 48 -21.17 -29.47 -1.46
N VAL C 49 -20.44 -29.91 -0.41
CA VAL C 49 -20.88 -31.04 0.52
C VAL C 49 -21.85 -30.47 1.60
N ARG C 50 -21.56 -29.22 2.06
CA ARG C 50 -22.38 -28.46 3.12
C ARG C 50 -23.10 -27.28 2.41
N GLN C 51 -24.45 -27.36 2.26
CA GLN C 51 -25.31 -26.30 1.59
C GLN C 51 -24.89 -26.10 0.09
N LEU A 1 17.62 16.37 13.47
CA LEU A 1 16.42 17.27 13.40
C LEU A 1 16.14 17.65 11.91
N LEU A 2 16.57 16.76 10.99
CA LEU A 2 16.37 16.92 9.48
C LEU A 2 17.05 18.21 8.90
N GLU A 3 18.28 18.04 8.39
CA GLU A 3 19.15 19.10 7.70
C GLU A 3 20.09 18.30 6.75
N LEU A 4 20.70 18.96 5.73
CA LEU A 4 21.64 18.26 4.73
C LEU A 4 22.73 17.44 5.45
N ASP A 5 23.05 17.87 6.67
CA ASP A 5 24.07 17.21 7.58
C ASP A 5 23.50 15.89 8.17
N LYS A 6 22.22 15.95 8.64
CA LYS A 6 21.52 14.75 9.27
C LYS A 6 21.21 13.67 8.18
N TRP A 7 20.65 14.12 7.03
CA TRP A 7 20.29 13.19 5.86
C TRP A 7 21.56 12.45 5.35
N ALA A 8 22.67 13.20 5.20
CA ALA A 8 24.00 12.63 4.68
C ALA A 8 24.53 11.42 5.53
N SER A 9 24.19 11.39 6.84
CA SER A 9 24.65 10.31 7.80
C SER A 9 24.07 8.91 7.45
N LEU A 10 22.83 8.88 6.89
CA LEU A 10 22.11 7.58 6.52
C LEU A 10 22.82 6.86 5.33
N TRP A 11 23.65 7.58 4.54
CA TRP A 11 24.40 6.97 3.35
C TRP A 11 25.48 5.97 3.84
N ASN A 12 25.88 6.11 5.14
CA ASN A 12 26.91 5.21 5.81
C ASN A 12 26.21 3.93 6.34
N TRP A 13 24.87 4.01 6.61
CA TRP A 13 24.05 2.84 7.13
C TRP A 13 23.67 1.92 5.91
N PHE A 14 23.67 2.54 4.71
CA PHE A 14 23.42 1.88 3.37
C PHE A 14 22.12 0.99 3.24
N ASP A 15 22.09 -0.14 3.98
CA ASP A 15 20.99 -1.21 3.89
C ASP A 15 19.53 -0.64 4.02
N ILE A 16 19.27 0.13 5.11
CA ILE A 16 17.89 0.73 5.38
C ILE A 16 17.55 1.84 4.35
N THR A 17 18.58 2.64 3.99
CA THR A 17 18.46 3.80 3.01
C THR A 17 17.96 3.35 1.62
N ASN A 18 18.35 2.12 1.22
CA ASN A 18 17.99 1.56 -0.15
C ASN A 18 16.45 1.52 -0.37
N TRP A 19 15.68 1.00 0.60
CA TRP A 19 14.15 0.90 0.49
C TRP A 19 13.47 2.31 0.63
N LEU A 20 13.84 3.15 1.67
CA LEU A 20 13.13 4.51 1.94
C LEU A 20 13.63 5.71 1.12
N TRP A 21 14.75 5.59 0.37
CA TRP A 21 15.28 6.75 -0.50
C TRP A 21 14.29 7.04 -1.67
N TYR A 22 13.31 6.12 -1.88
CA TYR A 22 12.24 6.27 -2.96
C TYR A 22 11.17 5.16 -2.78
N ILE A 23 10.41 5.26 -1.67
CA ILE A 23 9.25 4.34 -1.28
C ILE A 23 8.22 4.30 -2.44
N ARG A 24 8.07 5.45 -3.16
CA ARG A 24 7.02 5.60 -4.27
C ARG A 24 7.15 4.41 -5.26
N ILE A 25 8.38 3.91 -5.45
CA ILE A 25 8.66 2.67 -6.29
C ILE A 25 8.06 1.43 -5.57
N PHE A 26 8.38 1.33 -4.26
CA PHE A 26 7.96 0.19 -3.34
C PHE A 26 6.40 0.05 -3.25
N ILE A 27 5.76 1.20 -3.04
CA ILE A 27 4.23 1.36 -2.89
C ILE A 27 3.49 0.82 -4.17
N ILE A 28 3.92 1.28 -5.37
CA ILE A 28 3.29 0.86 -6.71
C ILE A 28 3.38 -0.70 -6.89
N ILE A 29 4.54 -1.33 -6.52
CA ILE A 29 4.76 -2.85 -6.63
C ILE A 29 3.72 -3.61 -5.74
N VAL A 30 3.46 -3.08 -4.51
CA VAL A 30 2.50 -3.71 -3.50
C VAL A 30 1.02 -3.65 -4.01
N GLY A 31 0.82 -3.07 -5.24
CA GLY A 31 -0.55 -2.95 -5.91
C GLY A 31 -0.73 -3.94 -7.08
N SER A 32 0.36 -4.66 -7.49
CA SER A 32 0.32 -5.65 -8.67
C SER A 32 -0.11 -7.08 -8.26
N LEU A 33 0.29 -7.54 -7.05
CA LEU A 33 -0.01 -8.96 -6.56
C LEU A 33 -1.52 -9.23 -6.34
N ILE A 34 -2.32 -8.19 -5.94
CA ILE A 34 -3.83 -8.36 -5.66
C ILE A 34 -4.59 -8.77 -6.97
N GLY A 35 -4.27 -8.09 -8.10
CA GLY A 35 -4.89 -8.37 -9.46
C GLY A 35 -4.64 -9.82 -9.91
N LEU A 36 -3.45 -10.32 -9.56
CA LEU A 36 -2.93 -11.72 -9.90
C LEU A 36 -3.89 -12.83 -9.31
N ARG A 37 -4.44 -12.57 -8.10
CA ARG A 37 -5.41 -13.51 -7.34
C ARG A 37 -6.62 -14.02 -8.21
N ILE A 38 -7.15 -13.21 -9.15
CA ILE A 38 -8.42 -13.60 -9.95
C ILE A 38 -8.26 -14.93 -10.70
N VAL A 39 -7.06 -15.18 -11.27
CA VAL A 39 -6.82 -16.40 -12.15
C VAL A 39 -7.17 -17.71 -11.39
N PHE A 40 -7.09 -17.68 -10.04
CA PHE A 40 -7.44 -18.86 -9.13
C PHE A 40 -8.90 -19.32 -9.46
N ALA A 41 -9.76 -18.34 -9.83
CA ALA A 41 -11.22 -18.57 -10.15
C ALA A 41 -11.40 -19.67 -11.26
N VAL A 42 -10.61 -19.62 -12.39
CA VAL A 42 -10.74 -20.73 -13.48
C VAL A 42 -10.21 -22.08 -12.94
N LEU A 43 -9.18 -22.01 -12.03
CA LEU A 43 -8.56 -23.23 -11.33
C LEU A 43 -9.63 -23.88 -10.40
N SER A 44 -10.64 -23.08 -9.95
CA SER A 44 -11.74 -23.59 -9.03
C SER A 44 -12.55 -24.74 -9.69
N LEU A 45 -12.76 -24.63 -11.03
CA LEU A 45 -13.51 -25.63 -11.86
C LEU A 45 -12.60 -26.88 -12.11
N VAL A 46 -11.28 -26.75 -11.84
CA VAL A 46 -10.28 -27.87 -12.02
C VAL A 46 -10.21 -28.65 -10.66
N ASN A 47 -10.22 -27.90 -9.53
CA ASN A 47 -10.11 -28.51 -8.12
C ASN A 47 -11.45 -29.06 -7.55
N ARG A 48 -12.63 -28.88 -8.24
CA ARG A 48 -13.97 -29.34 -7.64
C ARG A 48 -14.09 -30.92 -7.63
N VAL A 49 -13.69 -31.60 -8.74
CA VAL A 49 -13.73 -33.14 -8.87
C VAL A 49 -12.27 -33.64 -9.11
N ARG A 50 -11.49 -32.86 -9.90
CA ARG A 50 -10.03 -33.18 -10.24
C ARG A 50 -9.85 -34.59 -10.90
N GLN A 51 -8.73 -34.77 -11.65
CA GLN A 51 -8.39 -36.08 -12.37
C GLN A 51 -8.16 -37.22 -11.35
N LEU B 1 21.73 16.54 -2.38
CA LEU B 1 20.89 15.98 -1.26
C LEU B 1 19.73 16.99 -1.02
N LEU B 2 18.84 16.64 -0.05
CA LEU B 2 17.63 17.48 0.34
C LEU B 2 18.13 18.85 0.92
N GLU B 3 17.56 20.01 0.43
CA GLU B 3 17.93 21.43 0.90
C GLU B 3 16.65 22.31 0.99
N LEU B 4 16.70 23.30 1.92
CA LEU B 4 15.58 24.30 2.20
C LEU B 4 15.16 25.06 0.92
N ASP B 5 16.18 25.43 0.14
CA ASP B 5 16.01 26.19 -1.16
C ASP B 5 15.42 25.31 -2.28
N LYS B 6 15.77 23.99 -2.26
CA LYS B 6 15.30 23.01 -3.32
C LYS B 6 13.77 22.73 -3.20
N TRP B 7 13.21 22.76 -1.96
CA TRP B 7 11.71 22.51 -1.75
C TRP B 7 10.90 23.67 -2.40
N ALA B 8 11.37 24.90 -2.13
CA ALA B 8 10.72 26.17 -2.67
C ALA B 8 10.87 26.29 -4.22
N SER B 9 11.91 25.63 -4.79
CA SER B 9 12.19 25.66 -6.28
C SER B 9 11.10 24.88 -7.07
N LEU B 10 10.57 23.80 -6.42
CA LEU B 10 9.49 22.91 -7.03
C LEU B 10 8.13 23.66 -7.13
N TRP B 11 7.98 24.84 -6.47
CA TRP B 11 6.66 25.61 -6.49
C TRP B 11 6.38 26.17 -7.91
N ASN B 12 7.45 26.23 -8.76
CA ASN B 12 7.37 26.72 -10.19
C ASN B 12 7.04 25.52 -11.15
N TRP B 13 7.31 24.27 -10.68
CA TRP B 13 7.09 23.00 -11.51
C TRP B 13 5.58 22.57 -11.45
N PHE B 14 4.86 23.01 -10.39
CA PHE B 14 3.38 22.74 -10.16
C PHE B 14 2.95 21.22 -10.29
N ASP B 15 2.94 20.70 -11.53
CA ASP B 15 2.46 19.29 -11.88
C ASP B 15 3.24 18.18 -11.10
N ILE B 16 4.58 18.21 -11.17
CA ILE B 16 5.51 17.20 -10.50
C ILE B 16 5.47 17.33 -8.95
N THR B 17 5.16 18.55 -8.43
CA THR B 17 5.11 18.80 -6.92
C THR B 17 3.94 18.01 -6.25
N ASN B 18 2.72 18.11 -6.84
CA ASN B 18 1.47 17.42 -6.28
C ASN B 18 1.62 15.87 -6.31
N TRP B 19 2.40 15.38 -7.28
CA TRP B 19 2.68 13.89 -7.49
C TRP B 19 3.54 13.30 -6.31
N LEU B 20 4.64 14.00 -5.92
CA LEU B 20 5.57 13.54 -4.81
C LEU B 20 4.89 13.59 -3.41
N TRP B 21 3.62 14.07 -3.33
CA TRP B 21 2.83 14.21 -2.00
C TRP B 21 1.52 13.36 -2.05
N TYR B 22 0.78 13.42 -3.20
CA TYR B 22 -0.55 12.68 -3.40
C TYR B 22 -0.37 11.13 -3.34
N ILE B 23 0.85 10.60 -3.69
CA ILE B 23 1.14 9.10 -3.64
C ILE B 23 0.85 8.49 -2.22
N ARG B 24 1.12 9.27 -1.15
CA ARG B 24 0.91 8.83 0.31
C ARG B 24 -0.59 8.44 0.57
N ILE B 25 -1.49 9.33 0.12
CA ILE B 25 -3.01 9.16 0.25
C ILE B 25 -3.50 8.01 -0.64
N PHE B 26 -2.88 7.90 -1.82
CA PHE B 26 -3.25 6.93 -2.91
C PHE B 26 -3.36 5.44 -2.46
N ILE B 27 -2.60 5.02 -1.40
CA ILE B 27 -2.67 3.57 -0.86
C ILE B 27 -4.11 3.29 -0.36
N ILE B 28 -4.73 4.31 0.29
CA ILE B 28 -6.14 4.21 0.87
C ILE B 28 -7.16 3.86 -0.27
N ILE B 29 -6.98 4.49 -1.46
CA ILE B 29 -7.86 4.24 -2.70
C ILE B 29 -7.57 2.79 -3.21
N VAL B 30 -6.27 2.43 -3.35
CA VAL B 30 -5.82 1.04 -3.82
C VAL B 30 -6.17 -0.02 -2.73
N GLY B 31 -6.68 0.43 -1.56
CA GLY B 31 -7.11 -0.48 -0.42
C GLY B 31 -8.61 -0.84 -0.50
N SER B 32 -9.35 -0.24 -1.50
CA SER B 32 -10.85 -0.45 -1.68
C SER B 32 -11.19 -1.68 -2.58
N LEU B 33 -10.35 -1.95 -3.62
CA LEU B 33 -10.60 -3.10 -4.60
C LEU B 33 -10.65 -4.48 -3.87
N ILE B 34 -9.90 -4.65 -2.75
CA ILE B 34 -9.85 -5.96 -1.96
C ILE B 34 -11.21 -6.22 -1.23
N GLY B 35 -11.81 -5.22 -0.54
CA GLY B 35 -13.14 -5.46 0.18
C GLY B 35 -14.23 -5.92 -0.83
N LEU B 36 -14.17 -5.33 -2.02
CA LEU B 36 -15.04 -5.63 -3.24
C LEU B 36 -14.72 -7.07 -3.77
N ARG B 37 -13.41 -7.43 -3.79
CA ARG B 37 -12.88 -8.79 -4.31
C ARG B 37 -13.58 -10.06 -3.69
N ILE B 38 -13.99 -10.01 -2.39
CA ILE B 38 -14.64 -11.20 -1.65
C ILE B 38 -15.94 -11.65 -2.37
N VAL B 39 -16.68 -10.65 -2.88
CA VAL B 39 -18.04 -10.81 -3.56
C VAL B 39 -17.94 -11.86 -4.71
N PHE B 40 -16.76 -12.01 -5.32
CA PHE B 40 -16.50 -13.07 -6.41
C PHE B 40 -16.86 -14.48 -5.87
N ALA B 41 -16.61 -14.69 -4.56
CA ALA B 41 -16.88 -16.02 -3.85
C ALA B 41 -18.38 -16.44 -4.04
N VAL B 42 -19.34 -15.45 -4.04
CA VAL B 42 -20.83 -15.76 -4.26
C VAL B 42 -21.03 -16.22 -5.75
N LEU B 43 -20.38 -15.47 -6.70
CA LEU B 43 -20.46 -15.77 -8.20
C LEU B 43 -19.85 -17.16 -8.51
N SER B 44 -18.86 -17.60 -7.69
CA SER B 44 -18.19 -18.95 -7.86
C SER B 44 -19.19 -20.11 -7.62
N LEU B 45 -20.18 -19.88 -6.71
CA LEU B 45 -21.24 -20.92 -6.37
C LEU B 45 -22.30 -20.96 -7.50
N VAL B 46 -22.44 -19.84 -8.25
CA VAL B 46 -23.43 -19.71 -9.39
C VAL B 46 -22.89 -20.48 -10.63
N ASN B 47 -21.53 -20.45 -10.84
CA ASN B 47 -20.88 -21.10 -12.06
C ASN B 47 -20.67 -22.64 -11.91
N ARG B 48 -20.53 -23.19 -10.67
CA ARG B 48 -20.29 -24.69 -10.47
C ARG B 48 -21.58 -25.50 -10.75
N VAL B 49 -22.72 -24.93 -10.30
CA VAL B 49 -24.10 -25.57 -10.44
C VAL B 49 -24.66 -25.27 -11.86
N ARG B 50 -24.36 -24.05 -12.35
CA ARG B 50 -24.76 -23.54 -13.72
C ARG B 50 -26.30 -23.67 -13.97
N GLN B 51 -26.74 -24.89 -14.38
CA GLN B 51 -28.19 -25.23 -14.70
C GLN B 51 -28.72 -24.39 -15.90
N LEU C 1 7.72 26.56 3.01
CA LEU C 1 8.72 25.50 2.76
C LEU C 1 9.17 24.90 4.11
N LEU C 2 9.84 23.72 4.04
CA LEU C 2 10.34 22.95 5.26
C LEU C 2 11.59 23.68 5.83
N GLU C 3 11.71 23.72 7.20
CA GLU C 3 12.88 24.36 7.94
C GLU C 3 13.14 23.55 9.25
N LEU C 4 14.36 23.70 9.80
CA LEU C 4 14.82 23.05 11.09
C LEU C 4 13.85 23.41 12.24
N ASP C 5 13.46 24.67 12.23
CA ASP C 5 12.52 25.29 13.24
C ASP C 5 11.06 24.85 12.99
N LYS C 6 10.70 24.56 11.72
CA LYS C 6 9.28 24.15 11.32
C LYS C 6 8.97 22.73 11.86
N TRP C 7 9.92 21.79 11.66
CA TRP C 7 9.74 20.34 12.13
C TRP C 7 9.61 20.29 13.68
N ALA C 8 10.56 20.94 14.37
CA ALA C 8 10.60 20.96 15.89
C ALA C 8 9.38 21.69 16.51
N SER C 9 8.84 22.71 15.78
CA SER C 9 7.62 23.50 16.25
C SER C 9 6.33 22.65 16.07
N LEU C 10 6.33 21.79 15.03
CA LEU C 10 5.17 20.88 14.66
C LEU C 10 4.99 19.77 15.73
N TRP C 11 6.02 19.55 16.61
CA TRP C 11 5.95 18.53 17.75
C TRP C 11 4.89 18.99 18.81
N ASN C 12 4.68 20.33 18.90
CA ASN C 12 3.73 20.98 19.89
C ASN C 12 2.24 20.69 19.54
N TRP C 13 1.97 20.26 18.28
CA TRP C 13 0.56 19.96 17.78
C TRP C 13 0.12 18.55 18.28
N PHE C 14 1.13 17.71 18.57
CA PHE C 14 0.99 16.32 19.17
C PHE C 14 -0.08 15.35 18.51
N ASP C 15 -1.38 15.69 18.62
CA ASP C 15 -2.52 14.78 18.18
C ASP C 15 -2.51 14.44 16.65
N ILE C 16 -2.49 15.45 15.75
CA ILE C 16 -2.43 15.19 14.23
C ILE C 16 -1.04 14.64 13.83
N THR C 17 0.00 15.02 14.61
CA THR C 17 1.45 14.62 14.34
C THR C 17 1.64 13.08 14.33
N ASN C 18 0.85 12.35 15.17
CA ASN C 18 0.95 10.82 15.28
C ASN C 18 0.69 10.14 13.89
N TRP C 19 -0.27 10.67 13.12
CA TRP C 19 -0.63 10.16 11.73
C TRP C 19 0.56 10.39 10.74
N LEU C 20 1.17 11.58 10.85
CA LEU C 20 2.31 12.02 9.94
C LEU C 20 3.60 11.19 10.16
N TRP C 21 3.63 10.32 11.23
CA TRP C 21 4.85 9.44 11.53
C TRP C 21 4.47 8.11 12.26
N TYR C 22 3.49 7.38 11.69
CA TYR C 22 3.08 5.98 12.17
C TYR C 22 2.27 5.31 11.04
N ILE C 23 1.63 6.14 10.14
CA ILE C 23 0.90 5.61 8.92
C ILE C 23 1.94 4.83 8.05
N ARG C 24 3.21 5.30 8.09
CA ARG C 24 4.39 4.71 7.33
C ARG C 24 4.49 3.19 7.66
N ILE C 25 4.23 2.84 8.95
CA ILE C 25 4.21 1.38 9.46
C ILE C 25 2.99 0.67 8.80
N PHE C 26 1.83 1.35 8.88
CA PHE C 26 0.48 0.85 8.40
C PHE C 26 0.47 0.33 6.92
N ILE C 27 1.36 0.88 6.05
CA ILE C 27 1.41 0.46 4.58
C ILE C 27 1.69 -1.07 4.44
N ILE C 28 2.75 -1.55 5.13
CA ILE C 28 3.15 -3.03 5.14
C ILE C 28 1.95 -3.87 5.71
N ILE C 29 1.29 -3.35 6.79
CA ILE C 29 0.10 -4.04 7.48
C ILE C 29 -1.09 -4.22 6.47
N VAL C 30 -1.33 -3.19 5.61
CA VAL C 30 -2.46 -3.20 4.56
C VAL C 30 -2.17 -4.28 3.47
N GLY C 31 -1.03 -5.01 3.60
CA GLY C 31 -0.60 -6.14 2.66
C GLY C 31 -0.88 -7.54 3.27
N SER C 32 -1.18 -7.62 4.60
CA SER C 32 -1.42 -8.97 5.32
C SER C 32 -2.89 -9.47 5.20
N LEU C 33 -3.88 -8.55 5.20
CA LEU C 33 -5.38 -8.93 5.13
C LEU C 33 -5.73 -9.56 3.75
N ILE C 34 -5.02 -9.14 2.64
CA ILE C 34 -5.27 -9.73 1.23
C ILE C 34 -4.70 -11.18 1.19
N GLY C 35 -3.47 -11.39 1.72
CA GLY C 35 -2.79 -12.77 1.72
C GLY C 35 -3.66 -13.81 2.46
N LEU C 36 -4.30 -13.34 3.53
CA LEU C 36 -5.24 -14.12 4.43
C LEU C 36 -6.53 -14.51 3.63
N ARG C 37 -6.91 -13.65 2.68
CA ARG C 37 -8.15 -13.79 1.78
C ARG C 37 -8.26 -15.19 1.07
N ILE C 38 -7.12 -15.82 0.73
CA ILE C 38 -7.09 -17.12 -0.10
C ILE C 38 -7.94 -18.27 0.56
N VAL C 39 -7.93 -18.45 1.92
CA VAL C 39 -8.72 -19.57 2.64
C VAL C 39 -10.24 -19.50 2.26
N PHE C 40 -10.76 -18.27 1.91
CA PHE C 40 -12.22 -18.09 1.50
C PHE C 40 -12.51 -18.97 0.24
N ALA C 41 -11.50 -19.09 -0.66
CA ALA C 41 -11.61 -19.96 -1.92
C ALA C 41 -11.73 -21.46 -1.48
N VAL C 42 -10.98 -21.82 -0.42
CA VAL C 42 -10.96 -23.23 0.17
C VAL C 42 -12.34 -23.51 0.86
N LEU C 43 -12.93 -22.45 1.51
CA LEU C 43 -14.30 -22.54 2.19
C LEU C 43 -15.40 -22.87 1.13
N SER C 44 -15.13 -22.54 -0.17
CA SER C 44 -16.12 -22.82 -1.31
C SER C 44 -16.33 -24.35 -1.49
N LEU C 45 -15.25 -25.13 -1.22
CA LEU C 45 -15.27 -26.65 -1.33
C LEU C 45 -16.08 -27.23 -0.13
N VAL C 46 -15.96 -26.56 1.04
CA VAL C 46 -16.68 -26.94 2.32
C VAL C 46 -18.21 -26.69 2.14
N ASN C 47 -18.54 -25.70 1.26
CA ASN C 47 -19.96 -25.32 0.91
C ASN C 47 -20.54 -26.29 -0.15
N ARG C 48 -19.72 -27.24 -0.69
CA ARG C 48 -20.17 -28.23 -1.75
C ARG C 48 -21.12 -29.28 -1.09
N VAL C 49 -20.62 -29.91 0.00
CA VAL C 49 -21.40 -30.95 0.80
C VAL C 49 -22.33 -30.19 1.81
N ARG C 50 -21.82 -29.05 2.31
CA ARG C 50 -22.53 -28.13 3.29
C ARG C 50 -22.96 -28.90 4.59
N GLN C 51 -22.32 -28.58 5.75
CA GLN C 51 -22.62 -29.22 7.10
C GLN C 51 -24.04 -28.83 7.57
N LEU A 1 17.46 18.68 17.51
CA LEU A 1 16.38 18.69 16.47
C LEU A 1 16.99 18.18 15.14
N LEU A 2 16.12 17.98 14.11
CA LEU A 2 16.58 17.51 12.72
C LEU A 2 17.60 18.55 12.15
N GLU A 3 18.36 18.22 11.08
CA GLU A 3 19.39 19.18 10.44
C GLU A 3 19.73 18.67 9.01
N LEU A 4 20.34 19.57 8.19
CA LEU A 4 20.82 19.26 6.78
C LEU A 4 21.95 18.21 6.85
N ASP A 5 22.81 18.40 7.85
CA ASP A 5 24.02 17.53 8.14
C ASP A 5 23.58 16.13 8.67
N LYS A 6 22.43 16.08 9.37
CA LYS A 6 21.86 14.79 9.96
C LYS A 6 21.36 13.88 8.80
N TRP A 7 20.75 14.49 7.76
CA TRP A 7 20.24 13.71 6.54
C TRP A 7 21.43 13.05 5.80
N ALA A 8 22.38 13.91 5.37
CA ALA A 8 23.61 13.49 4.57
C ALA A 8 24.53 12.49 5.33
N SER A 9 24.41 12.44 6.68
CA SER A 9 25.25 11.51 7.55
C SER A 9 24.91 10.01 7.30
N LEU A 10 23.61 9.72 7.06
CA LEU A 10 23.10 8.29 6.83
C LEU A 10 23.52 7.71 5.43
N TRP A 11 23.83 8.58 4.43
CA TRP A 11 24.25 8.10 3.03
C TRP A 11 25.62 7.39 3.10
N ASN A 12 26.39 7.69 4.18
CA ASN A 12 27.75 7.07 4.43
C ASN A 12 27.56 5.61 4.92
N TRP A 13 26.40 5.32 5.59
CA TRP A 13 26.07 3.92 6.13
C TRP A 13 25.47 3.06 4.96
N PHE A 14 24.90 3.78 3.95
CA PHE A 14 24.26 3.20 2.70
C PHE A 14 23.04 2.23 2.94
N ASP A 15 23.16 1.29 3.91
CA ASP A 15 22.12 0.21 4.18
C ASP A 15 20.73 0.77 4.65
N ILE A 16 20.72 1.60 5.73
CA ILE A 16 19.43 2.19 6.30
C ILE A 16 18.78 3.24 5.35
N THR A 17 19.63 4.05 4.68
CA THR A 17 19.15 5.18 3.77
C THR A 17 18.25 4.67 2.62
N ASN A 18 18.68 3.57 1.95
CA ASN A 18 17.87 2.97 0.80
C ASN A 18 16.48 2.52 1.32
N TRP A 19 16.45 1.89 2.51
CA TRP A 19 15.16 1.39 3.16
C TRP A 19 14.19 2.57 3.54
N LEU A 20 14.70 3.66 4.17
CA LEU A 20 13.81 4.86 4.60
C LEU A 20 13.27 5.63 3.36
N TRP A 21 13.65 5.22 2.11
CA TRP A 21 13.21 5.97 0.83
C TRP A 21 12.69 5.02 -0.29
N TYR A 22 13.13 3.71 -0.35
CA TYR A 22 12.69 2.73 -1.45
C TYR A 22 11.30 2.12 -1.14
N ILE A 23 10.72 2.27 0.12
CA ILE A 23 9.30 1.74 0.43
C ILE A 23 8.30 2.35 -0.59
N ARG A 24 8.58 3.62 -0.99
CA ARG A 24 7.77 4.42 -1.99
C ARG A 24 7.62 3.64 -3.33
N ILE A 25 8.77 3.13 -3.84
CA ILE A 25 8.83 2.34 -5.14
C ILE A 25 8.04 1.01 -4.96
N PHE A 26 8.37 0.38 -3.84
CA PHE A 26 7.89 -0.98 -3.43
C PHE A 26 6.35 -1.18 -3.44
N ILE A 27 5.55 -0.13 -3.07
CA ILE A 27 4.02 -0.28 -2.98
C ILE A 27 3.39 -0.70 -4.33
N ILE A 28 3.89 -0.09 -5.43
CA ILE A 28 3.40 -0.35 -6.85
C ILE A 28 3.55 -1.87 -7.19
N ILE A 29 4.71 -2.49 -6.78
CA ILE A 29 4.98 -3.99 -6.99
C ILE A 29 3.95 -4.80 -6.13
N VAL A 30 3.72 -4.38 -4.86
CA VAL A 30 2.73 -5.07 -3.89
C VAL A 30 1.27 -4.85 -4.39
N GLY A 31 1.08 -3.96 -5.40
CA GLY A 31 -0.29 -3.66 -6.01
C GLY A 31 -0.61 -4.54 -7.23
N SER A 32 0.41 -5.31 -7.72
CA SER A 32 0.26 -6.20 -8.97
C SER A 32 -0.35 -7.59 -8.67
N LEU A 33 -0.02 -8.16 -7.48
CA LEU A 33 -0.50 -9.55 -7.09
C LEU A 33 -2.06 -9.61 -6.88
N ILE A 34 -2.75 -8.50 -6.43
CA ILE A 34 -4.28 -8.58 -6.20
C ILE A 34 -5.02 -8.84 -7.54
N GLY A 35 -4.65 -8.08 -8.59
CA GLY A 35 -5.30 -8.19 -9.98
C GLY A 35 -5.15 -9.63 -10.51
N LEU A 36 -3.98 -10.22 -10.21
CA LEU A 36 -3.58 -11.64 -10.57
C LEU A 36 -4.50 -12.66 -9.82
N ARG A 37 -4.97 -12.29 -8.60
CA ARG A 37 -5.89 -13.15 -7.73
C ARG A 37 -7.13 -13.73 -8.48
N ILE A 38 -7.71 -12.99 -9.45
CA ILE A 38 -9.03 -13.43 -10.14
C ILE A 38 -8.95 -14.87 -10.77
N VAL A 39 -7.81 -15.28 -11.41
CA VAL A 39 -7.68 -16.67 -12.09
C VAL A 39 -8.00 -17.82 -11.07
N PHE A 40 -7.77 -17.58 -9.75
CA PHE A 40 -8.08 -18.61 -8.65
C PHE A 40 -9.60 -19.00 -8.71
N ALA A 41 -10.46 -18.01 -9.03
CA ALA A 41 -11.98 -18.22 -9.17
C ALA A 41 -12.26 -19.18 -10.36
N VAL A 42 -11.49 -18.95 -11.46
CA VAL A 42 -11.56 -19.77 -12.74
C VAL A 42 -11.01 -21.21 -12.46
N LEU A 43 -9.92 -21.31 -11.63
CA LEU A 43 -9.28 -22.64 -11.23
C LEU A 43 -10.30 -23.54 -10.49
N SER A 44 -11.34 -22.91 -9.86
CA SER A 44 -12.43 -23.69 -9.11
C SER A 44 -13.25 -24.58 -10.07
N LEU A 45 -13.44 -24.12 -11.33
CA LEU A 45 -14.22 -24.89 -12.39
C LEU A 45 -13.32 -26.00 -12.99
N VAL A 46 -11.99 -25.87 -12.81
CA VAL A 46 -10.97 -26.88 -13.33
C VAL A 46 -10.83 -28.02 -12.30
N ASN A 47 -10.96 -27.69 -10.98
CA ASN A 47 -10.78 -28.72 -9.85
C ASN A 47 -12.03 -29.62 -9.63
N ARG A 48 -13.25 -29.17 -10.04
CA ARG A 48 -14.53 -30.00 -9.82
C ARG A 48 -14.57 -31.20 -10.80
N VAL A 49 -14.14 -30.96 -12.05
CA VAL A 49 -14.12 -31.98 -13.19
C VAL A 49 -12.83 -32.85 -13.13
N ARG A 50 -12.04 -32.72 -12.02
CA ARG A 50 -10.75 -33.50 -11.80
C ARG A 50 -11.01 -35.04 -11.85
N GLN A 51 -9.97 -35.82 -12.26
CA GLN A 51 -10.03 -37.34 -12.37
C GLN A 51 -10.28 -37.99 -10.99
N LEU B 1 23.22 19.48 1.10
CA LEU B 1 22.38 18.52 0.33
C LEU B 1 20.96 19.16 0.20
N LEU B 2 19.97 18.74 1.05
CA LEU B 2 18.55 19.34 1.03
C LEU B 2 18.63 20.80 1.57
N GLU B 3 17.85 21.74 0.97
CA GLU B 3 17.84 23.23 1.37
C GLU B 3 16.38 23.76 1.24
N LEU B 4 16.08 24.80 2.02
CA LEU B 4 14.76 25.55 2.04
C LEU B 4 14.37 25.99 0.61
N ASP B 5 15.41 26.43 -0.10
CA ASP B 5 15.33 26.92 -1.53
C ASP B 5 15.00 25.76 -2.52
N LYS B 6 15.58 24.55 -2.26
CA LYS B 6 15.38 23.32 -3.17
C LYS B 6 13.90 22.87 -3.14
N TRP B 7 13.27 22.87 -1.95
CA TRP B 7 11.81 22.44 -1.78
C TRP B 7 10.87 23.48 -2.47
N ALA B 8 11.10 24.77 -2.16
CA ALA B 8 10.25 25.91 -2.72
C ALA B 8 10.44 26.10 -4.25
N SER B 9 11.51 25.51 -4.83
CA SER B 9 11.80 25.62 -6.33
C SER B 9 10.80 24.73 -7.11
N LEU B 10 10.48 23.56 -6.53
CA LEU B 10 9.53 22.54 -7.15
C LEU B 10 8.06 23.07 -7.19
N TRP B 11 7.75 24.16 -6.43
CA TRP B 11 6.34 24.74 -6.37
C TRP B 11 5.98 25.38 -7.74
N ASN B 12 7.03 25.73 -8.53
CA ASN B 12 6.88 26.34 -9.92
C ASN B 12 6.74 25.22 -10.99
N TRP B 13 7.08 23.96 -10.61
CA TRP B 13 6.98 22.73 -11.54
C TRP B 13 5.55 22.11 -11.38
N PHE B 14 4.93 22.40 -10.22
CA PHE B 14 3.54 21.99 -9.78
C PHE B 14 3.08 20.50 -10.08
N ASP B 15 3.03 20.08 -11.38
CA ASP B 15 2.49 18.71 -11.81
C ASP B 15 3.16 17.51 -11.05
N ILE B 16 4.52 17.45 -11.08
CA ILE B 16 5.32 16.34 -10.39
C ILE B 16 5.22 16.50 -8.84
N THR B 17 5.25 17.75 -8.35
CA THR B 17 5.20 18.07 -6.85
C THR B 17 3.93 17.49 -6.19
N ASN B 18 2.81 17.47 -6.96
CA ASN B 18 1.47 16.92 -6.47
C ASN B 18 1.61 15.40 -6.16
N TRP B 19 2.27 14.67 -7.08
CA TRP B 19 2.54 13.17 -6.97
C TRP B 19 3.53 12.87 -5.79
N LEU B 20 4.67 13.63 -5.65
CA LEU B 20 5.69 13.36 -4.52
C LEU B 20 5.09 13.67 -3.12
N TRP B 21 3.82 14.14 -3.07
CA TRP B 21 3.08 14.52 -1.77
C TRP B 21 1.78 13.67 -1.60
N TYR B 22 1.02 13.50 -2.70
CA TYR B 22 -0.33 12.75 -2.69
C TYR B 22 -0.22 11.20 -2.62
N ILE B 23 1.01 10.57 -2.54
CA ILE B 23 1.12 9.03 -2.46
C ILE B 23 0.28 8.44 -1.27
N ARG B 24 0.30 9.11 -0.07
CA ARG B 24 -0.45 8.58 1.15
C ARG B 24 -1.96 8.38 0.82
N ILE B 25 -2.58 9.41 0.19
CA ILE B 25 -4.04 9.36 -0.27
C ILE B 25 -4.21 8.19 -1.27
N PHE B 26 -3.21 8.08 -2.17
CA PHE B 26 -3.19 7.06 -3.29
C PHE B 26 -3.17 5.58 -2.74
N ILE B 27 -2.36 5.29 -1.66
CA ILE B 27 -2.27 3.89 -1.04
C ILE B 27 -3.66 3.48 -0.43
N ILE B 28 -4.33 4.45 0.24
CA ILE B 28 -5.70 4.22 0.90
C ILE B 28 -6.72 3.75 -0.20
N ILE B 29 -6.67 4.36 -1.42
CA ILE B 29 -7.58 3.96 -2.61
C ILE B 29 -7.24 2.48 -3.02
N VAL B 30 -5.92 2.12 -3.05
CA VAL B 30 -5.46 0.69 -3.40
C VAL B 30 -5.91 -0.26 -2.24
N GLY B 31 -6.31 0.34 -1.09
CA GLY B 31 -6.82 -0.40 0.13
C GLY B 31 -8.27 -0.86 -0.09
N SER B 32 -9.02 -0.17 -1.00
CA SER B 32 -10.46 -0.51 -1.33
C SER B 32 -10.51 -1.66 -2.38
N LEU B 33 -9.49 -1.68 -3.27
CA LEU B 33 -9.34 -2.71 -4.39
C LEU B 33 -9.39 -4.17 -3.83
N ILE B 34 -8.57 -4.40 -2.78
CA ILE B 34 -8.39 -5.78 -2.15
C ILE B 34 -9.67 -6.24 -1.37
N GLY B 35 -10.28 -5.33 -0.59
CA GLY B 35 -11.56 -5.63 0.20
C GLY B 35 -12.74 -5.98 -0.73
N LEU B 36 -12.80 -5.29 -1.90
CA LEU B 36 -13.91 -5.44 -2.94
C LEU B 36 -13.99 -6.88 -3.54
N ARG B 37 -12.85 -7.46 -3.97
CA ARG B 37 -12.78 -8.86 -4.64
C ARG B 37 -13.53 -10.00 -3.87
N ILE B 38 -13.59 -9.94 -2.52
CA ILE B 38 -14.19 -11.08 -1.67
C ILE B 38 -15.65 -11.44 -2.13
N VAL B 39 -16.45 -10.42 -2.53
CA VAL B 39 -17.92 -10.61 -2.99
C VAL B 39 -18.02 -11.68 -4.12
N PHE B 40 -16.92 -11.85 -4.91
CA PHE B 40 -16.86 -12.89 -6.05
C PHE B 40 -17.23 -14.29 -5.49
N ALA B 41 -16.90 -14.52 -4.21
CA ALA B 41 -17.17 -15.85 -3.52
C ALA B 41 -18.70 -16.23 -3.64
N VAL B 42 -19.67 -15.25 -3.49
CA VAL B 42 -21.17 -15.57 -3.69
C VAL B 42 -21.46 -15.87 -5.20
N LEU B 43 -20.76 -15.11 -6.11
CA LEU B 43 -20.91 -15.26 -7.63
C LEU B 43 -20.43 -16.68 -8.08
N SER B 44 -19.53 -17.32 -7.27
CA SER B 44 -18.99 -18.72 -7.57
C SER B 44 -20.13 -19.77 -7.53
N LEU B 45 -21.15 -19.52 -6.66
CA LEU B 45 -22.36 -20.44 -6.52
C LEU B 45 -23.28 -20.24 -7.76
N VAL B 46 -23.33 -18.99 -8.25
CA VAL B 46 -24.15 -18.60 -9.47
C VAL B 46 -23.44 -19.13 -10.74
N ASN B 47 -22.09 -19.32 -10.64
CA ASN B 47 -21.23 -19.79 -11.80
C ASN B 47 -21.51 -21.27 -12.22
N ARG B 48 -21.96 -22.20 -11.28
CA ARG B 48 -22.23 -23.69 -11.64
C ARG B 48 -23.73 -24.09 -11.62
N VAL B 49 -24.63 -23.09 -11.37
CA VAL B 49 -26.17 -23.27 -11.38
C VAL B 49 -26.71 -22.62 -12.69
N ARG B 50 -25.83 -22.55 -13.72
CA ARG B 50 -26.17 -21.97 -15.10
C ARG B 50 -27.29 -22.81 -15.78
N GLN B 51 -27.24 -24.15 -15.56
CA GLN B 51 -28.23 -25.15 -16.13
C GLN B 51 -28.24 -25.08 -17.71
N LEU C 1 6.74 27.93 2.97
CA LEU C 1 7.86 27.01 2.65
C LEU C 1 8.26 26.24 3.94
N LEU C 2 8.98 25.10 3.75
CA LEU C 2 9.43 24.19 4.88
C LEU C 2 10.66 24.82 5.60
N GLU C 3 10.74 24.64 6.95
CA GLU C 3 11.88 25.17 7.82
C GLU C 3 12.03 24.22 9.03
N LEU C 4 13.27 23.98 9.51
CA LEU C 4 13.57 23.09 10.70
C LEU C 4 12.74 23.49 11.94
N ASP C 5 12.55 24.81 12.08
CA ASP C 5 11.74 25.43 13.20
C ASP C 5 10.25 25.03 13.05
N LYS C 6 9.74 25.00 11.79
CA LYS C 6 8.30 24.59 11.49
C LYS C 6 8.14 23.06 11.72
N TRP C 7 9.13 22.25 11.21
CA TRP C 7 9.11 20.73 11.40
C TRP C 7 9.13 20.39 12.91
N ALA C 8 10.18 20.90 13.58
CA ALA C 8 10.47 20.61 15.04
C ALA C 8 9.38 21.17 16.00
N SER C 9 8.70 22.26 15.57
CA SER C 9 7.56 22.89 16.36
C SER C 9 6.29 22.00 16.22
N LEU C 10 6.17 21.34 15.03
CA LEU C 10 4.96 20.46 14.68
C LEU C 10 4.74 19.32 15.72
N TRP C 11 5.80 18.99 16.53
CA TRP C 11 5.70 17.88 17.59
C TRP C 11 4.74 18.34 18.73
N ASN C 12 4.44 19.66 18.80
CA ASN C 12 3.52 20.28 19.84
C ASN C 12 2.02 20.13 19.40
N TRP C 13 1.79 19.90 18.07
CA TRP C 13 0.38 19.74 17.51
C TRP C 13 -0.09 18.27 17.79
N PHE C 14 0.91 17.40 18.00
CA PHE C 14 0.74 15.93 18.37
C PHE C 14 -0.23 15.10 17.46
N ASP C 15 -1.55 15.37 17.59
CA ASP C 15 -2.65 14.57 16.88
C ASP C 15 -2.48 14.50 15.32
N ILE C 16 -2.37 15.67 14.64
CA ILE C 16 -2.23 15.71 13.10
C ILE C 16 -0.84 15.16 12.68
N THR C 17 0.19 15.30 13.56
CA THR C 17 1.61 14.81 13.28
C THR C 17 1.65 13.26 13.21
N ASN C 18 0.82 12.63 14.08
CA ASN C 18 0.74 11.12 14.21
C ASN C 18 0.24 10.45 12.90
N TRP C 19 -0.31 11.23 11.94
CA TRP C 19 -0.88 10.66 10.64
C TRP C 19 0.23 10.18 9.65
N LEU C 20 1.29 11.02 9.39
CA LEU C 20 2.40 10.70 8.35
C LEU C 20 3.65 10.04 8.97
N TRP C 21 3.76 10.03 10.32
CA TRP C 21 4.95 9.40 11.06
C TRP C 21 4.61 7.95 11.47
N TYR C 22 3.41 7.44 11.03
CA TYR C 22 2.92 6.03 11.33
C TYR C 22 2.37 5.37 10.03
N ILE C 23 2.06 6.16 8.96
CA ILE C 23 1.53 5.60 7.64
C ILE C 23 2.53 4.49 7.11
N ARG C 24 3.84 4.75 7.37
CA ARG C 24 5.00 3.84 6.98
C ARG C 24 4.78 2.40 7.56
N ILE C 25 4.35 2.34 8.84
CA ILE C 25 4.05 1.04 9.58
C ILE C 25 2.80 0.37 8.94
N PHE C 26 1.77 1.19 8.64
CA PHE C 26 0.47 0.70 8.02
C PHE C 26 0.72 0.16 6.58
N ILE C 27 1.72 0.73 5.89
CA ILE C 27 2.09 0.33 4.47
C ILE C 27 2.44 -1.21 4.44
N ILE C 28 3.22 -1.65 5.45
CA ILE C 28 3.65 -3.11 5.60
C ILE C 28 2.40 -4.03 5.96
N ILE C 29 1.59 -3.58 6.96
CA ILE C 29 0.37 -4.36 7.48
C ILE C 29 -0.78 -4.43 6.43
N VAL C 30 -1.06 -3.30 5.72
CA VAL C 30 -2.19 -3.24 4.68
C VAL C 30 -1.82 -4.15 3.45
N GLY C 31 -0.58 -4.72 3.47
CA GLY C 31 -0.04 -5.68 2.41
C GLY C 31 -0.06 -7.14 2.89
N SER C 32 -0.53 -7.39 4.15
CA SER C 32 -0.60 -8.80 4.78
C SER C 32 -1.95 -9.50 4.45
N LEU C 33 -2.97 -8.69 4.12
CA LEU C 33 -4.40 -9.17 3.82
C LEU C 33 -4.43 -10.17 2.62
N ILE C 34 -3.71 -9.81 1.53
CA ILE C 34 -3.69 -10.59 0.21
C ILE C 34 -3.33 -12.08 0.46
N GLY C 35 -2.28 -12.32 1.26
CA GLY C 35 -1.82 -13.71 1.61
C GLY C 35 -2.92 -14.45 2.43
N LEU C 36 -3.62 -13.67 3.29
CA LEU C 36 -4.75 -14.18 4.20
C LEU C 36 -5.98 -14.67 3.35
N ARG C 37 -6.36 -13.85 2.34
CA ARG C 37 -7.52 -14.08 1.37
C ARG C 37 -7.53 -15.51 0.71
N ILE C 38 -6.36 -16.12 0.42
CA ILE C 38 -6.28 -17.46 -0.35
C ILE C 38 -7.10 -18.62 0.34
N VAL C 39 -7.07 -18.69 1.70
CA VAL C 39 -7.78 -19.81 2.50
C VAL C 39 -9.28 -19.91 2.15
N PHE C 40 -9.90 -18.77 1.71
CA PHE C 40 -11.38 -18.71 1.30
C PHE C 40 -11.65 -19.80 0.22
N ALA C 41 -10.65 -20.08 -0.62
CA ALA C 41 -10.76 -21.13 -1.70
C ALA C 41 -11.18 -22.52 -1.07
N VAL C 42 -10.66 -22.85 0.16
CA VAL C 42 -11.07 -24.15 0.90
C VAL C 42 -12.55 -24.00 1.40
N LEU C 43 -12.89 -22.76 1.89
CA LEU C 43 -14.29 -22.40 2.44
C LEU C 43 -15.37 -22.63 1.33
N SER C 44 -14.94 -22.58 0.03
CA SER C 44 -15.89 -22.77 -1.13
C SER C 44 -16.48 -24.22 -1.12
N LEU C 45 -15.63 -25.23 -0.83
CA LEU C 45 -16.04 -26.67 -0.77
C LEU C 45 -17.01 -26.89 0.44
N VAL C 46 -16.80 -26.09 1.51
CA VAL C 46 -17.66 -26.13 2.78
C VAL C 46 -19.07 -25.56 2.43
N ASN C 47 -19.08 -24.51 1.58
CA ASN C 47 -20.33 -23.78 1.15
C ASN C 47 -21.16 -24.58 0.08
N ARG C 48 -20.47 -25.35 -0.81
CA ARG C 48 -21.16 -26.16 -1.92
C ARG C 48 -21.89 -27.41 -1.35
N VAL C 49 -21.35 -28.00 -0.25
CA VAL C 49 -21.96 -29.24 0.42
C VAL C 49 -23.11 -28.78 1.36
N ARG C 50 -23.02 -27.53 1.89
CA ARG C 50 -24.06 -26.93 2.82
C ARG C 50 -25.35 -26.63 1.99
N GLN C 51 -26.10 -27.72 1.66
CA GLN C 51 -27.39 -27.65 0.84
C GLN C 51 -28.51 -26.95 1.64
N LEU A 1 13.61 16.88 15.94
CA LEU A 1 13.88 17.94 14.94
C LEU A 1 14.88 17.39 13.87
N LEU A 2 14.77 17.90 12.61
CA LEU A 2 15.66 17.48 11.42
C LEU A 2 16.60 18.67 11.07
N GLU A 3 17.57 18.40 10.15
CA GLU A 3 18.59 19.43 9.68
C GLU A 3 19.30 18.92 8.39
N LEU A 4 19.90 19.87 7.64
CA LEU A 4 20.67 19.64 6.35
C LEU A 4 21.77 18.57 6.52
N ASP A 5 22.43 18.66 7.67
CA ASP A 5 23.57 17.73 8.06
C ASP A 5 23.06 16.33 8.46
N LYS A 6 21.84 16.27 9.05
CA LYS A 6 21.20 14.96 9.52
C LYS A 6 20.78 14.10 8.29
N TRP A 7 20.34 14.76 7.18
CA TRP A 7 19.94 14.02 5.91
C TRP A 7 21.19 13.42 5.22
N ALA A 8 22.15 14.32 4.90
CA ALA A 8 23.44 13.95 4.17
C ALA A 8 24.25 12.85 4.92
N SER A 9 23.96 12.67 6.23
CA SER A 9 24.65 11.63 7.09
C SER A 9 24.18 10.20 6.72
N LEU A 10 22.88 10.07 6.40
CA LEU A 10 22.22 8.74 6.02
C LEU A 10 22.81 8.12 4.72
N TRP A 11 23.50 8.94 3.87
CA TRP A 11 24.12 8.42 2.57
C TRP A 11 25.31 7.45 2.90
N ASN A 12 25.82 7.54 4.15
CA ASN A 12 26.96 6.66 4.68
C ASN A 12 26.38 5.35 5.30
N TRP A 13 25.08 5.39 5.70
CA TRP A 13 24.36 4.18 6.33
C TRP A 13 23.91 3.24 5.16
N PHE A 14 23.80 3.85 3.96
CA PHE A 14 23.47 3.16 2.64
C PHE A 14 22.27 2.14 2.64
N ASP A 15 22.49 0.93 3.21
CA ASP A 15 21.49 -0.23 3.14
C ASP A 15 20.04 0.13 3.58
N ILE A 16 19.87 0.70 4.79
CA ILE A 16 18.49 1.11 5.33
C ILE A 16 17.95 2.33 4.55
N THR A 17 18.85 3.29 4.22
CA THR A 17 18.49 4.59 3.52
C THR A 17 17.80 4.35 2.14
N ASN A 18 18.29 3.35 1.35
CA ASN A 18 17.69 3.04 -0.02
C ASN A 18 16.20 2.60 0.15
N TRP A 19 15.93 1.78 1.19
CA TRP A 19 14.53 1.28 1.55
C TRP A 19 13.71 2.46 2.16
N LEU A 20 14.31 3.24 3.10
CA LEU A 20 13.58 4.40 3.83
C LEU A 20 13.25 5.55 2.83
N TRP A 21 13.68 5.41 1.54
CA TRP A 21 13.43 6.45 0.44
C TRP A 21 12.54 5.84 -0.70
N TYR A 22 12.93 4.63 -1.20
CA TYR A 22 12.19 3.93 -2.35
C TYR A 22 10.93 3.15 -1.87
N ILE A 23 10.31 3.57 -0.72
CA ILE A 23 9.02 2.89 -0.20
C ILE A 23 7.91 2.90 -1.30
N ARG A 24 7.85 4.00 -2.12
CA ARG A 24 6.82 4.15 -3.24
C ARG A 24 6.89 2.93 -4.19
N ILE A 25 8.11 2.57 -4.63
CA ILE A 25 8.36 1.38 -5.56
C ILE A 25 7.94 0.09 -4.83
N PHE A 26 8.24 0.03 -3.52
CA PHE A 26 7.97 -1.20 -2.66
C PHE A 26 6.45 -1.49 -2.57
N ILE A 27 5.68 -0.45 -2.21
CA ILE A 27 4.17 -0.50 -2.04
C ILE A 27 3.40 -0.78 -3.38
N ILE A 28 3.77 -0.13 -4.52
CA ILE A 28 3.04 -0.37 -5.87
C ILE A 28 3.14 -1.89 -6.24
N ILE A 29 4.33 -2.52 -6.02
CA ILE A 29 4.57 -4.03 -6.28
C ILE A 29 3.55 -4.87 -5.45
N VAL A 30 3.30 -4.48 -4.17
CA VAL A 30 2.33 -5.23 -3.24
C VAL A 30 0.87 -5.09 -3.80
N GLY A 31 0.70 -4.19 -4.79
CA GLY A 31 -0.63 -3.94 -5.49
C GLY A 31 -0.95 -5.06 -6.49
N SER A 32 0.12 -5.67 -7.07
CA SER A 32 0.01 -6.80 -8.09
C SER A 32 -0.19 -8.17 -7.39
N LEU A 33 0.24 -8.25 -6.11
CA LEU A 33 0.17 -9.51 -5.24
C LEU A 33 -1.28 -10.10 -5.19
N ILE A 34 -2.28 -9.20 -5.26
CA ILE A 34 -3.78 -9.57 -5.14
C ILE A 34 -4.35 -10.03 -6.51
N GLY A 35 -3.87 -9.42 -7.62
CA GLY A 35 -4.41 -9.70 -9.02
C GLY A 35 -4.33 -11.19 -9.44
N LEU A 36 -3.16 -11.87 -9.28
CA LEU A 36 -3.02 -13.35 -9.68
C LEU A 36 -3.91 -14.28 -8.80
N ARG A 37 -4.16 -13.93 -7.49
CA ARG A 37 -5.05 -14.77 -6.53
C ARG A 37 -6.42 -15.11 -7.20
N ILE A 38 -6.89 -14.16 -8.00
CA ILE A 38 -8.22 -14.23 -8.75
C ILE A 38 -8.25 -15.47 -9.70
N VAL A 39 -7.09 -15.81 -10.35
CA VAL A 39 -7.01 -16.97 -11.37
C VAL A 39 -7.51 -18.30 -10.76
N PHE A 40 -7.39 -18.46 -9.42
CA PHE A 40 -7.89 -19.69 -8.67
C PHE A 40 -9.41 -19.91 -8.97
N ALA A 41 -10.15 -18.80 -9.16
CA ALA A 41 -11.64 -18.84 -9.45
C ALA A 41 -11.92 -19.74 -10.71
N VAL A 42 -11.00 -19.70 -11.74
CA VAL A 42 -11.17 -20.59 -13.00
C VAL A 42 -10.94 -22.09 -12.59
N LEU A 43 -9.86 -22.34 -11.79
CA LEU A 43 -9.48 -23.74 -11.27
C LEU A 43 -10.64 -24.34 -10.44
N SER A 44 -11.51 -23.48 -9.86
CA SER A 44 -12.69 -23.97 -9.03
C SER A 44 -13.72 -24.72 -9.92
N LEU A 45 -13.90 -24.23 -11.18
CA LEU A 45 -14.88 -24.85 -12.18
C LEU A 45 -14.25 -26.14 -12.78
N VAL A 46 -12.91 -26.33 -12.61
CA VAL A 46 -12.16 -27.56 -13.11
C VAL A 46 -12.39 -28.69 -12.07
N ASN A 47 -12.44 -28.32 -10.75
CA ASN A 47 -12.63 -29.34 -9.64
C ASN A 47 -14.08 -29.88 -9.60
N ARG A 48 -15.00 -29.18 -10.31
CA ARG A 48 -16.47 -29.51 -10.39
C ARG A 48 -16.71 -30.78 -11.27
N VAL A 49 -16.00 -30.84 -12.43
CA VAL A 49 -16.14 -31.95 -13.49
C VAL A 49 -14.80 -32.71 -13.71
N ARG A 50 -13.90 -32.74 -12.69
CA ARG A 50 -12.56 -33.50 -12.81
C ARG A 50 -12.83 -35.03 -12.96
N GLN A 51 -11.84 -35.77 -13.54
CA GLN A 51 -11.95 -37.28 -13.76
C GLN A 51 -11.89 -38.03 -12.39
N LEU B 1 20.81 16.54 -1.40
CA LEU B 1 20.41 17.09 -0.07
C LEU B 1 19.06 17.82 -0.19
N LEU B 2 18.60 18.40 0.95
CA LEU B 2 17.26 19.14 1.08
C LEU B 2 17.50 20.48 1.84
N GLU B 3 16.67 21.53 1.52
CA GLU B 3 16.74 22.91 2.17
C GLU B 3 15.58 23.76 1.62
N LEU B 4 15.25 24.91 2.29
CA LEU B 4 14.12 25.85 1.89
C LEU B 4 14.24 26.26 0.41
N ASP B 5 15.49 26.50 0.03
CA ASP B 5 15.87 26.91 -1.38
C ASP B 5 15.67 25.72 -2.36
N LYS B 6 15.93 24.49 -1.84
CA LYS B 6 15.81 23.19 -2.64
C LYS B 6 14.30 22.90 -2.90
N TRP B 7 13.47 23.01 -1.83
CA TRP B 7 11.96 22.77 -1.90
C TRP B 7 11.28 23.83 -2.81
N ALA B 8 11.59 25.12 -2.55
CA ALA B 8 10.95 26.30 -3.31
C ALA B 8 11.18 26.23 -4.84
N SER B 9 12.19 25.44 -5.28
CA SER B 9 12.54 25.30 -6.75
C SER B 9 11.47 24.47 -7.51
N LEU B 10 10.85 23.46 -6.81
CA LEU B 10 9.79 22.54 -7.44
C LEU B 10 8.47 23.32 -7.73
N TRP B 11 8.29 24.52 -7.14
CA TRP B 11 7.01 25.34 -7.32
C TRP B 11 6.90 25.85 -8.80
N ASN B 12 8.04 25.86 -9.53
CA ASN B 12 8.12 26.29 -10.99
C ASN B 12 7.87 25.06 -11.92
N TRP B 13 8.09 23.82 -11.37
CA TRP B 13 7.89 22.51 -12.14
C TRP B 13 6.36 22.16 -12.13
N PHE B 14 5.66 22.73 -11.14
CA PHE B 14 4.15 22.65 -10.94
C PHE B 14 3.45 21.24 -11.18
N ASP B 15 3.29 20.85 -12.48
CA ASP B 15 2.51 19.61 -12.88
C ASP B 15 3.11 18.28 -12.32
N ILE B 16 4.42 18.02 -12.56
CA ILE B 16 5.12 16.76 -12.05
C ILE B 16 5.28 16.83 -10.51
N THR B 17 5.36 18.06 -9.91
CA THR B 17 5.55 18.24 -8.40
C THR B 17 4.42 17.57 -7.58
N ASN B 18 3.14 17.71 -8.06
CA ASN B 18 1.93 17.13 -7.33
C ASN B 18 2.03 15.58 -7.17
N TRP B 19 2.98 14.95 -7.88
CA TRP B 19 3.18 13.44 -7.85
C TRP B 19 3.80 12.95 -6.50
N LEU B 20 4.46 13.85 -5.77
CA LEU B 20 5.20 13.56 -4.46
C LEU B 20 4.35 13.85 -3.18
N TRP B 21 3.09 14.37 -3.29
CA TRP B 21 2.22 14.72 -2.06
C TRP B 21 0.71 14.37 -2.23
N TYR B 22 0.25 14.01 -3.46
CA TYR B 22 -1.20 13.58 -3.73
C TYR B 22 -1.19 12.04 -3.67
N ILE B 23 -0.03 11.45 -4.06
CA ILE B 23 0.25 9.97 -4.02
C ILE B 23 0.03 9.41 -2.56
N ARG B 24 0.37 10.23 -1.52
CA ARG B 24 0.22 9.81 -0.05
C ARG B 24 -1.25 9.35 0.25
N ILE B 25 -2.23 10.13 -0.26
CA ILE B 25 -3.72 9.83 -0.11
C ILE B 25 -4.07 8.56 -0.91
N PHE B 26 -3.48 8.47 -2.11
CA PHE B 26 -3.76 7.36 -3.11
C PHE B 26 -3.42 5.94 -2.56
N ILE B 27 -2.30 5.81 -1.79
CA ILE B 27 -1.84 4.45 -1.22
C ILE B 27 -3.00 3.86 -0.34
N ILE B 28 -3.74 4.73 0.42
CA ILE B 28 -4.92 4.29 1.29
C ILE B 28 -6.04 3.67 0.39
N ILE B 29 -6.32 4.32 -0.78
CA ILE B 29 -7.38 3.87 -1.79
C ILE B 29 -6.97 2.49 -2.40
N VAL B 30 -5.65 2.33 -2.71
CA VAL B 30 -5.06 1.04 -3.31
C VAL B 30 -5.11 -0.13 -2.25
N GLY B 31 -5.85 0.07 -1.12
CA GLY B 31 -6.02 -0.95 0.01
C GLY B 31 -7.48 -1.46 0.11
N SER B 32 -8.44 -0.74 -0.54
CA SER B 32 -9.94 -1.08 -0.49
C SER B 32 -10.38 -2.08 -1.60
N LEU B 33 -9.76 -1.99 -2.80
CA LEU B 33 -10.15 -2.87 -4.00
C LEU B 33 -10.06 -4.40 -3.72
N ILE B 34 -9.10 -4.86 -2.86
CA ILE B 34 -8.90 -6.37 -2.58
C ILE B 34 -10.19 -7.03 -1.99
N GLY B 35 -10.83 -6.39 -0.99
CA GLY B 35 -12.08 -6.94 -0.32
C GLY B 35 -13.29 -6.97 -1.28
N LEU B 36 -13.36 -5.93 -2.13
CA LEU B 36 -14.47 -5.73 -3.17
C LEU B 36 -14.45 -6.86 -4.23
N ARG B 37 -13.26 -7.17 -4.76
CA ARG B 37 -12.96 -8.23 -5.79
C ARG B 37 -13.44 -9.65 -5.39
N ILE B 38 -13.46 -9.97 -4.08
CA ILE B 38 -13.87 -11.35 -3.53
C ILE B 38 -15.30 -11.77 -4.04
N VAL B 39 -16.27 -10.83 -4.20
CA VAL B 39 -17.70 -11.17 -4.65
C VAL B 39 -17.65 -12.03 -5.96
N PHE B 40 -16.55 -11.90 -6.77
CA PHE B 40 -16.36 -12.75 -8.04
C PHE B 40 -16.44 -14.27 -7.66
N ALA B 41 -15.92 -14.62 -6.46
CA ALA B 41 -15.96 -16.05 -5.90
C ALA B 41 -17.43 -16.46 -5.62
N VAL B 42 -18.20 -15.50 -5.07
CA VAL B 42 -19.67 -15.68 -4.70
C VAL B 42 -20.51 -15.84 -6.01
N LEU B 43 -20.06 -15.16 -7.12
CA LEU B 43 -20.73 -15.25 -8.49
C LEU B 43 -20.63 -16.72 -9.01
N SER B 44 -19.62 -17.51 -8.52
CA SER B 44 -19.45 -18.97 -8.96
C SER B 44 -20.67 -19.82 -8.55
N LEU B 45 -21.25 -19.47 -7.36
CA LEU B 45 -22.49 -20.17 -6.78
C LEU B 45 -23.70 -19.81 -7.69
N VAL B 46 -23.78 -18.53 -8.09
CA VAL B 46 -24.89 -17.99 -8.98
C VAL B 46 -24.80 -18.71 -10.37
N ASN B 47 -23.56 -18.90 -10.85
CA ASN B 47 -23.24 -19.55 -12.18
C ASN B 47 -23.25 -21.12 -12.15
N ARG B 48 -23.40 -21.79 -10.96
CA ARG B 48 -23.35 -23.32 -10.88
C ARG B 48 -24.63 -23.95 -11.47
N VAL B 49 -25.78 -23.28 -11.27
CA VAL B 49 -27.16 -23.75 -11.74
C VAL B 49 -27.37 -23.36 -13.22
N ARG B 50 -26.63 -22.32 -13.69
CA ARG B 50 -26.71 -21.79 -15.11
C ARG B 50 -26.17 -22.87 -16.10
N GLN B 51 -26.80 -22.97 -17.31
CA GLN B 51 -26.39 -23.98 -18.38
C GLN B 51 -24.97 -23.69 -18.93
N LEU C 1 7.70 27.87 4.66
CA LEU C 1 8.00 26.55 4.03
C LEU C 1 8.66 25.65 5.11
N LEU C 2 9.05 24.42 4.71
CA LEU C 2 9.69 23.39 5.62
C LEU C 2 11.10 23.89 6.11
N GLU C 3 11.23 24.14 7.46
CA GLU C 3 12.51 24.63 8.14
C GLU C 3 12.65 23.90 9.50
N LEU C 4 13.89 23.87 10.05
CA LEU C 4 14.22 23.22 11.39
C LEU C 4 13.28 23.74 12.51
N ASP C 5 13.03 25.05 12.45
CA ASP C 5 12.14 25.78 13.44
C ASP C 5 10.64 25.45 13.20
N LYS C 6 10.27 25.22 11.91
CA LYS C 6 8.83 24.91 11.50
C LYS C 6 8.43 23.49 11.99
N TRP C 7 9.37 22.51 11.89
CA TRP C 7 9.13 21.06 12.34
C TRP C 7 8.91 21.00 13.87
N ALA C 8 9.85 21.62 14.61
CA ALA C 8 9.84 21.62 16.14
C ALA C 8 8.49 22.11 16.75
N SER C 9 7.67 22.84 15.94
CA SER C 9 6.34 23.38 16.40
C SER C 9 5.28 22.26 16.54
N LEU C 10 5.36 21.24 15.65
CA LEU C 10 4.36 20.07 15.61
C LEU C 10 4.48 19.18 16.89
N TRP C 11 5.62 19.25 17.63
CA TRP C 11 5.82 18.39 18.88
C TRP C 11 4.85 18.85 20.01
N ASN C 12 4.21 20.05 19.81
CA ASN C 12 3.19 20.64 20.78
C ASN C 12 1.77 20.13 20.40
N TRP C 13 1.58 19.69 19.13
CA TRP C 13 0.22 19.18 18.60
C TRP C 13 0.03 17.69 19.04
N PHE C 14 1.17 17.01 19.32
CA PHE C 14 1.21 15.58 19.81
C PHE C 14 0.43 14.53 18.90
N ASP C 15 -0.92 14.57 18.98
CA ASP C 15 -1.85 13.59 18.28
C ASP C 15 -1.65 13.47 16.74
N ILE C 16 -1.67 14.61 16.01
CA ILE C 16 -1.52 14.61 14.47
C ILE C 16 -0.07 14.18 14.09
N THR C 17 0.93 14.63 14.89
CA THR C 17 2.41 14.33 14.64
C THR C 17 2.66 12.79 14.64
N ASN C 18 1.91 12.07 15.51
CA ASN C 18 2.01 10.54 15.64
C ASN C 18 1.61 9.89 14.28
N TRP C 19 0.54 10.43 13.67
CA TRP C 19 0.00 9.95 12.34
C TRP C 19 0.98 10.35 11.17
N LEU C 20 1.50 11.62 11.12
CA LEU C 20 2.44 12.09 9.99
C LEU C 20 3.83 11.36 10.06
N TRP C 21 4.16 10.76 11.22
CA TRP C 21 5.50 10.05 11.46
C TRP C 21 5.43 8.53 11.15
N TYR C 22 4.55 7.80 11.89
CA TYR C 22 4.43 6.27 11.79
C TYR C 22 3.60 5.76 10.59
N ILE C 23 3.27 6.64 9.58
CA ILE C 23 2.52 6.19 8.31
C ILE C 23 3.30 5.04 7.62
N ARG C 24 4.66 5.16 7.66
CA ARG C 24 5.62 4.16 7.02
C ARG C 24 5.35 2.73 7.54
N ILE C 25 5.24 2.59 8.87
CA ILE C 25 4.93 1.28 9.57
C ILE C 25 3.50 0.84 9.19
N PHE C 26 2.61 1.84 9.16
CA PHE C 26 1.13 1.65 8.92
C PHE C 26 0.80 0.89 7.59
N ILE C 27 1.55 1.18 6.48
CA ILE C 27 1.28 0.51 5.13
C ILE C 27 1.53 -1.02 5.16
N ILE C 28 2.62 -1.45 5.88
CA ILE C 28 3.00 -2.94 5.98
C ILE C 28 1.77 -3.71 6.59
N ILE C 29 1.11 -3.10 7.61
CA ILE C 29 -0.13 -3.72 8.28
C ILE C 29 -1.26 -3.90 7.22
N VAL C 30 -1.44 -2.88 6.33
CA VAL C 30 -2.51 -2.92 5.23
C VAL C 30 -2.13 -4.01 4.18
N GLY C 31 -0.83 -4.42 4.16
CA GLY C 31 -0.29 -5.49 3.24
C GLY C 31 -0.54 -6.92 3.78
N SER C 32 -1.22 -7.04 4.96
CA SER C 32 -1.53 -8.38 5.63
C SER C 32 -2.87 -8.98 5.12
N LEU C 33 -3.81 -8.09 4.68
CA LEU C 33 -5.19 -8.53 4.21
C LEU C 33 -5.10 -9.56 3.05
N ILE C 34 -4.11 -9.42 2.13
CA ILE C 34 -3.96 -10.35 0.92
C ILE C 34 -3.41 -11.76 1.34
N GLY C 35 -2.48 -11.83 2.32
CA GLY C 35 -1.84 -13.16 2.73
C GLY C 35 -2.87 -14.22 3.23
N LEU C 36 -3.69 -13.85 4.25
CA LEU C 36 -4.78 -14.76 4.86
C LEU C 36 -5.88 -15.07 3.83
N ARG C 37 -6.08 -14.15 2.87
CA ARG C 37 -7.12 -14.17 1.75
C ARG C 37 -7.18 -15.56 1.03
N ILE C 38 -6.03 -16.25 1.00
CA ILE C 38 -5.83 -17.59 0.31
C ILE C 38 -6.90 -18.65 0.85
N VAL C 39 -7.25 -18.61 2.18
CA VAL C 39 -8.25 -19.64 2.80
C VAL C 39 -9.57 -19.71 2.01
N PHE C 40 -9.93 -18.59 1.33
CA PHE C 40 -11.22 -18.49 0.52
C PHE C 40 -11.29 -19.67 -0.49
N ALA C 41 -10.11 -20.07 -1.03
CA ALA C 41 -10.00 -21.23 -2.00
C ALA C 41 -10.47 -22.59 -1.35
N VAL C 42 -9.94 -22.97 -0.13
CA VAL C 42 -10.39 -24.26 0.59
C VAL C 42 -11.84 -24.10 1.11
N LEU C 43 -12.20 -22.84 1.49
CA LEU C 43 -13.58 -22.46 2.02
C LEU C 43 -14.61 -22.59 0.84
N SER C 44 -14.15 -22.50 -0.44
CA SER C 44 -15.08 -22.63 -1.65
C SER C 44 -15.73 -24.06 -1.70
N LEU C 45 -15.00 -25.10 -1.24
CA LEU C 45 -15.50 -26.52 -1.21
C LEU C 45 -16.53 -26.67 -0.04
N VAL C 46 -16.35 -25.85 1.02
CA VAL C 46 -17.25 -25.84 2.24
C VAL C 46 -18.61 -25.19 1.84
N ASN C 47 -18.58 -24.25 0.85
CA ASN C 47 -19.83 -23.52 0.39
C ASN C 47 -20.74 -24.45 -0.47
N ARG C 48 -20.19 -25.60 -0.96
CA ARG C 48 -20.98 -26.60 -1.80
C ARG C 48 -21.99 -27.40 -0.91
N VAL C 49 -21.48 -27.94 0.22
CA VAL C 49 -22.29 -28.83 1.18
C VAL C 49 -23.15 -27.98 2.18
N ARG C 50 -22.62 -26.82 2.63
CA ARG C 50 -23.33 -25.88 3.62
C ARG C 50 -23.71 -26.64 4.95
N GLN C 51 -23.01 -26.31 6.08
CA GLN C 51 -23.28 -26.93 7.45
C GLN C 51 -22.67 -25.99 8.53
N LEU A 1 13.87 18.96 15.05
CA LEU A 1 13.41 17.60 14.67
C LEU A 1 14.44 17.01 13.65
N LEU A 2 14.60 17.74 12.50
CA LEU A 2 15.53 17.34 11.35
C LEU A 2 16.32 18.59 10.84
N GLU A 3 17.39 18.29 10.06
CA GLU A 3 18.34 19.28 9.42
C GLU A 3 18.85 18.53 8.18
N LEU A 4 18.42 18.96 6.96
CA LEU A 4 18.77 18.26 5.65
C LEU A 4 20.27 18.04 5.49
N ASP A 5 21.08 18.81 6.23
CA ASP A 5 22.57 18.64 6.24
C ASP A 5 22.94 17.38 7.07
N LYS A 6 22.34 17.29 8.28
CA LYS A 6 22.63 16.15 9.25
C LYS A 6 22.03 14.79 8.80
N TRP A 7 20.72 14.78 8.40
CA TRP A 7 20.00 13.48 7.97
C TRP A 7 20.44 13.01 6.56
N ALA A 8 20.85 13.94 5.63
CA ALA A 8 21.36 13.48 4.25
C ALA A 8 22.79 12.89 4.37
N SER A 9 23.38 12.94 5.60
CA SER A 9 24.76 12.35 5.90
C SER A 9 24.69 10.81 5.86
N LEU A 10 23.50 10.28 6.25
CA LEU A 10 23.20 8.78 6.31
C LEU A 10 23.48 8.07 4.94
N TRP A 11 23.66 8.89 3.88
CA TRP A 11 23.97 8.39 2.47
C TRP A 11 25.41 7.75 2.40
N ASN A 12 26.19 7.78 3.53
CA ASN A 12 27.62 7.23 3.56
C ASN A 12 27.67 5.68 3.27
N TRP A 13 26.82 4.89 3.98
CA TRP A 13 26.72 3.35 3.80
C TRP A 13 25.65 3.06 2.72
N PHE A 14 24.75 4.05 2.52
CA PHE A 14 23.67 4.06 1.47
C PHE A 14 22.68 2.84 1.47
N ASP A 15 22.99 1.72 2.21
CA ASP A 15 22.11 0.46 2.19
C ASP A 15 20.65 0.67 2.77
N ILE A 16 20.52 1.18 4.03
CA ILE A 16 19.14 1.45 4.69
C ILE A 16 18.45 2.65 4.00
N THR A 17 19.28 3.61 3.55
CA THR A 17 18.80 4.90 2.89
C THR A 17 17.94 4.60 1.63
N ASN A 18 18.29 3.49 0.94
CA ASN A 18 17.57 3.04 -0.32
C ASN A 18 16.07 2.76 -0.01
N TRP A 19 15.84 2.01 1.09
CA TRP A 19 14.45 1.63 1.56
C TRP A 19 13.68 2.89 2.09
N LEU A 20 14.31 3.75 2.94
CA LEU A 20 13.60 5.00 3.50
C LEU A 20 13.33 6.06 2.39
N TRP A 21 13.78 5.81 1.13
CA TRP A 21 13.61 6.77 -0.05
C TRP A 21 12.78 6.12 -1.21
N TYR A 22 13.05 4.81 -1.53
CA TYR A 22 12.34 4.06 -2.66
C TYR A 22 11.06 3.32 -2.15
N ILE A 23 10.48 3.73 -0.96
CA ILE A 23 9.16 3.13 -0.43
C ILE A 23 8.06 3.29 -1.55
N ARG A 24 8.12 4.42 -2.29
CA ARG A 24 7.13 4.77 -3.40
C ARG A 24 7.06 3.64 -4.47
N ILE A 25 8.25 3.18 -4.89
CA ILE A 25 8.41 2.07 -5.92
C ILE A 25 7.92 0.72 -5.31
N PHE A 26 8.25 0.54 -4.03
CA PHE A 26 8.01 -0.72 -3.25
C PHE A 26 6.50 -1.16 -3.16
N ILE A 27 5.56 -0.23 -2.79
CA ILE A 27 4.05 -0.61 -2.67
C ILE A 27 3.50 -1.04 -4.06
N ILE A 28 3.95 -0.38 -5.14
CA ILE A 28 3.47 -0.67 -6.57
C ILE A 28 3.76 -2.18 -6.89
N ILE A 29 4.96 -2.69 -6.47
CA ILE A 29 5.36 -4.16 -6.67
C ILE A 29 4.42 -5.08 -5.82
N VAL A 30 4.12 -4.68 -4.54
CA VAL A 30 3.19 -5.47 -3.61
C VAL A 30 1.73 -5.32 -4.10
N GLY A 31 1.48 -4.42 -5.08
CA GLY A 31 0.10 -4.19 -5.69
C GLY A 31 -0.12 -5.10 -6.91
N SER A 32 0.95 -5.79 -7.39
CA SER A 32 0.90 -6.71 -8.61
C SER A 32 0.25 -8.07 -8.32
N LEU A 33 0.47 -8.62 -7.09
CA LEU A 33 -0.07 -10.00 -6.72
C LEU A 33 -1.64 -10.03 -6.73
N ILE A 34 -2.36 -8.90 -6.39
CA ILE A 34 -3.91 -8.90 -6.35
C ILE A 34 -4.48 -9.39 -7.70
N GLY A 35 -3.92 -8.85 -8.82
CA GLY A 35 -4.32 -9.22 -10.23
C GLY A 35 -4.02 -10.70 -10.52
N LEU A 36 -2.85 -11.19 -10.01
CA LEU A 36 -2.36 -12.64 -10.19
C LEU A 36 -3.33 -13.62 -9.45
N ARG A 37 -3.63 -13.27 -8.19
CA ARG A 37 -4.54 -14.01 -7.23
C ARG A 37 -5.94 -14.41 -7.80
N ILE A 38 -6.52 -13.61 -8.73
CA ILE A 38 -7.94 -13.84 -9.28
C ILE A 38 -8.13 -15.30 -9.86
N VAL A 39 -7.09 -15.87 -10.54
CA VAL A 39 -7.18 -17.27 -11.17
C VAL A 39 -7.63 -18.34 -10.12
N PHE A 40 -7.34 -18.10 -8.80
CA PHE A 40 -7.79 -19.05 -7.68
C PHE A 40 -9.35 -19.21 -7.72
N ALA A 41 -10.06 -18.13 -8.10
CA ALA A 41 -11.58 -18.16 -8.25
C ALA A 41 -11.94 -19.13 -9.42
N VAL A 42 -11.14 -19.05 -10.52
CA VAL A 42 -11.29 -19.93 -11.76
C VAL A 42 -10.91 -21.41 -11.42
N LEU A 43 -9.95 -21.59 -10.45
CA LEU A 43 -9.49 -22.97 -9.97
C LEU A 43 -10.70 -23.73 -9.33
N SER A 44 -11.71 -22.95 -8.82
CA SER A 44 -12.94 -23.56 -8.16
C SER A 44 -13.72 -24.49 -9.13
N LEU A 45 -13.76 -24.11 -10.43
CA LEU A 45 -14.47 -24.92 -11.52
C LEU A 45 -13.62 -26.19 -11.83
N VAL A 46 -12.29 -26.02 -11.74
CA VAL A 46 -11.28 -27.15 -11.98
C VAL A 46 -11.32 -28.10 -10.75
N ASN A 47 -11.63 -27.51 -9.56
CA ASN A 47 -11.68 -28.28 -8.24
C ASN A 47 -12.92 -29.23 -8.22
N ARG A 48 -13.91 -29.00 -9.13
CA ARG A 48 -15.16 -29.85 -9.19
C ARG A 48 -14.84 -31.25 -9.80
N VAL A 49 -14.13 -31.24 -10.95
CA VAL A 49 -13.69 -32.49 -11.73
C VAL A 49 -12.20 -32.80 -11.37
N ARG A 50 -11.79 -32.38 -10.13
CA ARG A 50 -10.36 -32.53 -9.55
C ARG A 50 -9.55 -33.76 -10.15
N GLN A 51 -8.44 -33.46 -10.89
CA GLN A 51 -7.55 -34.51 -11.53
C GLN A 51 -6.22 -33.82 -11.94
N LEU B 1 21.85 18.66 2.78
CA LEU B 1 22.58 18.81 1.48
C LEU B 1 21.63 19.52 0.49
N LEU B 2 20.32 19.13 0.56
CA LEU B 2 19.22 19.70 -0.31
C LEU B 2 18.89 21.17 0.16
N GLU B 3 18.17 21.29 1.32
CA GLU B 3 17.78 22.61 2.02
C GLU B 3 16.32 23.01 1.67
N LEU B 4 15.72 23.90 2.53
CA LEU B 4 14.27 24.39 2.39
C LEU B 4 14.04 25.14 1.06
N ASP B 5 15.16 25.64 0.48
CA ASP B 5 15.14 26.38 -0.84
C ASP B 5 14.94 25.38 -2.00
N LYS B 6 15.52 24.17 -1.84
CA LYS B 6 15.45 23.05 -2.89
C LYS B 6 14.00 22.50 -2.94
N TRP B 7 13.42 22.25 -1.73
CA TRP B 7 12.00 21.73 -1.58
C TRP B 7 11.00 22.73 -2.23
N ALA B 8 11.05 24.00 -1.75
CA ALA B 8 10.12 25.11 -2.23
C ALA B 8 10.26 25.42 -3.75
N SER B 9 11.49 25.22 -4.30
CA SER B 9 11.77 25.46 -5.78
C SER B 9 11.01 24.43 -6.65
N LEU B 10 10.82 23.22 -6.08
CA LEU B 10 10.13 22.04 -6.76
C LEU B 10 8.62 22.38 -7.04
N TRP B 11 8.02 23.35 -6.29
CA TRP B 11 6.55 23.77 -6.47
C TRP B 11 6.34 24.50 -7.83
N ASN B 12 7.44 25.08 -8.40
CA ASN B 12 7.38 25.81 -9.74
C ASN B 12 7.08 24.80 -10.89
N TRP B 13 7.41 23.50 -10.65
CA TRP B 13 7.18 22.37 -11.64
C TRP B 13 5.67 21.93 -11.50
N PHE B 14 5.11 22.25 -10.31
CA PHE B 14 3.67 22.00 -9.87
C PHE B 14 3.07 20.57 -10.13
N ASP B 15 3.08 20.09 -11.39
CA ASP B 15 2.44 18.76 -11.79
C ASP B 15 3.02 17.53 -11.03
N ILE B 16 4.38 17.36 -11.06
CA ILE B 16 5.08 16.20 -10.37
C ILE B 16 5.00 16.33 -8.83
N THR B 17 5.06 17.60 -8.32
CA THR B 17 5.04 17.89 -6.82
C THR B 17 3.75 17.33 -6.17
N ASN B 18 2.62 17.40 -6.94
CA ASN B 18 1.27 16.89 -6.45
C ASN B 18 1.38 15.37 -6.14
N TRP B 19 1.99 14.62 -7.08
CA TRP B 19 2.22 13.12 -6.94
C TRP B 19 3.30 12.86 -5.85
N LEU B 20 4.44 13.60 -5.90
CA LEU B 20 5.59 13.47 -4.87
C LEU B 20 5.15 13.96 -3.46
N TRP B 21 3.90 14.47 -3.32
CA TRP B 21 3.31 14.97 -1.99
C TRP B 21 2.09 14.09 -1.59
N TYR B 22 1.26 13.71 -2.61
CA TYR B 22 0.00 12.86 -2.39
C TYR B 22 0.36 11.35 -2.28
N ILE B 23 1.67 10.97 -2.34
CA ILE B 23 2.11 9.50 -2.24
C ILE B 23 1.56 8.85 -0.93
N ARG B 24 1.49 9.62 0.19
CA ARG B 24 0.99 9.11 1.54
C ARG B 24 -0.49 8.63 1.43
N ILE B 25 -1.31 9.50 0.80
CA ILE B 25 -2.78 9.25 0.58
C ILE B 25 -2.95 8.07 -0.40
N PHE B 26 -2.10 8.08 -1.46
CA PHE B 26 -2.14 7.07 -2.58
C PHE B 26 -2.09 5.59 -2.09
N ILE B 27 -1.40 5.34 -0.94
CA ILE B 27 -1.28 3.92 -0.34
C ILE B 27 -2.68 3.40 0.07
N ILE B 28 -3.42 4.28 0.79
CA ILE B 28 -4.82 3.99 1.32
C ILE B 28 -5.77 3.65 0.11
N ILE B 29 -5.64 4.39 -1.04
CA ILE B 29 -6.47 4.14 -2.32
C ILE B 29 -6.29 2.65 -2.80
N VAL B 30 -5.04 2.11 -2.73
CA VAL B 30 -4.73 0.68 -3.18
C VAL B 30 -5.43 -0.31 -2.18
N GLY B 31 -5.84 0.23 -1.01
CA GLY B 31 -6.58 -0.54 0.07
C GLY B 31 -8.03 -0.84 -0.36
N SER B 32 -8.59 0.03 -1.24
CA SER B 32 -10.01 -0.12 -1.77
C SER B 32 -10.08 -1.20 -2.87
N LEU B 33 -8.98 -1.26 -3.64
CA LEU B 33 -8.80 -2.19 -4.85
C LEU B 33 -8.91 -3.69 -4.45
N ILE B 34 -8.08 -4.09 -3.46
CA ILE B 34 -8.02 -5.51 -2.90
C ILE B 34 -9.39 -5.95 -2.35
N GLY B 35 -10.07 -5.09 -1.54
CA GLY B 35 -11.42 -5.42 -0.94
C GLY B 35 -12.51 -5.67 -2.02
N LEU B 36 -12.43 -4.91 -3.15
CA LEU B 36 -13.40 -4.99 -4.33
C LEU B 36 -13.46 -6.46 -4.90
N ARG B 37 -12.27 -7.08 -5.04
CA ARG B 37 -12.08 -8.51 -5.56
C ARG B 37 -12.99 -9.58 -4.83
N ILE B 38 -13.30 -9.40 -3.53
CA ILE B 38 -14.07 -10.44 -2.69
C ILE B 38 -15.47 -10.82 -3.32
N VAL B 39 -16.20 -9.82 -3.90
CA VAL B 39 -17.60 -10.02 -4.52
C VAL B 39 -17.60 -11.14 -5.58
N PHE B 40 -16.42 -11.41 -6.19
CA PHE B 40 -16.25 -12.49 -7.26
C PHE B 40 -16.79 -13.84 -6.71
N ALA B 41 -16.71 -14.04 -5.38
CA ALA B 41 -17.19 -15.32 -4.71
C ALA B 41 -18.71 -15.60 -5.08
N VAL B 42 -19.62 -14.54 -5.16
CA VAL B 42 -21.09 -14.78 -5.61
C VAL B 42 -21.13 -15.16 -7.13
N LEU B 43 -20.25 -14.52 -7.94
CA LEU B 43 -20.13 -14.78 -9.45
C LEU B 43 -19.65 -16.25 -9.70
N SER B 44 -18.97 -16.86 -8.69
CA SER B 44 -18.45 -18.31 -8.81
C SER B 44 -19.63 -19.32 -8.94
N LEU B 45 -20.80 -19.01 -8.31
CA LEU B 45 -22.03 -19.88 -8.37
C LEU B 45 -22.67 -19.72 -9.78
N VAL B 46 -22.60 -18.48 -10.33
CA VAL B 46 -23.14 -18.12 -11.71
C VAL B 46 -22.34 -18.88 -12.79
N ASN B 47 -21.03 -19.12 -12.50
CA ASN B 47 -20.08 -19.86 -13.43
C ASN B 47 -20.45 -21.38 -13.48
N ARG B 48 -21.25 -21.90 -12.49
CA ARG B 48 -21.69 -23.37 -12.44
C ARG B 48 -23.06 -23.52 -13.15
N VAL B 49 -23.93 -22.49 -13.01
CA VAL B 49 -25.32 -22.46 -13.65
C VAL B 49 -25.21 -22.00 -15.13
N ARG B 50 -24.28 -21.05 -15.39
CA ARG B 50 -24.02 -20.47 -16.77
C ARG B 50 -25.34 -19.90 -17.41
N GLN B 51 -25.94 -18.89 -16.73
CA GLN B 51 -27.22 -18.18 -17.18
C GLN B 51 -28.43 -19.17 -17.31
N LEU C 1 7.59 28.14 4.56
CA LEU C 1 8.01 26.93 3.80
C LEU C 1 8.67 25.95 4.80
N LEU C 2 9.32 24.88 4.26
CA LEU C 2 10.04 23.78 5.08
C LEU C 2 11.09 24.42 6.05
N GLU C 3 11.78 23.52 6.84
CA GLU C 3 12.87 23.82 7.89
C GLU C 3 12.39 23.35 9.28
N LEU C 4 13.29 23.40 10.30
CA LEU C 4 13.00 22.97 11.74
C LEU C 4 11.70 23.64 12.25
N ASP C 5 11.49 24.85 11.74
CA ASP C 5 10.32 25.74 12.10
C ASP C 5 8.97 25.09 11.68
N LYS C 6 8.97 24.48 10.49
CA LYS C 6 7.72 23.78 9.91
C LYS C 6 7.44 22.49 10.72
N TRP C 7 8.52 21.73 10.96
CA TRP C 7 8.47 20.41 11.71
C TRP C 7 8.21 20.63 13.23
N ALA C 8 8.99 21.54 13.86
CA ALA C 8 8.90 21.84 15.37
C ALA C 8 7.51 22.41 15.76
N SER C 9 6.78 22.99 14.78
CA SER C 9 5.39 23.58 15.02
C SER C 9 4.39 22.46 15.36
N LEU C 10 4.63 21.27 14.78
CA LEU C 10 3.75 20.04 14.97
C LEU C 10 3.87 19.42 16.38
N TRP C 11 4.85 19.87 17.21
CA TRP C 11 5.07 19.30 18.61
C TRP C 11 3.88 19.68 19.54
N ASN C 12 3.22 20.82 19.23
CA ASN C 12 2.02 21.34 20.02
C ASN C 12 0.70 20.72 19.47
N TRP C 13 0.75 20.14 18.25
CA TRP C 13 -0.46 19.48 17.56
C TRP C 13 -0.68 18.05 18.17
N PHE C 14 0.42 17.51 18.73
CA PHE C 14 0.50 16.18 19.45
C PHE C 14 -0.19 14.93 18.77
N ASP C 15 -1.54 14.79 18.93
CA ASP C 15 -2.34 13.58 18.45
C ASP C 15 -2.12 13.20 16.95
N ILE C 16 -2.30 14.18 16.05
CA ILE C 16 -2.15 13.98 14.54
C ILE C 16 -0.66 13.72 14.20
N THR C 17 0.27 14.43 14.88
CA THR C 17 1.77 14.30 14.63
C THR C 17 2.27 12.84 14.84
N ASN C 18 1.69 12.16 15.85
CA ASN C 18 2.06 10.72 16.20
C ASN C 18 1.74 9.76 15.00
N TRP C 19 0.57 9.99 14.37
CA TRP C 19 0.05 9.19 13.18
C TRP C 19 0.92 9.47 11.90
N LEU C 20 1.32 10.74 11.62
CA LEU C 20 2.15 11.08 10.35
C LEU C 20 3.57 10.45 10.39
N TRP C 21 3.95 9.76 11.49
CA TRP C 21 5.32 9.08 11.66
C TRP C 21 5.17 7.53 11.75
N TYR C 22 3.99 7.07 12.21
CA TYR C 22 3.69 5.57 12.39
C TYR C 22 3.25 4.94 11.05
N ILE C 23 3.12 5.77 9.96
CA ILE C 23 2.71 5.28 8.59
C ILE C 23 3.78 4.31 8.01
N ARG C 24 5.08 4.59 8.28
CA ARG C 24 6.27 3.77 7.76
C ARG C 24 6.08 2.29 8.12
N ILE C 25 5.67 2.06 9.38
CA ILE C 25 5.35 0.67 9.93
C ILE C 25 4.05 0.14 9.24
N PHE C 26 3.02 1.01 9.23
CA PHE C 26 1.62 0.70 8.70
C PHE C 26 1.60 0.14 7.25
N ILE C 27 2.62 0.52 6.46
CA ILE C 27 2.75 0.11 5.00
C ILE C 27 2.78 -1.46 4.88
N ILE C 28 3.63 -2.09 5.72
CA ILE C 28 3.81 -3.60 5.79
C ILE C 28 2.46 -4.31 6.21
N ILE C 29 1.73 -3.73 7.19
CA ILE C 29 0.40 -4.31 7.75
C ILE C 29 -0.65 -4.53 6.60
N VAL C 30 -0.75 -3.57 5.63
CA VAL C 30 -1.78 -3.66 4.49
C VAL C 30 -1.43 -4.85 3.54
N GLY C 31 -0.27 -5.51 3.77
CA GLY C 31 0.19 -6.73 2.98
C GLY C 31 -0.19 -8.05 3.70
N SER C 32 -0.85 -7.96 4.88
CA SER C 32 -1.26 -9.18 5.73
C SER C 32 -2.63 -9.75 5.33
N LEU C 33 -3.58 -8.87 4.95
CA LEU C 33 -5.00 -9.28 4.58
C LEU C 33 -5.00 -10.15 3.29
N ILE C 34 -4.02 -9.92 2.38
CA ILE C 34 -4.00 -10.62 1.03
C ILE C 34 -3.65 -12.14 1.13
N GLY C 35 -2.61 -12.52 1.90
CA GLY C 35 -2.22 -13.98 2.07
C GLY C 35 -3.41 -14.80 2.67
N LEU C 36 -4.13 -14.12 3.56
CA LEU C 36 -5.36 -14.62 4.33
C LEU C 36 -6.61 -14.93 3.44
N ARG C 37 -7.02 -14.05 2.46
CA ARG C 37 -8.27 -14.29 1.60
C ARG C 37 -8.38 -15.68 0.92
N ILE C 38 -7.26 -16.34 0.53
CA ILE C 38 -7.27 -17.69 -0.21
C ILE C 38 -8.10 -18.71 0.64
N VAL C 39 -7.97 -18.60 1.97
CA VAL C 39 -8.72 -19.43 3.01
C VAL C 39 -10.26 -19.33 2.73
N PHE C 40 -10.75 -18.21 2.10
CA PHE C 40 -12.26 -18.08 1.73
C PHE C 40 -12.61 -19.20 0.68
N ALA C 41 -11.65 -19.50 -0.23
CA ALA C 41 -11.84 -20.59 -1.31
C ALA C 41 -12.19 -21.95 -0.64
N VAL C 42 -11.58 -22.18 0.55
CA VAL C 42 -11.80 -23.44 1.39
C VAL C 42 -13.26 -23.43 1.96
N LEU C 43 -13.73 -22.24 2.41
CA LEU C 43 -15.15 -22.00 2.94
C LEU C 43 -16.16 -22.16 1.77
N SER C 44 -15.70 -21.95 0.50
CA SER C 44 -16.63 -22.06 -0.71
C SER C 44 -17.20 -23.50 -0.85
N LEU C 45 -16.39 -24.53 -0.47
CA LEU C 45 -16.83 -25.98 -0.53
C LEU C 45 -17.90 -26.24 0.57
N VAL C 46 -17.72 -25.55 1.72
CA VAL C 46 -18.65 -25.64 2.93
C VAL C 46 -20.02 -25.02 2.56
N ASN C 47 -19.99 -23.98 1.69
CA ASN C 47 -21.24 -23.25 1.21
C ASN C 47 -22.07 -24.13 0.22
N ARG C 48 -21.46 -25.20 -0.39
CA ARG C 48 -22.21 -26.12 -1.38
C ARG C 48 -22.93 -27.28 -0.61
N VAL C 49 -22.35 -27.72 0.54
CA VAL C 49 -22.88 -28.90 1.39
C VAL C 49 -23.87 -28.39 2.48
N ARG C 50 -24.53 -27.24 2.24
CA ARG C 50 -25.56 -26.64 3.22
C ARG C 50 -26.77 -27.63 3.40
N GLN C 51 -26.87 -28.27 4.61
CA GLN C 51 -27.98 -29.26 4.96
C GLN C 51 -29.35 -28.52 5.01
N LEU A 1 16.70 17.46 14.47
CA LEU A 1 15.29 17.95 14.36
C LEU A 1 14.99 18.16 12.85
N LEU A 2 15.46 17.19 12.02
CA LEU A 2 15.28 17.20 10.51
C LEU A 2 16.05 18.41 9.88
N GLU A 3 17.11 18.13 9.06
CA GLU A 3 17.97 19.21 8.41
C GLU A 3 18.84 18.55 7.30
N LEU A 4 19.35 19.39 6.36
CA LEU A 4 20.23 18.97 5.19
C LEU A 4 21.43 18.13 5.67
N ASP A 5 22.00 18.57 6.80
CA ASP A 5 23.19 17.90 7.44
C ASP A 5 22.81 16.53 8.07
N LYS A 6 21.55 16.44 8.58
CA LYS A 6 21.05 15.15 9.26
C LYS A 6 20.83 14.02 8.22
N TRP A 7 20.40 14.39 6.98
CA TRP A 7 20.16 13.38 5.85
C TRP A 7 21.53 12.79 5.39
N ALA A 8 22.47 13.70 5.08
CA ALA A 8 23.85 13.33 4.57
C ALA A 8 24.68 12.55 5.62
N SER A 9 24.20 12.49 6.89
CA SER A 9 24.93 11.75 8.01
C SER A 9 24.72 10.21 7.85
N LEU A 10 23.51 9.78 7.38
CA LEU A 10 23.19 8.30 7.20
C LEU A 10 23.99 7.70 5.99
N TRP A 11 24.60 8.57 5.14
CA TRP A 11 25.36 8.10 3.90
C TRP A 11 26.64 7.33 4.33
N ASN A 12 27.08 7.54 5.59
CA ASN A 12 28.28 6.82 6.18
C ASN A 12 27.83 5.42 6.67
N TRP A 13 26.51 5.29 7.06
CA TRP A 13 25.89 3.97 7.53
C TRP A 13 25.53 3.13 6.26
N PHE A 14 25.35 3.85 5.12
CA PHE A 14 25.05 3.26 3.75
C PHE A 14 23.76 2.35 3.67
N ASP A 15 23.80 1.20 4.36
CA ASP A 15 22.72 0.12 4.31
C ASP A 15 21.30 0.64 4.69
N ILE A 16 21.16 1.29 5.88
CA ILE A 16 19.80 1.80 6.37
C ILE A 16 19.30 2.98 5.47
N THR A 17 20.24 3.74 4.83
CA THR A 17 19.85 4.92 3.93
C THR A 17 18.94 4.42 2.80
N ASN A 18 19.19 3.16 2.34
CA ASN A 18 18.40 2.50 1.21
C ASN A 18 16.88 2.42 1.59
N TRP A 19 16.61 2.21 2.89
CA TRP A 19 15.20 2.11 3.46
C TRP A 19 14.53 3.53 3.46
N LEU A 20 15.36 4.52 3.77
CA LEU A 20 14.96 5.98 3.89
C LEU A 20 15.16 6.70 2.53
N TRP A 21 15.70 5.98 1.48
CA TRP A 21 15.93 6.61 0.12
C TRP A 21 14.56 6.78 -0.56
N TYR A 22 14.06 5.72 -1.27
CA TYR A 22 12.67 5.74 -1.93
C TYR A 22 12.15 4.28 -2.02
N ILE A 23 12.15 3.57 -0.85
CA ILE A 23 11.58 2.17 -0.68
C ILE A 23 10.09 2.19 -1.14
N ARG A 24 9.52 3.38 -0.96
CA ARG A 24 8.08 3.80 -1.20
C ARG A 24 7.57 3.37 -2.63
N ILE A 25 8.47 3.24 -3.65
CA ILE A 25 8.03 2.81 -5.09
C ILE A 25 7.30 1.43 -4.99
N PHE A 26 7.81 0.59 -4.08
CA PHE A 26 7.33 -0.82 -3.86
C PHE A 26 5.81 -0.94 -3.51
N ILE A 27 5.23 0.09 -2.85
CA ILE A 27 3.76 0.09 -2.41
C ILE A 27 2.78 -0.09 -3.63
N ILE A 28 3.08 0.53 -4.82
CA ILE A 28 2.20 0.34 -6.07
C ILE A 28 2.32 -1.16 -6.51
N ILE A 29 3.57 -1.67 -6.47
CA ILE A 29 3.95 -3.10 -6.87
C ILE A 29 3.22 -4.13 -5.94
N VAL A 30 3.13 -3.83 -4.61
CA VAL A 30 2.43 -4.77 -3.60
C VAL A 30 0.90 -4.81 -3.90
N GLY A 31 0.42 -3.94 -4.84
CA GLY A 31 -1.04 -3.89 -5.28
C GLY A 31 -1.30 -4.82 -6.48
N SER A 32 -0.22 -5.29 -7.18
CA SER A 32 -0.32 -6.19 -8.41
C SER A 32 -0.78 -7.63 -8.08
N LEU A 33 -0.54 -8.10 -6.81
CA LEU A 33 -0.90 -9.52 -6.39
C LEU A 33 -2.44 -9.72 -6.43
N ILE A 34 -3.18 -8.65 -6.04
CA ILE A 34 -4.69 -8.73 -5.84
C ILE A 34 -5.45 -9.21 -7.07
N GLY A 35 -5.16 -8.65 -8.25
CA GLY A 35 -5.86 -9.08 -9.52
C GLY A 35 -5.49 -10.55 -9.83
N LEU A 36 -4.19 -10.85 -9.65
CA LEU A 36 -3.53 -12.20 -9.92
C LEU A 36 -3.98 -13.40 -8.99
N ARG A 37 -4.05 -13.31 -7.60
CA ARG A 37 -4.44 -14.55 -6.75
C ARG A 37 -5.93 -14.95 -7.00
N ILE A 38 -6.80 -13.95 -7.26
CA ILE A 38 -8.30 -14.16 -7.57
C ILE A 38 -8.47 -15.10 -8.82
N VAL A 39 -7.57 -14.99 -9.84
CA VAL A 39 -7.63 -15.84 -11.14
C VAL A 39 -7.73 -17.35 -10.78
N PHE A 40 -7.24 -17.75 -9.60
CA PHE A 40 -7.29 -19.20 -9.10
C PHE A 40 -8.78 -19.70 -9.16
N ALA A 41 -9.73 -18.76 -8.95
CA ALA A 41 -11.21 -19.08 -8.96
C ALA A 41 -11.64 -19.79 -10.29
N VAL A 42 -11.10 -19.38 -11.49
CA VAL A 42 -11.46 -20.09 -12.82
C VAL A 42 -10.87 -21.53 -12.82
N LEU A 43 -9.65 -21.68 -12.21
CA LEU A 43 -8.91 -23.02 -12.10
C LEU A 43 -9.73 -24.01 -11.22
N SER A 44 -10.60 -23.48 -10.32
CA SER A 44 -11.46 -24.35 -9.40
C SER A 44 -12.46 -25.20 -10.22
N LEU A 45 -12.92 -24.67 -11.38
CA LEU A 45 -13.90 -25.40 -12.31
C LEU A 45 -13.12 -26.54 -13.03
N VAL A 46 -11.87 -26.21 -13.44
CA VAL A 46 -10.91 -27.17 -14.14
C VAL A 46 -10.59 -28.37 -13.20
N ASN A 47 -10.53 -28.08 -11.88
CA ASN A 47 -10.21 -29.11 -10.81
C ASN A 47 -11.38 -30.14 -10.64
N ARG A 48 -12.64 -29.80 -11.05
CA ARG A 48 -13.84 -30.74 -10.90
C ARG A 48 -13.76 -31.91 -11.94
N VAL A 49 -13.45 -31.55 -13.20
CA VAL A 49 -13.39 -32.53 -14.38
C VAL A 49 -12.03 -33.28 -14.43
N ARG A 50 -11.03 -32.81 -13.64
CA ARG A 50 -9.63 -33.44 -13.58
C ARG A 50 -9.73 -34.97 -13.25
N GLN A 51 -8.74 -35.76 -13.74
CA GLN A 51 -8.67 -37.27 -13.53
C GLN A 51 -8.37 -37.58 -12.04
N LEU B 1 21.55 14.98 -1.21
CA LEU B 1 21.53 15.44 0.22
C LEU B 1 20.22 16.23 0.51
N LEU B 2 19.40 16.49 -0.54
CA LEU B 2 18.08 17.25 -0.44
C LEU B 2 18.34 18.72 0.06
N GLU B 3 17.48 19.72 -0.34
CA GLU B 3 17.67 21.19 0.07
C GLU B 3 16.29 21.89 0.21
N LEU B 4 16.29 23.08 0.88
CA LEU B 4 15.07 23.95 1.11
C LEU B 4 14.59 24.52 -0.25
N ASP B 5 15.59 24.93 -1.04
CA ASP B 5 15.41 25.53 -2.42
C ASP B 5 14.79 24.53 -3.43
N LYS B 6 15.06 23.22 -3.21
CA LYS B 6 14.53 22.12 -4.14
C LYS B 6 12.97 21.96 -3.96
N TRP B 7 12.49 21.93 -2.69
CA TRP B 7 10.99 21.78 -2.40
C TRP B 7 10.18 22.96 -3.02
N ALA B 8 10.76 24.18 -2.94
CA ALA B 8 10.10 25.44 -3.49
C ALA B 8 10.16 25.47 -5.04
N SER B 9 11.32 25.10 -5.62
CA SER B 9 11.53 25.04 -7.13
C SER B 9 10.53 24.03 -7.76
N LEU B 10 10.22 22.97 -6.97
CA LEU B 10 9.26 21.85 -7.38
C LEU B 10 7.85 22.43 -7.70
N TRP B 11 7.54 23.64 -7.16
CA TRP B 11 6.18 24.29 -7.39
C TRP B 11 6.03 24.71 -8.89
N ASN B 12 7.19 24.91 -9.57
CA ASN B 12 7.28 25.29 -11.04
C ASN B 12 7.32 24.03 -11.94
N TRP B 13 7.54 22.82 -11.34
CA TRP B 13 7.62 21.50 -12.11
C TRP B 13 6.16 20.98 -12.38
N PHE B 14 5.23 21.45 -11.53
CA PHE B 14 3.73 21.16 -11.63
C PHE B 14 3.31 19.64 -11.58
N ASP B 15 3.36 18.95 -12.75
CA ASP B 15 2.81 17.52 -12.93
C ASP B 15 3.32 16.49 -11.87
N ILE B 16 4.64 16.38 -11.68
CA ILE B 16 5.25 15.38 -10.66
C ILE B 16 4.94 15.83 -9.21
N THR B 17 5.09 17.15 -8.93
CA THR B 17 4.84 17.73 -7.55
C THR B 17 3.37 17.54 -7.11
N ASN B 18 2.43 17.58 -8.10
CA ASN B 18 0.94 17.41 -7.85
C ASN B 18 0.67 15.97 -7.31
N TRP B 19 1.26 14.94 -7.97
CA TRP B 19 1.09 13.47 -7.55
C TRP B 19 1.90 13.23 -6.24
N LEU B 20 3.16 13.69 -6.22
CA LEU B 20 4.15 13.44 -5.07
C LEU B 20 3.76 14.14 -3.75
N TRP B 21 2.68 14.99 -3.73
CA TRP B 21 2.19 15.71 -2.45
C TRP B 21 0.76 15.24 -2.04
N TYR B 22 0.23 14.17 -2.69
CA TYR B 22 -1.14 13.55 -2.34
C TYR B 22 -1.04 12.01 -2.33
N ILE B 23 0.22 11.46 -2.32
CA ILE B 23 0.45 9.96 -2.29
C ILE B 23 -0.03 9.34 -0.94
N ARG B 24 0.24 10.05 0.19
CA ARG B 24 -0.11 9.57 1.59
C ARG B 24 -1.62 9.24 1.69
N ILE B 25 -2.43 10.15 1.12
CA ILE B 25 -3.93 10.02 1.05
C ILE B 25 -4.26 8.80 0.14
N PHE B 26 -3.53 8.73 -1.00
CA PHE B 26 -3.70 7.67 -2.06
C PHE B 26 -3.55 6.22 -1.51
N ILE B 27 -2.56 5.97 -0.60
CA ILE B 27 -2.31 4.57 -0.03
C ILE B 27 -3.60 4.02 0.69
N ILE B 28 -4.33 4.93 1.39
CA ILE B 28 -5.62 4.57 2.13
C ILE B 28 -6.69 4.08 1.09
N ILE B 29 -6.78 4.78 -0.08
CA ILE B 29 -7.74 4.44 -1.23
C ILE B 29 -7.34 3.04 -1.85
N VAL B 30 -6.00 2.78 -2.02
CA VAL B 30 -5.47 1.49 -2.65
C VAL B 30 -5.78 0.26 -1.73
N GLY B 31 -6.25 0.52 -0.48
CA GLY B 31 -6.61 -0.57 0.52
C GLY B 31 -8.11 -0.92 0.50
N SER B 32 -8.97 -0.10 -0.21
CA SER B 32 -10.49 -0.31 -0.25
C SER B 32 -10.95 -1.29 -1.37
N LEU B 33 -10.26 -1.29 -2.55
CA LEU B 33 -10.66 -2.19 -3.73
C LEU B 33 -10.38 -3.68 -3.43
N ILE B 34 -9.30 -4.01 -2.63
CA ILE B 34 -8.95 -5.49 -2.29
C ILE B 34 -10.18 -6.16 -1.57
N GLY B 35 -10.76 -5.43 -0.57
CA GLY B 35 -11.94 -5.92 0.25
C GLY B 35 -13.16 -6.23 -0.63
N LEU B 36 -13.34 -5.41 -1.68
CA LEU B 36 -14.47 -5.51 -2.70
C LEU B 36 -14.45 -6.90 -3.41
N ARG B 37 -13.22 -7.42 -3.67
CA ARG B 37 -12.96 -8.78 -4.32
C ARG B 37 -13.73 -9.97 -3.68
N ILE B 38 -14.04 -9.96 -2.36
CA ILE B 38 -14.65 -11.17 -1.61
C ILE B 38 -15.96 -11.68 -2.33
N VAL B 39 -16.81 -10.77 -2.87
CA VAL B 39 -18.11 -11.16 -3.63
C VAL B 39 -17.77 -12.18 -4.78
N PHE B 40 -16.50 -12.17 -5.30
CA PHE B 40 -16.05 -13.16 -6.39
C PHE B 40 -16.31 -14.62 -5.88
N ALA B 41 -16.16 -14.83 -4.55
CA ALA B 41 -16.44 -16.18 -3.89
C ALA B 41 -17.96 -16.50 -4.06
N VAL B 42 -18.81 -15.45 -3.87
CA VAL B 42 -20.32 -15.52 -4.01
C VAL B 42 -20.70 -15.71 -5.52
N LEU B 43 -19.86 -15.15 -6.44
CA LEU B 43 -20.06 -15.30 -7.96
C LEU B 43 -19.95 -16.81 -8.34
N SER B 44 -19.25 -17.61 -7.49
CA SER B 44 -19.06 -19.11 -7.75
C SER B 44 -20.42 -19.83 -7.86
N LEU B 45 -21.42 -19.38 -7.06
CA LEU B 45 -22.82 -19.97 -7.05
C LEU B 45 -23.55 -19.52 -8.36
N VAL B 46 -23.24 -18.28 -8.79
CA VAL B 46 -23.82 -17.66 -10.07
C VAL B 46 -23.18 -18.39 -11.30
N ASN B 47 -21.93 -18.89 -11.10
CA ASN B 47 -21.12 -19.62 -12.15
C ASN B 47 -21.56 -21.11 -12.25
N ARG B 48 -22.49 -21.56 -11.36
CA ARG B 48 -22.95 -23.01 -11.27
C ARG B 48 -23.82 -23.41 -12.49
N VAL B 49 -24.90 -22.62 -12.78
CA VAL B 49 -25.88 -22.89 -13.94
C VAL B 49 -25.70 -21.78 -15.03
N ARG B 50 -25.46 -20.54 -14.56
CA ARG B 50 -25.23 -19.30 -15.44
C ARG B 50 -26.19 -19.25 -16.69
N GLN B 51 -27.47 -18.87 -16.45
CA GLN B 51 -28.55 -18.76 -17.53
C GLN B 51 -28.79 -20.14 -18.23
N LEU C 1 9.17 26.60 4.43
CA LEU C 1 9.22 25.91 3.09
C LEU C 1 10.14 24.69 3.28
N LEU C 2 9.76 23.80 4.23
CA LEU C 2 10.52 22.54 4.60
C LEU C 2 11.91 22.94 5.14
N GLU C 3 11.96 23.11 6.48
CA GLU C 3 13.16 23.60 7.22
C GLU C 3 13.06 23.12 8.70
N LEU C 4 14.21 23.09 9.43
CA LEU C 4 14.29 22.63 10.88
C LEU C 4 13.25 23.36 11.75
N ASP C 5 13.03 24.62 11.39
CA ASP C 5 12.06 25.55 12.07
C ASP C 5 10.60 25.08 11.85
N LYS C 6 10.29 24.64 10.60
CA LYS C 6 8.89 24.17 10.20
C LYS C 6 8.56 22.80 10.88
N TRP C 7 9.53 21.85 10.82
CA TRP C 7 9.37 20.45 11.43
C TRP C 7 9.28 20.55 12.98
N ALA C 8 10.04 21.49 13.56
CA ALA C 8 10.06 21.69 15.09
C ALA C 8 8.80 22.45 15.58
N SER C 9 8.27 23.37 14.73
CA SER C 9 7.01 24.16 15.08
C SER C 9 5.78 23.22 14.99
N LEU C 10 5.84 22.27 14.03
CA LEU C 10 4.75 21.25 13.76
C LEU C 10 4.46 20.38 15.03
N TRP C 11 5.39 20.43 16.03
CA TRP C 11 5.24 19.65 17.33
C TRP C 11 4.06 20.21 18.20
N ASN C 12 3.70 21.52 18.02
CA ASN C 12 2.59 22.19 18.84
C ASN C 12 1.20 21.53 18.58
N TRP C 13 1.16 20.62 17.57
CA TRP C 13 -0.09 19.86 17.17
C TRP C 13 -0.28 18.67 18.15
N PHE C 14 0.72 18.46 19.03
CA PHE C 14 0.72 17.41 20.13
C PHE C 14 0.66 15.92 19.59
N ASP C 15 -0.40 15.16 19.99
CA ASP C 15 -0.59 13.69 19.67
C ASP C 15 -0.73 13.41 18.15
N ILE C 16 -1.58 14.19 17.41
CA ILE C 16 -1.80 13.95 15.91
C ILE C 16 -0.46 13.98 15.13
N THR C 17 0.60 14.66 15.67
CA THR C 17 1.96 14.73 14.96
C THR C 17 2.46 13.27 14.71
N ASN C 18 2.10 12.35 15.64
CA ASN C 18 2.52 10.87 15.51
C ASN C 18 1.90 10.20 14.23
N TRP C 19 0.80 10.78 13.72
CA TRP C 19 0.01 10.26 12.50
C TRP C 19 0.90 10.19 11.22
N LEU C 20 1.64 11.25 11.00
CA LEU C 20 2.53 11.52 9.81
C LEU C 20 3.81 10.64 9.76
N TRP C 21 4.09 9.75 10.77
CA TRP C 21 5.37 8.89 10.80
C TRP C 21 5.15 7.44 11.34
N TYR C 22 4.06 7.18 12.12
CA TYR C 22 3.75 5.77 12.68
C TYR C 22 2.99 4.99 11.58
N ILE C 23 2.10 5.70 10.87
CA ILE C 23 1.28 5.16 9.71
C ILE C 23 2.19 4.54 8.61
N ARG C 24 3.39 5.15 8.38
CA ARG C 24 4.39 4.65 7.33
C ARG C 24 4.74 3.14 7.57
N ILE C 25 4.92 2.74 8.87
CA ILE C 25 5.22 1.31 9.27
C ILE C 25 3.97 0.44 8.99
N PHE C 26 2.81 1.00 9.38
CA PHE C 26 1.47 0.31 9.30
C PHE C 26 1.14 -0.25 7.89
N ILE C 27 1.71 0.37 6.82
CA ILE C 27 1.46 -0.09 5.37
C ILE C 27 1.91 -1.58 5.18
N ILE C 28 3.03 -1.97 5.84
CA ILE C 28 3.60 -3.39 5.76
C ILE C 28 2.51 -4.40 6.29
N ILE C 29 1.82 -4.01 7.40
CA ILE C 29 0.70 -4.84 8.04
C ILE C 29 -0.49 -4.95 7.01
N VAL C 30 -0.81 -3.82 6.29
CA VAL C 30 -1.96 -3.80 5.27
C VAL C 30 -1.60 -4.72 4.05
N GLY C 31 -0.38 -5.33 4.06
CA GLY C 31 0.13 -6.27 2.97
C GLY C 31 -0.03 -7.77 3.32
N SER C 32 -0.26 -8.12 4.63
CA SER C 32 -0.39 -9.59 5.10
C SER C 32 -1.81 -10.17 4.92
N LEU C 33 -2.88 -9.34 5.11
CA LEU C 33 -4.32 -9.81 4.99
C LEU C 33 -4.65 -10.23 3.54
N ILE C 34 -3.98 -9.60 2.53
CA ILE C 34 -4.28 -9.86 1.05
C ILE C 34 -4.20 -11.38 0.68
N GLY C 35 -3.11 -12.04 1.10
CA GLY C 35 -2.85 -13.51 0.80
C GLY C 35 -3.85 -14.39 1.53
N LEU C 36 -4.21 -13.93 2.75
CA LEU C 36 -5.19 -14.66 3.67
C LEU C 36 -6.54 -14.89 2.89
N ARG C 37 -6.93 -13.93 2.01
CA ARG C 37 -8.15 -14.05 1.10
C ARG C 37 -8.14 -15.37 0.24
N ILE C 38 -6.95 -15.86 -0.19
CA ILE C 38 -6.85 -17.06 -1.17
C ILE C 38 -7.56 -18.37 -0.62
N VAL C 39 -7.44 -18.70 0.70
CA VAL C 39 -8.08 -19.99 1.29
C VAL C 39 -9.62 -20.06 1.03
N PHE C 40 -10.27 -18.88 0.90
CA PHE C 40 -11.78 -18.77 0.60
C PHE C 40 -12.12 -19.60 -0.67
N ALA C 41 -11.17 -19.66 -1.62
CA ALA C 41 -11.35 -20.42 -2.92
C ALA C 41 -11.74 -21.92 -2.62
N VAL C 42 -11.07 -22.57 -1.62
CA VAL C 42 -11.42 -24.03 -1.22
C VAL C 42 -12.82 -24.03 -0.52
N LEU C 43 -13.11 -22.95 0.27
CA LEU C 43 -14.43 -22.80 1.03
C LEU C 43 -15.63 -22.76 0.03
N SER C 44 -15.35 -22.33 -1.24
CA SER C 44 -16.41 -22.22 -2.31
C SER C 44 -17.06 -23.61 -2.63
N LEU C 45 -16.21 -24.67 -2.58
CA LEU C 45 -16.66 -26.10 -2.85
C LEU C 45 -17.44 -26.64 -1.62
N VAL C 46 -17.21 -26.01 -0.46
CA VAL C 46 -17.90 -26.37 0.86
C VAL C 46 -19.21 -25.54 0.95
N ASN C 47 -19.21 -24.35 0.29
CA ASN C 47 -20.38 -23.38 0.30
C ASN C 47 -21.61 -23.93 -0.49
N ARG C 48 -21.38 -24.73 -1.60
CA ARG C 48 -22.55 -25.24 -2.45
C ARG C 48 -23.34 -26.36 -1.72
N VAL C 49 -22.91 -26.73 -0.49
CA VAL C 49 -23.58 -27.79 0.36
C VAL C 49 -24.77 -27.13 1.10
N ARG C 50 -24.59 -25.85 1.49
CA ARG C 50 -25.63 -25.03 2.24
C ARG C 50 -26.84 -24.73 1.29
N GLN C 51 -28.06 -24.58 1.88
CA GLN C 51 -29.34 -24.28 1.13
C GLN C 51 -30.46 -23.91 2.12
N LEU A 1 17.11 18.60 13.15
CA LEU A 1 16.54 17.24 13.34
C LEU A 1 16.55 16.53 11.96
N LEU A 2 16.21 17.32 10.89
CA LEU A 2 16.20 16.86 9.43
C LEU A 2 16.78 18.04 8.58
N GLU A 3 18.03 17.87 8.04
CA GLU A 3 18.76 18.91 7.19
C GLU A 3 19.58 18.20 6.08
N LEU A 4 20.10 18.99 5.12
CA LEU A 4 20.93 18.52 3.92
C LEU A 4 22.10 17.62 4.37
N ASP A 5 22.72 18.04 5.46
CA ASP A 5 23.90 17.32 6.09
C ASP A 5 23.43 16.05 6.82
N LYS A 6 22.19 16.08 7.39
CA LYS A 6 21.62 14.90 8.17
C LYS A 6 21.26 13.73 7.21
N TRP A 7 20.58 14.07 6.07
CA TRP A 7 20.14 13.05 5.03
C TRP A 7 21.36 12.36 4.37
N ALA A 8 22.33 13.19 3.92
CA ALA A 8 23.58 12.67 3.20
C ALA A 8 24.51 11.86 4.14
N SER A 9 24.55 12.22 5.44
CA SER A 9 25.40 11.48 6.49
C SER A 9 24.76 10.09 6.76
N LEU A 10 23.42 10.03 6.60
CA LEU A 10 22.58 8.77 6.82
C LEU A 10 23.06 7.63 5.84
N TRP A 11 23.67 8.03 4.69
CA TRP A 11 24.18 7.04 3.64
C TRP A 11 25.39 6.23 4.18
N ASN A 12 25.94 6.67 5.35
CA ASN A 12 27.13 6.01 6.03
C ASN A 12 26.73 4.60 6.56
N TRP A 13 25.41 4.41 6.86
CA TRP A 13 24.86 3.10 7.40
C TRP A 13 24.65 2.09 6.21
N PHE A 14 24.58 2.64 4.99
CA PHE A 14 24.46 1.89 3.68
C PHE A 14 23.16 1.00 3.50
N ASP A 15 23.25 -0.31 3.88
CA ASP A 15 22.14 -1.35 3.67
C ASP A 15 20.73 -0.92 4.16
N ILE A 16 20.62 -0.47 5.44
CA ILE A 16 19.28 -0.07 6.07
C ILE A 16 18.67 1.16 5.35
N THR A 17 19.54 2.10 4.90
CA THR A 17 19.11 3.37 4.17
C THR A 17 18.49 3.05 2.79
N ASN A 18 19.09 2.03 2.10
CA ASN A 18 18.65 1.60 0.71
C ASN A 18 17.17 1.13 0.71
N TRP A 19 16.82 0.34 1.75
CA TRP A 19 15.40 -0.20 1.95
C TRP A 19 14.39 0.97 2.21
N LEU A 20 14.79 1.90 3.11
CA LEU A 20 13.91 3.07 3.55
C LEU A 20 13.70 4.12 2.42
N TRP A 21 14.35 3.89 1.25
CA TRP A 21 14.23 4.79 0.01
C TRP A 21 13.48 4.01 -1.10
N TYR A 22 13.14 2.70 -0.84
CA TYR A 22 12.40 1.79 -1.80
C TYR A 22 10.93 1.61 -1.35
N ILE A 23 10.59 1.95 -0.05
CA ILE A 23 9.16 1.81 0.49
C ILE A 23 8.13 2.59 -0.38
N ARG A 24 8.50 3.78 -0.94
CA ARG A 24 7.54 4.64 -1.78
C ARG A 24 7.04 3.87 -3.04
N ILE A 25 7.99 3.23 -3.75
CA ILE A 25 7.71 2.41 -5.00
C ILE A 25 6.82 1.19 -4.66
N PHE A 26 7.08 0.62 -3.48
CA PHE A 26 6.39 -0.62 -2.94
C PHE A 26 4.82 -0.51 -2.92
N ILE A 27 4.27 0.73 -2.80
CA ILE A 27 2.75 0.99 -2.79
C ILE A 27 2.14 0.45 -4.11
N ILE A 28 2.76 0.90 -5.20
CA ILE A 28 2.34 0.53 -6.62
C ILE A 28 2.39 -1.04 -6.82
N ILE A 29 3.47 -1.69 -6.28
CA ILE A 29 3.64 -3.22 -6.36
C ILE A 29 2.55 -3.90 -5.45
N VAL A 30 2.32 -3.31 -4.25
CA VAL A 30 1.26 -3.82 -3.25
C VAL A 30 -0.17 -3.55 -3.83
N GLY A 31 -0.23 -2.99 -5.07
CA GLY A 31 -1.52 -2.70 -5.83
C GLY A 31 -1.66 -3.66 -7.03
N SER A 32 -0.54 -4.32 -7.43
CA SER A 32 -0.49 -5.29 -8.61
C SER A 32 -0.99 -6.70 -8.21
N LEU A 33 -0.67 -7.13 -6.96
CA LEU A 33 -1.06 -8.52 -6.46
C LEU A 33 -2.61 -8.66 -6.32
N ILE A 34 -3.38 -7.56 -5.97
CA ILE A 34 -4.92 -7.65 -5.81
C ILE A 34 -5.54 -8.17 -7.14
N GLY A 35 -5.06 -7.57 -8.25
CA GLY A 35 -5.54 -7.90 -9.65
C GLY A 35 -5.26 -9.37 -10.01
N LEU A 36 -4.11 -9.89 -9.51
CA LEU A 36 -3.59 -11.32 -9.76
C LEU A 36 -4.59 -12.37 -9.16
N ARG A 37 -5.16 -12.12 -7.95
CA ARG A 37 -6.16 -13.04 -7.25
C ARG A 37 -7.34 -13.51 -8.17
N ILE A 38 -7.79 -12.66 -9.13
CA ILE A 38 -9.03 -12.98 -9.99
C ILE A 38 -8.91 -14.35 -10.77
N VAL A 39 -7.70 -14.68 -11.32
CA VAL A 39 -7.48 -15.97 -12.15
C VAL A 39 -7.88 -17.25 -11.36
N PHE A 40 -7.81 -17.19 -10.01
CA PHE A 40 -8.20 -18.35 -9.10
C PHE A 40 -9.64 -18.81 -9.42
N ALA A 41 -10.49 -17.85 -9.84
CA ALA A 41 -11.94 -18.15 -10.20
C ALA A 41 -12.00 -19.29 -11.29
N VAL A 42 -11.09 -19.28 -12.32
CA VAL A 42 -11.04 -20.41 -13.38
C VAL A 42 -10.52 -21.72 -12.71
N LEU A 43 -9.54 -21.57 -11.76
CA LEU A 43 -8.90 -22.74 -10.99
C LEU A 43 -9.98 -23.49 -10.18
N SER A 44 -11.11 -22.79 -9.84
CA SER A 44 -12.24 -23.41 -9.04
C SER A 44 -12.85 -24.61 -9.81
N LEU A 45 -13.03 -24.44 -11.16
CA LEU A 45 -13.59 -25.51 -12.04
C LEU A 45 -12.56 -26.66 -12.26
N VAL A 46 -11.27 -26.39 -11.93
CA VAL A 46 -10.13 -27.41 -12.03
C VAL A 46 -10.11 -28.19 -10.69
N ASN A 47 -10.46 -27.48 -9.58
CA ASN A 47 -10.52 -28.06 -8.18
C ASN A 47 -11.78 -28.98 -8.04
N ARG A 48 -12.78 -28.71 -8.90
CA ARG A 48 -14.12 -29.43 -8.96
C ARG A 48 -13.99 -30.86 -9.55
N VAL A 49 -13.17 -30.98 -10.62
CA VAL A 49 -12.92 -32.29 -11.37
C VAL A 49 -11.85 -33.15 -10.63
N ARG A 50 -11.16 -32.54 -9.64
CA ARG A 50 -10.07 -33.22 -8.80
C ARG A 50 -10.56 -34.58 -8.21
N GLN A 51 -11.91 -34.72 -8.07
CA GLN A 51 -12.62 -35.95 -7.52
C GLN A 51 -11.93 -36.58 -6.28
N LEU B 1 20.08 18.23 -1.78
CA LEU B 1 19.29 17.05 -1.33
C LEU B 1 18.38 17.54 -0.16
N LEU B 2 17.15 18.02 -0.49
CA LEU B 2 16.11 18.50 0.51
C LEU B 2 16.61 19.72 1.35
N GLU B 3 15.86 20.86 1.28
CA GLU B 3 16.14 22.15 2.03
C GLU B 3 15.16 23.24 1.51
N LEU B 4 15.16 24.40 2.20
CA LEU B 4 14.23 25.58 1.88
C LEU B 4 14.29 25.97 0.40
N ASP B 5 15.50 25.95 -0.14
CA ASP B 5 15.79 26.28 -1.59
C ASP B 5 15.35 25.12 -2.52
N LYS B 6 15.61 23.88 -2.06
CA LYS B 6 15.31 22.62 -2.87
C LYS B 6 13.79 22.35 -3.00
N TRP B 7 13.02 22.46 -1.88
CA TRP B 7 11.51 22.21 -1.90
C TRP B 7 10.81 23.34 -2.71
N ALA B 8 11.28 24.59 -2.53
CA ALA B 8 10.67 25.80 -3.24
C ALA B 8 10.99 25.81 -4.76
N SER B 9 12.04 25.07 -5.17
CA SER B 9 12.48 24.99 -6.63
C SER B 9 11.44 24.18 -7.46
N LEU B 10 10.86 23.13 -6.82
CA LEU B 10 9.85 22.21 -7.46
C LEU B 10 8.49 22.93 -7.73
N TRP B 11 8.27 24.12 -7.10
CA TRP B 11 6.95 24.88 -7.25
C TRP B 11 6.82 25.42 -8.72
N ASN B 12 7.97 25.49 -9.44
CA ASN B 12 8.04 25.97 -10.88
C ASN B 12 7.84 24.77 -11.86
N TRP B 13 8.02 23.51 -11.36
CA TRP B 13 7.89 22.24 -12.21
C TRP B 13 6.38 21.87 -12.33
N PHE B 14 5.57 22.35 -11.36
CA PHE B 14 4.07 22.14 -11.29
C PHE B 14 3.59 20.64 -11.39
N ASP B 15 3.69 20.06 -12.62
CA ASP B 15 3.19 18.66 -12.95
C ASP B 15 3.70 17.54 -11.99
N ILE B 16 5.03 17.45 -11.78
CA ILE B 16 5.65 16.37 -10.87
C ILE B 16 5.28 16.66 -9.39
N THR B 17 5.24 17.96 -9.01
CA THR B 17 4.89 18.40 -7.57
C THR B 17 3.51 17.87 -7.15
N ASN B 18 2.57 17.79 -8.13
CA ASN B 18 1.16 17.27 -7.89
C ASN B 18 1.22 15.78 -7.41
N TRP B 19 2.08 14.97 -8.06
CA TRP B 19 2.28 13.49 -7.72
C TRP B 19 2.95 13.34 -6.30
N LEU B 20 3.99 14.15 -5.97
CA LEU B 20 4.72 14.07 -4.62
C LEU B 20 3.84 14.49 -3.40
N TRP B 21 2.55 14.96 -3.58
CA TRP B 21 1.69 15.41 -2.37
C TRP B 21 0.15 15.36 -2.65
N TYR B 22 -0.33 14.24 -3.22
CA TYR B 22 -1.83 13.97 -3.46
C TYR B 22 -2.07 12.43 -3.56
N ILE B 23 -0.97 11.66 -3.76
CA ILE B 23 -0.96 10.15 -3.79
C ILE B 23 -1.31 9.61 -2.37
N ARG B 24 -0.91 10.38 -1.31
CA ARG B 24 -1.11 9.95 0.15
C ARG B 24 -2.62 9.57 0.39
N ILE B 25 -3.53 10.23 -0.36
CA ILE B 25 -5.03 9.91 -0.35
C ILE B 25 -5.22 8.49 -1.00
N PHE B 26 -4.50 8.30 -2.12
CA PHE B 26 -4.56 7.05 -2.99
C PHE B 26 -4.27 5.73 -2.21
N ILE B 27 -3.46 5.80 -1.12
CA ILE B 27 -3.11 4.58 -0.24
C ILE B 27 -4.42 3.96 0.34
N ILE B 28 -5.23 4.84 0.95
CA ILE B 28 -6.55 4.47 1.60
C ILE B 28 -7.56 3.91 0.52
N ILE B 29 -7.61 4.54 -0.69
CA ILE B 29 -8.54 4.10 -1.84
C ILE B 29 -8.15 2.65 -2.33
N VAL B 30 -6.81 2.36 -2.44
CA VAL B 30 -6.30 0.99 -2.88
C VAL B 30 -6.65 -0.06 -1.78
N GLY B 31 -7.09 0.44 -0.60
CA GLY B 31 -7.54 -0.41 0.57
C GLY B 31 -8.95 -0.97 0.31
N SER B 32 -9.79 -0.19 -0.42
CA SER B 32 -11.22 -0.57 -0.76
C SER B 32 -11.23 -1.63 -1.89
N LEU B 33 -10.22 -1.56 -2.80
CA LEU B 33 -10.08 -2.51 -3.99
C LEU B 33 -10.08 -4.01 -3.54
N ILE B 34 -9.16 -4.35 -2.61
CA ILE B 34 -8.95 -5.79 -2.12
C ILE B 34 -10.29 -6.46 -1.62
N GLY B 35 -11.09 -5.75 -0.78
CA GLY B 35 -12.41 -6.32 -0.23
C GLY B 35 -13.41 -6.69 -1.37
N LEU B 36 -13.40 -5.87 -2.44
CA LEU B 36 -14.30 -6.02 -3.69
C LEU B 36 -13.94 -7.35 -4.43
N ARG B 37 -12.63 -7.67 -4.55
CA ARG B 37 -12.13 -8.96 -5.22
C ARG B 37 -12.79 -10.25 -4.59
N ILE B 38 -13.04 -10.23 -3.27
CA ILE B 38 -13.65 -11.40 -2.47
C ILE B 38 -15.05 -11.81 -3.05
N VAL B 39 -15.84 -10.80 -3.43
CA VAL B 39 -17.25 -10.95 -4.01
C VAL B 39 -17.22 -11.90 -5.26
N PHE B 40 -16.07 -11.96 -5.99
CA PHE B 40 -15.91 -12.88 -7.21
C PHE B 40 -16.23 -14.35 -6.84
N ALA B 41 -15.88 -14.74 -5.60
CA ALA B 41 -16.21 -16.14 -5.08
C ALA B 41 -17.76 -16.34 -5.09
N VAL B 42 -18.48 -15.24 -4.74
CA VAL B 42 -20.00 -15.21 -4.68
C VAL B 42 -20.65 -15.32 -6.10
N LEU B 43 -20.28 -14.46 -7.14
CA LEU B 43 -20.90 -14.63 -8.55
C LEU B 43 -20.33 -15.92 -9.21
N SER B 44 -19.14 -16.41 -8.78
CA SER B 44 -18.53 -17.70 -9.33
C SER B 44 -19.42 -18.92 -8.93
N LEU B 45 -20.06 -18.82 -7.75
CA LEU B 45 -20.93 -19.93 -7.14
C LEU B 45 -22.12 -20.28 -8.08
N VAL B 46 -22.81 -19.25 -8.65
CA VAL B 46 -23.96 -19.49 -9.63
C VAL B 46 -23.38 -20.01 -10.96
N ASN B 47 -22.13 -19.60 -11.28
CA ASN B 47 -21.46 -20.02 -12.56
C ASN B 47 -20.93 -21.48 -12.44
N ARG B 48 -21.02 -22.10 -11.22
CA ARG B 48 -20.45 -23.48 -10.95
C ARG B 48 -21.29 -24.60 -11.65
N VAL B 49 -22.62 -24.61 -11.40
CA VAL B 49 -23.60 -25.64 -12.00
C VAL B 49 -24.48 -24.93 -13.07
N ARG B 50 -24.84 -23.66 -12.76
CA ARG B 50 -25.68 -22.76 -13.66
C ARG B 50 -26.93 -23.48 -14.29
N GLN B 51 -28.15 -23.26 -13.73
CA GLN B 51 -29.45 -23.91 -14.23
C GLN B 51 -29.68 -23.54 -15.74
N LEU C 1 9.52 26.55 4.98
CA LEU C 1 8.99 25.47 4.10
C LEU C 1 9.84 24.18 4.39
N LEU C 2 9.46 23.48 5.49
CA LEU C 2 10.13 22.20 5.96
C LEU C 2 11.64 22.48 6.32
N GLU C 3 11.86 22.97 7.57
CA GLU C 3 13.23 23.34 8.15
C GLU C 3 13.34 22.73 9.57
N LEU C 4 14.58 22.71 10.12
CA LEU C 4 14.89 22.10 11.50
C LEU C 4 13.97 22.68 12.58
N ASP C 5 13.74 23.98 12.48
CA ASP C 5 12.89 24.79 13.44
C ASP C 5 11.40 24.48 13.22
N LYS C 6 11.01 24.26 11.94
CA LYS C 6 9.56 23.98 11.57
C LYS C 6 9.14 22.56 12.05
N TRP C 7 10.03 21.55 11.85
CA TRP C 7 9.75 20.10 12.26
C TRP C 7 9.59 20.01 13.80
N ALA C 8 10.55 20.62 14.52
CA ALA C 8 10.57 20.61 16.05
C ALA C 8 9.35 21.34 16.68
N SER C 9 8.67 22.21 15.88
CA SER C 9 7.46 23.00 16.38
C SER C 9 6.19 22.11 16.47
N LEU C 10 6.07 21.08 15.57
CA LEU C 10 4.83 20.16 15.54
C LEU C 10 4.74 19.31 16.85
N TRP C 11 5.84 19.22 17.65
CA TRP C 11 5.84 18.36 18.92
C TRP C 11 4.91 18.94 20.02
N ASN C 12 4.51 20.25 19.93
CA ASN C 12 3.56 20.92 20.94
C ASN C 12 2.07 20.73 20.53
N TRP C 13 1.84 20.25 19.26
CA TRP C 13 0.44 19.99 18.70
C TRP C 13 -0.04 18.58 19.17
N PHE C 14 0.95 17.74 19.53
CA PHE C 14 0.76 16.35 20.08
C PHE C 14 -0.12 15.35 19.21
N ASP C 15 -1.47 15.45 19.36
CA ASP C 15 -2.46 14.47 18.75
C ASP C 15 -2.42 14.36 17.20
N ILE C 16 -2.57 15.49 16.45
CA ILE C 16 -2.57 15.44 14.90
C ILE C 16 -1.16 15.09 14.35
N THR C 17 -0.08 15.43 15.10
CA THR C 17 1.36 15.14 14.64
C THR C 17 1.57 13.61 14.53
N ASN C 18 0.95 12.87 15.47
CA ASN C 18 1.05 11.36 15.54
C ASN C 18 0.50 10.68 14.24
N TRP C 19 -0.29 11.44 13.43
CA TRP C 19 -0.91 10.92 12.14
C TRP C 19 0.16 10.70 11.00
N LEU C 20 1.03 11.72 10.79
CA LEU C 20 2.11 11.81 9.72
C LEU C 20 3.25 10.78 9.88
N TRP C 21 3.62 10.43 11.14
CA TRP C 21 4.81 9.49 11.42
C TRP C 21 4.39 8.00 11.28
N TYR C 22 3.10 7.71 11.57
CA TYR C 22 2.52 6.29 11.52
C TYR C 22 2.25 5.86 10.05
N ILE C 23 2.11 6.85 9.13
CA ILE C 23 1.85 6.62 7.65
C ILE C 23 2.95 5.67 7.05
N ARG C 24 4.21 5.85 7.53
CA ARG C 24 5.40 4.99 7.07
C ARG C 24 5.14 3.49 7.43
N ILE C 25 4.75 3.24 8.70
CA ILE C 25 4.45 1.83 9.22
C ILE C 25 3.17 1.24 8.58
N PHE C 26 2.10 2.06 8.57
CA PHE C 26 0.71 1.65 8.10
C PHE C 26 0.70 1.01 6.67
N ILE C 27 1.66 1.41 5.84
CA ILE C 27 1.85 0.88 4.40
C ILE C 27 2.06 -0.67 4.44
N ILE C 28 3.00 -1.10 5.29
CA ILE C 28 3.38 -2.57 5.50
C ILE C 28 2.12 -3.42 5.94
N ILE C 29 1.28 -2.86 6.87
CA ILE C 29 0.01 -3.56 7.41
C ILE C 29 -0.96 -3.92 6.23
N VAL C 30 -1.12 -3.00 5.25
CA VAL C 30 -2.07 -3.21 4.06
C VAL C 30 -1.52 -4.36 3.15
N GLY C 31 -0.21 -4.69 3.32
CA GLY C 31 0.49 -5.80 2.57
C GLY C 31 0.09 -7.18 3.13
N SER C 32 -0.17 -7.23 4.46
CA SER C 32 -0.55 -8.51 5.20
C SER C 32 -2.05 -8.86 4.99
N LEU C 33 -2.86 -7.80 4.89
CA LEU C 33 -4.37 -7.87 4.76
C LEU C 33 -4.82 -8.79 3.59
N ILE C 34 -4.02 -8.78 2.51
CA ILE C 34 -4.29 -9.50 1.21
C ILE C 34 -3.83 -10.99 1.19
N GLY C 35 -2.64 -11.31 1.75
CA GLY C 35 -2.08 -12.72 1.70
C GLY C 35 -2.98 -13.80 2.34
N LEU C 36 -3.55 -13.54 3.56
CA LEU C 36 -4.45 -14.55 4.30
C LEU C 36 -5.75 -14.87 3.51
N ARG C 37 -6.29 -13.90 2.69
CA ARG C 37 -7.57 -14.10 1.86
C ARG C 37 -7.55 -15.44 1.05
N ILE C 38 -6.35 -15.91 0.64
CA ILE C 38 -6.18 -17.17 -0.22
C ILE C 38 -6.88 -18.38 0.45
N VAL C 39 -6.83 -18.45 1.82
CA VAL C 39 -7.46 -19.59 2.65
C VAL C 39 -8.96 -19.80 2.27
N PHE C 40 -9.64 -18.73 1.74
CA PHE C 40 -11.11 -18.82 1.29
C PHE C 40 -11.26 -20.01 0.27
N ALA C 41 -10.19 -20.23 -0.51
CA ALA C 41 -10.14 -21.33 -1.56
C ALA C 41 -10.43 -22.75 -0.92
N VAL C 42 -9.79 -23.12 0.24
CA VAL C 42 -10.06 -24.47 0.91
C VAL C 42 -11.52 -24.50 1.50
N LEU C 43 -12.04 -23.31 1.95
CA LEU C 43 -13.47 -23.16 2.50
C LEU C 43 -14.49 -23.47 1.37
N SER C 44 -14.08 -23.30 0.07
CA SER C 44 -15.00 -23.59 -1.11
C SER C 44 -15.38 -25.11 -1.16
N LEU C 45 -14.43 -25.95 -0.71
CA LEU C 45 -14.61 -27.48 -0.67
C LEU C 45 -15.57 -27.84 0.50
N VAL C 46 -15.53 -27.01 1.56
CA VAL C 46 -16.40 -27.19 2.79
C VAL C 46 -17.88 -26.83 2.44
N ASN C 47 -18.06 -25.68 1.70
CA ASN C 47 -19.45 -25.16 1.33
C ASN C 47 -20.12 -25.83 0.08
N ARG C 48 -19.36 -26.60 -0.78
CA ARG C 48 -19.98 -27.21 -2.06
C ARG C 48 -20.93 -28.37 -1.72
N VAL C 49 -20.61 -29.14 -0.65
CA VAL C 49 -21.44 -30.35 -0.20
C VAL C 49 -22.64 -29.87 0.68
N ARG C 50 -22.91 -28.52 0.64
CA ARG C 50 -24.07 -27.85 1.38
C ARG C 50 -24.67 -26.75 0.44
N GLN C 51 -25.72 -26.06 0.94
CA GLN C 51 -26.44 -24.95 0.19
C GLN C 51 -27.34 -24.16 1.16
#